data_2ZA8
# 
_entry.id   2ZA8 
# 
_audit_conform.dict_name       mmcif_pdbx.dic 
_audit_conform.dict_version    5.380 
_audit_conform.dict_location   http://mmcif.pdb.org/dictionaries/ascii/mmcif_pdbx.dic 
# 
loop_
_database_2.database_id 
_database_2.database_code 
_database_2.pdbx_database_accession 
_database_2.pdbx_DOI 
PDB   2ZA8         pdb_00002za8 10.2210/pdb2za8/pdb 
RCSB  RCSB027716   ?            ?                   
WWPDB D_1000027716 ?            ?                   
# 
loop_
_pdbx_database_related.db_name 
_pdbx_database_related.db_id 
_pdbx_database_related.details 
_pdbx_database_related.content_type 
PDB 2ZA6 . unspecified 
PDB 2ZA7 . unspecified 
# 
_pdbx_database_status.status_code                     REL 
_pdbx_database_status.entry_id                        2ZA8 
_pdbx_database_status.recvd_initial_deposition_date   2007-10-02 
_pdbx_database_status.deposit_site                    PDBJ 
_pdbx_database_status.process_site                    PDBJ 
_pdbx_database_status.status_code_sf                  ? 
_pdbx_database_status.status_code_mr                  ? 
_pdbx_database_status.SG_entry                        ? 
_pdbx_database_status.pdb_format_compatible           Y 
_pdbx_database_status.status_code_cs                  ? 
_pdbx_database_status.status_code_nmr_data            ? 
_pdbx_database_status.methods_development_category    ? 
# 
loop_
_audit_author.name 
_audit_author.pdbx_ordinal 
'Yamashita, I.' 1 
'Mishima, Y.'   2 
'Park, S.-Y.'   3 
'Heddle, J.G.'  4 
'Tame, J.R.H.'  5 
# 
_citation.id                        primary 
_citation.title                     
'Effect of N-terminal Residues on the Structural Stability of Recombinant Horse L-chain Apoferritin in an Acidic Environment' 
_citation.journal_abbrev            'J.BIOCHEM.(TOKYO)' 
_citation.journal_volume            142 
_citation.page_first                707 
_citation.page_last                 713 
_citation.year                      2007 
_citation.journal_id_ASTM           JOBIAO 
_citation.country                   JA 
_citation.journal_id_ISSN           0021-924X 
_citation.journal_id_CSD            0418 
_citation.book_publisher            ? 
_citation.pdbx_database_id_PubMed   17938140 
_citation.pdbx_database_id_DOI      10.1093/jb/mvm187 
# 
loop_
_citation_author.citation_id 
_citation_author.name 
_citation_author.ordinal 
_citation_author.identifier_ORCID 
primary 'Yoshizawa, K.' 1 ? 
primary 'Mishima, Y.'   2 ? 
primary 'Park, S.-Y.'   3 ? 
primary 'Heddle, J.G.'  4 ? 
primary 'Tame, J.R.H.'  5 ? 
primary 'Iwahori, K.'   6 ? 
primary 'Kobayashi, M.' 7 ? 
primary 'Yamashita, I.' 8 ? 
# 
_cell.entry_id           2ZA8 
_cell.length_a           180.210 
_cell.length_b           180.210 
_cell.length_c           180.210 
_cell.angle_alpha        90.00 
_cell.angle_beta         90.00 
_cell.angle_gamma        90.00 
_cell.Z_PDB              96 
_cell.pdbx_unique_axis   ? 
_cell.length_a_esd       ? 
_cell.length_b_esd       ? 
_cell.length_c_esd       ? 
_cell.angle_alpha_esd    ? 
_cell.angle_beta_esd     ? 
_cell.angle_gamma_esd    ? 
# 
_symmetry.entry_id                         2ZA8 
_symmetry.space_group_name_H-M             'F 4 3 2' 
_symmetry.pdbx_full_space_group_name_H-M   ? 
_symmetry.cell_setting                     ? 
_symmetry.Int_Tables_number                209 
_symmetry.space_group_name_Hall            ? 
# 
loop_
_entity.id 
_entity.type 
_entity.src_method 
_entity.pdbx_description 
_entity.formula_weight 
_entity.pdbx_number_of_molecules 
_entity.pdbx_ec 
_entity.pdbx_mutation 
_entity.pdbx_fragment 
_entity.details 
1 polymer     man 'Ferritin light chain' 19041.512 1   ? ? 'residues 9-175' ? 
2 non-polymer syn 'CADMIUM ION'          112.411   2   ? ? ?                ? 
3 water       nat water                  18.015    177 ? ? ?                ? 
# 
_entity_name_com.entity_id   1 
_entity_name_com.name        'L ferritin, Ferritin L subunit' 
# 
_entity_poly.entity_id                      1 
_entity_poly.type                           'polypeptide(L)' 
_entity_poly.nstd_linkage                   no 
_entity_poly.nstd_monomer                   no 
_entity_poly.pdbx_seq_one_letter_code       
;YSTEVEAAVNRLVNLYLRASYTYLSLGFYFDRDDVALEGVCHFFRELAEEKREGAERLLKMQNQRGGRALFQDLQKPSQD
EWGTTPDAMKAAIVLEKSLNQALLDLHALGSAQADPHLCDFLESHFLDEEVKLIKKMGDHLTNIQRLVGSQAGLGEYLFE
RLTLKHD
;
_entity_poly.pdbx_seq_one_letter_code_can   
;YSTEVEAAVNRLVNLYLRASYTYLSLGFYFDRDDVALEGVCHFFRELAEEKREGAERLLKMQNQRGGRALFQDLQKPSQD
EWGTTPDAMKAAIVLEKSLNQALLDLHALGSAQADPHLCDFLESHFLDEEVKLIKKMGDHLTNIQRLVGSQAGLGEYLFE
RLTLKHD
;
_entity_poly.pdbx_strand_id                 A 
_entity_poly.pdbx_target_identifier         ? 
# 
loop_
_entity_poly_seq.entity_id 
_entity_poly_seq.num 
_entity_poly_seq.mon_id 
_entity_poly_seq.hetero 
1 1   TYR n 
1 2   SER n 
1 3   THR n 
1 4   GLU n 
1 5   VAL n 
1 6   GLU n 
1 7   ALA n 
1 8   ALA n 
1 9   VAL n 
1 10  ASN n 
1 11  ARG n 
1 12  LEU n 
1 13  VAL n 
1 14  ASN n 
1 15  LEU n 
1 16  TYR n 
1 17  LEU n 
1 18  ARG n 
1 19  ALA n 
1 20  SER n 
1 21  TYR n 
1 22  THR n 
1 23  TYR n 
1 24  LEU n 
1 25  SER n 
1 26  LEU n 
1 27  GLY n 
1 28  PHE n 
1 29  TYR n 
1 30  PHE n 
1 31  ASP n 
1 32  ARG n 
1 33  ASP n 
1 34  ASP n 
1 35  VAL n 
1 36  ALA n 
1 37  LEU n 
1 38  GLU n 
1 39  GLY n 
1 40  VAL n 
1 41  CYS n 
1 42  HIS n 
1 43  PHE n 
1 44  PHE n 
1 45  ARG n 
1 46  GLU n 
1 47  LEU n 
1 48  ALA n 
1 49  GLU n 
1 50  GLU n 
1 51  LYS n 
1 52  ARG n 
1 53  GLU n 
1 54  GLY n 
1 55  ALA n 
1 56  GLU n 
1 57  ARG n 
1 58  LEU n 
1 59  LEU n 
1 60  LYS n 
1 61  MET n 
1 62  GLN n 
1 63  ASN n 
1 64  GLN n 
1 65  ARG n 
1 66  GLY n 
1 67  GLY n 
1 68  ARG n 
1 69  ALA n 
1 70  LEU n 
1 71  PHE n 
1 72  GLN n 
1 73  ASP n 
1 74  LEU n 
1 75  GLN n 
1 76  LYS n 
1 77  PRO n 
1 78  SER n 
1 79  GLN n 
1 80  ASP n 
1 81  GLU n 
1 82  TRP n 
1 83  GLY n 
1 84  THR n 
1 85  THR n 
1 86  PRO n 
1 87  ASP n 
1 88  ALA n 
1 89  MET n 
1 90  LYS n 
1 91  ALA n 
1 92  ALA n 
1 93  ILE n 
1 94  VAL n 
1 95  LEU n 
1 96  GLU n 
1 97  LYS n 
1 98  SER n 
1 99  LEU n 
1 100 ASN n 
1 101 GLN n 
1 102 ALA n 
1 103 LEU n 
1 104 LEU n 
1 105 ASP n 
1 106 LEU n 
1 107 HIS n 
1 108 ALA n 
1 109 LEU n 
1 110 GLY n 
1 111 SER n 
1 112 ALA n 
1 113 GLN n 
1 114 ALA n 
1 115 ASP n 
1 116 PRO n 
1 117 HIS n 
1 118 LEU n 
1 119 CYS n 
1 120 ASP n 
1 121 PHE n 
1 122 LEU n 
1 123 GLU n 
1 124 SER n 
1 125 HIS n 
1 126 PHE n 
1 127 LEU n 
1 128 ASP n 
1 129 GLU n 
1 130 GLU n 
1 131 VAL n 
1 132 LYS n 
1 133 LEU n 
1 134 ILE n 
1 135 LYS n 
1 136 LYS n 
1 137 MET n 
1 138 GLY n 
1 139 ASP n 
1 140 HIS n 
1 141 LEU n 
1 142 THR n 
1 143 ASN n 
1 144 ILE n 
1 145 GLN n 
1 146 ARG n 
1 147 LEU n 
1 148 VAL n 
1 149 GLY n 
1 150 SER n 
1 151 GLN n 
1 152 ALA n 
1 153 GLY n 
1 154 LEU n 
1 155 GLY n 
1 156 GLU n 
1 157 TYR n 
1 158 LEU n 
1 159 PHE n 
1 160 GLU n 
1 161 ARG n 
1 162 LEU n 
1 163 THR n 
1 164 LEU n 
1 165 LYS n 
1 166 HIS n 
1 167 ASP n 
# 
_entity_src_gen.entity_id                          1 
_entity_src_gen.pdbx_src_id                        1 
_entity_src_gen.pdbx_alt_source_flag               sample 
_entity_src_gen.pdbx_seq_type                      ? 
_entity_src_gen.pdbx_beg_seq_num                   ? 
_entity_src_gen.pdbx_end_seq_num                   ? 
_entity_src_gen.gene_src_common_name               horse 
_entity_src_gen.gene_src_genus                     Equus 
_entity_src_gen.pdbx_gene_src_gene                 ? 
_entity_src_gen.gene_src_species                   ? 
_entity_src_gen.gene_src_strain                    ? 
_entity_src_gen.gene_src_tissue                    ? 
_entity_src_gen.gene_src_tissue_fraction           ? 
_entity_src_gen.gene_src_details                   ? 
_entity_src_gen.pdbx_gene_src_fragment             ? 
_entity_src_gen.pdbx_gene_src_scientific_name      'Equus caballus' 
_entity_src_gen.pdbx_gene_src_ncbi_taxonomy_id     9796 
_entity_src_gen.pdbx_gene_src_variant              ? 
_entity_src_gen.pdbx_gene_src_cell_line            ? 
_entity_src_gen.pdbx_gene_src_atcc                 ? 
_entity_src_gen.pdbx_gene_src_organ                ? 
_entity_src_gen.pdbx_gene_src_organelle            ? 
_entity_src_gen.pdbx_gene_src_cell                 ? 
_entity_src_gen.pdbx_gene_src_cellular_location    ? 
_entity_src_gen.host_org_common_name               ? 
_entity_src_gen.pdbx_host_org_scientific_name      'Escherichia coli' 
_entity_src_gen.pdbx_host_org_ncbi_taxonomy_id     562 
_entity_src_gen.host_org_genus                     Escherichia 
_entity_src_gen.pdbx_host_org_gene                 ? 
_entity_src_gen.pdbx_host_org_organ                ? 
_entity_src_gen.host_org_species                   ? 
_entity_src_gen.pdbx_host_org_tissue               ? 
_entity_src_gen.pdbx_host_org_tissue_fraction      ? 
_entity_src_gen.pdbx_host_org_strain               ? 
_entity_src_gen.pdbx_host_org_variant              ? 
_entity_src_gen.pdbx_host_org_cell_line            ? 
_entity_src_gen.pdbx_host_org_atcc                 ? 
_entity_src_gen.pdbx_host_org_culture_collection   ? 
_entity_src_gen.pdbx_host_org_cell                 ? 
_entity_src_gen.pdbx_host_org_organelle            ? 
_entity_src_gen.pdbx_host_org_cellular_location    ? 
_entity_src_gen.pdbx_host_org_vector_type          Plasmid 
_entity_src_gen.pdbx_host_org_vector               ? 
_entity_src_gen.host_org_details                   ? 
_entity_src_gen.expression_system_id               ? 
_entity_src_gen.plasmid_name                       PMK2 
_entity_src_gen.plasmid_details                    ? 
_entity_src_gen.pdbx_description                   ? 
# 
_struct_ref.id                         1 
_struct_ref.db_name                    UNP 
_struct_ref.db_code                    FRIL_HORSE 
_struct_ref.pdbx_db_accession          P02791 
_struct_ref.entity_id                  1 
_struct_ref.pdbx_seq_one_letter_code   
;YSTEVEAAVNRLVNLYLRASYTYLSLGFYFDRDDVALEGVCHFFRELAEEKREGAERLLKMQNQRGGRALFQDLQKPSQD
EWGTTLDAMKAAIVLEKSLNQALLDLHALGSAQADPHLCDFLESHFLDEEVKLIKKMGDHLTNIQRLVGSQAGLGEYLFE
RLTLKHD
;
_struct_ref.pdbx_align_begin           9 
_struct_ref.pdbx_db_isoform            ? 
# 
_struct_ref_seq.align_id                      1 
_struct_ref_seq.ref_id                        1 
_struct_ref_seq.pdbx_PDB_id_code              2ZA8 
_struct_ref_seq.pdbx_strand_id                A 
_struct_ref_seq.seq_align_beg                 1 
_struct_ref_seq.pdbx_seq_align_beg_ins_code   ? 
_struct_ref_seq.seq_align_end                 167 
_struct_ref_seq.pdbx_seq_align_end_ins_code   ? 
_struct_ref_seq.pdbx_db_accession             P02791 
_struct_ref_seq.db_align_beg                  9 
_struct_ref_seq.pdbx_db_align_beg_ins_code    ? 
_struct_ref_seq.db_align_end                  175 
_struct_ref_seq.pdbx_db_align_end_ins_code    ? 
_struct_ref_seq.pdbx_auth_seq_align_beg       9 
_struct_ref_seq.pdbx_auth_seq_align_end       175 
# 
_struct_ref_seq_dif.align_id                     1 
_struct_ref_seq_dif.pdbx_pdb_id_code             2ZA8 
_struct_ref_seq_dif.mon_id                       PRO 
_struct_ref_seq_dif.pdbx_pdb_strand_id           A 
_struct_ref_seq_dif.seq_num                      86 
_struct_ref_seq_dif.pdbx_pdb_ins_code            ? 
_struct_ref_seq_dif.pdbx_seq_db_name             UNP 
_struct_ref_seq_dif.pdbx_seq_db_accession_code   P02791 
_struct_ref_seq_dif.db_mon_id                    LEU 
_struct_ref_seq_dif.pdbx_seq_db_seq_num          94 
_struct_ref_seq_dif.details                      'SEE REMARK 999' 
_struct_ref_seq_dif.pdbx_auth_seq_num            94 
_struct_ref_seq_dif.pdbx_ordinal                 1 
# 
loop_
_chem_comp.id 
_chem_comp.type 
_chem_comp.mon_nstd_flag 
_chem_comp.name 
_chem_comp.pdbx_synonyms 
_chem_comp.formula 
_chem_comp.formula_weight 
ALA 'L-peptide linking' y ALANINE         ? 'C3 H7 N O2'     89.093  
ARG 'L-peptide linking' y ARGININE        ? 'C6 H15 N4 O2 1' 175.209 
ASN 'L-peptide linking' y ASPARAGINE      ? 'C4 H8 N2 O3'    132.118 
ASP 'L-peptide linking' y 'ASPARTIC ACID' ? 'C4 H7 N O4'     133.103 
CD  non-polymer         . 'CADMIUM ION'   ? 'Cd 2'           112.411 
CYS 'L-peptide linking' y CYSTEINE        ? 'C3 H7 N O2 S'   121.158 
GLN 'L-peptide linking' y GLUTAMINE       ? 'C5 H10 N2 O3'   146.144 
GLU 'L-peptide linking' y 'GLUTAMIC ACID' ? 'C5 H9 N O4'     147.129 
GLY 'peptide linking'   y GLYCINE         ? 'C2 H5 N O2'     75.067  
HIS 'L-peptide linking' y HISTIDINE       ? 'C6 H10 N3 O2 1' 156.162 
HOH non-polymer         . WATER           ? 'H2 O'           18.015  
ILE 'L-peptide linking' y ISOLEUCINE      ? 'C6 H13 N O2'    131.173 
LEU 'L-peptide linking' y LEUCINE         ? 'C6 H13 N O2'    131.173 
LYS 'L-peptide linking' y LYSINE          ? 'C6 H15 N2 O2 1' 147.195 
MET 'L-peptide linking' y METHIONINE      ? 'C5 H11 N O2 S'  149.211 
PHE 'L-peptide linking' y PHENYLALANINE   ? 'C9 H11 N O2'    165.189 
PRO 'L-peptide linking' y PROLINE         ? 'C5 H9 N O2'     115.130 
SER 'L-peptide linking' y SERINE          ? 'C3 H7 N O3'     105.093 
THR 'L-peptide linking' y THREONINE       ? 'C4 H9 N O3'     119.119 
TRP 'L-peptide linking' y TRYPTOPHAN      ? 'C11 H12 N2 O2'  204.225 
TYR 'L-peptide linking' y TYROSINE        ? 'C9 H11 N O3'    181.189 
VAL 'L-peptide linking' y VALINE          ? 'C5 H11 N O2'    117.146 
# 
_exptl.entry_id          2ZA8 
_exptl.method            'X-RAY DIFFRACTION' 
_exptl.crystals_number   1 
# 
_exptl_crystal.id                    1 
_exptl_crystal.density_meas          ? 
_exptl_crystal.density_Matthews      3.20 
_exptl_crystal.density_percent_sol   61.58 
_exptl_crystal.description           ? 
_exptl_crystal.F_000                 ? 
_exptl_crystal.preparation           ? 
# 
_exptl_crystal_grow.crystal_id      1 
_exptl_crystal_grow.method          'VAPOR DIFFUSION, HANGING DROP' 
_exptl_crystal_grow.temp            293.0 
_exptl_crystal_grow.temp_details    ? 
_exptl_crystal_grow.pH              6.8 
_exptl_crystal_grow.pdbx_details    
;0.1M Tris-HCl, 225mM ammonium sulphate, 0.13% cadmium chloride, 25% 2-Metyl-2,4-pentanediol, pH 6.8, VAPOR DIFFUSION, HANGING DROP, temperature 293.0K
;
_exptl_crystal_grow.pdbx_pH_range   . 
# 
_diffrn.id                     1 
_diffrn.ambient_temp           ? 
_diffrn.ambient_temp_details   ? 
_diffrn.crystal_id             1 
# 
_diffrn_detector.diffrn_id              1 
_diffrn_detector.detector               CCD 
_diffrn_detector.type                   'MAR CCD 165 mm' 
_diffrn_detector.pdbx_collection_date   2003-10-20 
_diffrn_detector.details                ? 
# 
_diffrn_radiation.diffrn_id                        1 
_diffrn_radiation.wavelength_id                    1 
_diffrn_radiation.pdbx_monochromatic_or_laue_m_l   M 
_diffrn_radiation.monochromator                    ? 
_diffrn_radiation.pdbx_diffrn_protocol             'SINGLE WAVELENGTH' 
_diffrn_radiation.pdbx_scattering_type             x-ray 
# 
_diffrn_radiation_wavelength.id           1 
_diffrn_radiation_wavelength.wavelength   0.9 
_diffrn_radiation_wavelength.wt           1.0 
# 
_diffrn_source.diffrn_id                   1 
_diffrn_source.source                      SYNCHROTRON 
_diffrn_source.type                        'SPRING-8 BEAMLINE BL44B2' 
_diffrn_source.pdbx_synchrotron_site       SPring-8 
_diffrn_source.pdbx_synchrotron_beamline   BL44B2 
_diffrn_source.pdbx_wavelength             ? 
_diffrn_source.pdbx_wavelength_list        0.9 
# 
_reflns.entry_id                     2ZA8 
_reflns.observed_criterion_sigma_F   ? 
_reflns.observed_criterion_sigma_I   ? 
_reflns.d_resolution_high            1.4 
_reflns.d_resolution_low             20 
_reflns.number_all                   ? 
_reflns.number_obs                   52831 
_reflns.percent_possible_obs         99.8 
_reflns.pdbx_Rmerge_I_obs            ? 
_reflns.pdbx_Rsym_value              ? 
_reflns.pdbx_netI_over_sigmaI        ? 
_reflns.B_iso_Wilson_estimate        14.0 
_reflns.pdbx_redundancy              ? 
_reflns.R_free_details               ? 
_reflns.limit_h_max                  ? 
_reflns.limit_h_min                  ? 
_reflns.limit_k_max                  ? 
_reflns.limit_k_min                  ? 
_reflns.limit_l_max                  ? 
_reflns.limit_l_min                  ? 
_reflns.observed_criterion_F_max     ? 
_reflns.observed_criterion_F_min     ? 
_reflns.pdbx_chi_squared             ? 
_reflns.pdbx_scaling_rejects         ? 
_reflns.pdbx_diffrn_id               1 
_reflns.pdbx_ordinal                 1 
# 
_refine.entry_id                                 2ZA8 
_refine.ls_number_reflns_obs                     46795 
_refine.ls_number_reflns_all                     ? 
_refine.pdbx_ls_sigma_I                          ? 
_refine.pdbx_ls_sigma_F                          ? 
_refine.pdbx_data_cutoff_high_absF               ? 
_refine.pdbx_data_cutoff_low_absF                ? 
_refine.pdbx_data_cutoff_high_rms_absF           ? 
_refine.ls_d_res_low                             19.76 
_refine.ls_d_res_high                            1.40 
_refine.ls_percent_reflns_obs                    100.00 
_refine.ls_R_factor_obs                          0.22066 
_refine.ls_R_factor_all                          ? 
_refine.ls_R_factor_R_work                       0.21969 
_refine.ls_R_factor_R_free                       0.23855 
_refine.ls_R_factor_R_free_error                 ? 
_refine.ls_R_factor_R_free_error_details         ? 
_refine.ls_percent_reflns_R_free                 5.0 
_refine.ls_number_reflns_R_free                  2471 
_refine.ls_number_parameters                     ? 
_refine.ls_number_restraints                     ? 
_refine.occupancy_min                            ? 
_refine.occupancy_max                            ? 
_refine.correlation_coeff_Fo_to_Fc               0.935 
_refine.correlation_coeff_Fo_to_Fc_free          0.925 
_refine.B_iso_mean                               14.328 
_refine.aniso_B[1][1]                            ? 
_refine.aniso_B[2][2]                            ? 
_refine.aniso_B[3][3]                            ? 
_refine.aniso_B[1][2]                            ? 
_refine.aniso_B[1][3]                            ? 
_refine.aniso_B[2][3]                            ? 
_refine.solvent_model_details                    'BABINET MODEL WITH MASK' 
_refine.solvent_model_param_ksol                 ? 
_refine.solvent_model_param_bsol                 ? 
_refine.pdbx_solvent_vdw_probe_radii             1.40 
_refine.pdbx_solvent_ion_probe_radii             0.80 
_refine.pdbx_solvent_shrinkage_radii             0.80 
_refine.pdbx_ls_cross_valid_method               THROUGHOUT 
_refine.details                                  ? 
_refine.pdbx_starting_model                      1AEW 
_refine.pdbx_method_to_determine_struct          'MOLECULAR REPLACEMENT' 
_refine.pdbx_isotropic_thermal_model             ? 
_refine.pdbx_stereochemistry_target_values       'MAXIMUM LIKELIHOOD' 
_refine.pdbx_stereochem_target_val_spec_case     ? 
_refine.pdbx_R_Free_selection_details            RANDOM 
_refine.pdbx_overall_ESU_R                       0.060 
_refine.pdbx_overall_ESU_R_Free                  0.061 
_refine.overall_SU_ML                            0.041 
_refine.overall_SU_B                             1.034 
_refine.ls_redundancy_reflns_obs                 ? 
_refine.B_iso_min                                ? 
_refine.B_iso_max                                ? 
_refine.overall_SU_R_Cruickshank_DPI             ? 
_refine.overall_SU_R_free                        ? 
_refine.ls_wR_factor_R_free                      ? 
_refine.ls_wR_factor_R_work                      ? 
_refine.overall_FOM_free_R_set                   ? 
_refine.overall_FOM_work_R_set                   ? 
_refine.pdbx_overall_phase_error                 ? 
_refine.pdbx_refine_id                           'X-RAY DIFFRACTION' 
_refine.pdbx_diffrn_id                           1 
_refine.pdbx_TLS_residual_ADP_flag               ? 
_refine.pdbx_overall_SU_R_free_Cruickshank_DPI   ? 
_refine.pdbx_overall_SU_R_Blow_DPI               ? 
_refine.pdbx_overall_SU_R_free_Blow_DPI          ? 
# 
_refine_hist.pdbx_refine_id                   'X-RAY DIFFRACTION' 
_refine_hist.cycle_id                         LAST 
_refine_hist.pdbx_number_atoms_protein        1321 
_refine_hist.pdbx_number_atoms_nucleic_acid   0 
_refine_hist.pdbx_number_atoms_ligand         2 
_refine_hist.number_atoms_solvent             177 
_refine_hist.number_atoms_total               1500 
_refine_hist.d_res_high                       1.40 
_refine_hist.d_res_low                        19.76 
# 
loop_
_refine_ls_restr.type 
_refine_ls_restr.dev_ideal 
_refine_ls_restr.dev_ideal_target 
_refine_ls_restr.weight 
_refine_ls_restr.number 
_refine_ls_restr.pdbx_refine_id 
_refine_ls_restr.pdbx_restraint_function 
r_bond_refined_d             0.008 0.021 ? 1345 'X-RAY DIFFRACTION' ? 
r_bond_other_d               ?     ?     ? ?    'X-RAY DIFFRACTION' ? 
r_angle_refined_deg          1.111 1.970 ? 1811 'X-RAY DIFFRACTION' ? 
r_angle_other_deg            ?     ?     ? ?    'X-RAY DIFFRACTION' ? 
r_dihedral_angle_1_deg       4.562 5.000 ? 164  'X-RAY DIFFRACTION' ? 
r_dihedral_angle_2_deg       ?     ?     ? ?    'X-RAY DIFFRACTION' ? 
r_dihedral_angle_3_deg       ?     ?     ? ?    'X-RAY DIFFRACTION' ? 
r_dihedral_angle_4_deg       ?     ?     ? ?    'X-RAY DIFFRACTION' ? 
r_chiral_restr               0.082 0.200 ? 198  'X-RAY DIFFRACTION' ? 
r_gen_planes_refined         0.005 0.020 ? 1026 'X-RAY DIFFRACTION' ? 
r_gen_planes_other           ?     ?     ? ?    'X-RAY DIFFRACTION' ? 
r_nbd_refined                0.207 0.200 ? 670  'X-RAY DIFFRACTION' ? 
r_nbd_other                  ?     ?     ? ?    'X-RAY DIFFRACTION' ? 
r_nbtor_refined              ?     ?     ? ?    'X-RAY DIFFRACTION' ? 
r_nbtor_other                ?     ?     ? ?    'X-RAY DIFFRACTION' ? 
r_xyhbond_nbd_refined        0.178 0.200 ? 131  'X-RAY DIFFRACTION' ? 
r_xyhbond_nbd_other          ?     ?     ? ?    'X-RAY DIFFRACTION' ? 
r_metal_ion_refined          ?     ?     ? ?    'X-RAY DIFFRACTION' ? 
r_metal_ion_other            ?     ?     ? ?    'X-RAY DIFFRACTION' ? 
r_symmetry_vdw_refined       0.225 0.200 ? 71   'X-RAY DIFFRACTION' ? 
r_symmetry_vdw_other         ?     ?     ? ?    'X-RAY DIFFRACTION' ? 
r_symmetry_hbond_refined     0.142 0.200 ? 24   'X-RAY DIFFRACTION' ? 
r_symmetry_hbond_other       ?     ?     ? ?    'X-RAY DIFFRACTION' ? 
r_symmetry_metal_ion_refined ?     ?     ? ?    'X-RAY DIFFRACTION' ? 
r_symmetry_metal_ion_other   ?     ?     ? ?    'X-RAY DIFFRACTION' ? 
r_mcbond_it                  0.665 1.500 ? 817  'X-RAY DIFFRACTION' ? 
r_mcbond_other               ?     ?     ? ?    'X-RAY DIFFRACTION' ? 
r_mcangle_it                 1.337 2.000 ? 1296 'X-RAY DIFFRACTION' ? 
r_scbond_it                  2.286 3.000 ? 528  'X-RAY DIFFRACTION' ? 
r_scangle_it                 3.905 4.500 ? 515  'X-RAY DIFFRACTION' ? 
r_rigid_bond_restr           ?     ?     ? ?    'X-RAY DIFFRACTION' ? 
r_sphericity_free            ?     ?     ? ?    'X-RAY DIFFRACTION' ? 
r_sphericity_bonded          ?     ?     ? ?    'X-RAY DIFFRACTION' ? 
# 
_refine_ls_shell.pdbx_total_number_of_bins_used   20 
_refine_ls_shell.d_res_high                       1.400 
_refine_ls_shell.d_res_low                        1.436 
_refine_ls_shell.number_reflns_R_work             3153 
_refine_ls_shell.R_factor_R_work                  0.283 
_refine_ls_shell.percent_reflns_obs               ? 
_refine_ls_shell.R_factor_R_free                  0.306 
_refine_ls_shell.R_factor_R_free_error            ? 
_refine_ls_shell.percent_reflns_R_free            ? 
_refine_ls_shell.number_reflns_R_free             178 
_refine_ls_shell.number_reflns_all                ? 
_refine_ls_shell.R_factor_all                     ? 
_refine_ls_shell.number_reflns_obs                ? 
_refine_ls_shell.redundancy_reflns_obs            ? 
_refine_ls_shell.pdbx_refine_id                   'X-RAY DIFFRACTION' 
# 
_struct.entry_id                  2ZA8 
_struct.title                     'recombinant horse L-chain apoferritin N-terminal deletion mutant (residues 1-8)' 
_struct.pdbx_model_details        ? 
_struct.pdbx_CASP_flag            ? 
_struct.pdbx_model_type_details   ? 
# 
_struct_keywords.entry_id        2ZA8 
_struct_keywords.pdbx_keywords   'METAL BINDING PROTEIN' 
_struct_keywords.text            'ferric iron binding, Acetylation, Iron storage, Metal-binding, METAL BINDING PROTEIN' 
# 
loop_
_struct_asym.id 
_struct_asym.pdbx_blank_PDB_chainid_flag 
_struct_asym.pdbx_modified 
_struct_asym.entity_id 
_struct_asym.details 
A N N 1 ? 
B N N 2 ? 
C N N 2 ? 
D N N 3 ? 
# 
_struct_biol.id        1 
_struct_biol.details   ? 
# 
loop_
_struct_conf.conf_type_id 
_struct_conf.id 
_struct_conf.pdbx_PDB_helix_id 
_struct_conf.beg_label_comp_id 
_struct_conf.beg_label_asym_id 
_struct_conf.beg_label_seq_id 
_struct_conf.pdbx_beg_PDB_ins_code 
_struct_conf.end_label_comp_id 
_struct_conf.end_label_asym_id 
_struct_conf.end_label_seq_id 
_struct_conf.pdbx_end_PDB_ins_code 
_struct_conf.beg_auth_comp_id 
_struct_conf.beg_auth_asym_id 
_struct_conf.beg_auth_seq_id 
_struct_conf.end_auth_comp_id 
_struct_conf.end_auth_asym_id 
_struct_conf.end_auth_seq_id 
_struct_conf.pdbx_PDB_helix_class 
_struct_conf.details 
_struct_conf.pdbx_PDB_helix_length 
HELX_P HELX_P1 1 SER A 2   ? ASP A 31  ? SER A 10  ASP A 39  1 ? 30 
HELX_P HELX_P2 2 LEU A 37  ? GLY A 66  ? LEU A 45  GLY A 74  1 ? 30 
HELX_P HELX_P3 3 THR A 84  ? GLN A 113 ? THR A 92  GLN A 121 1 ? 30 
HELX_P HELX_P4 4 ASP A 115 ? PHE A 126 ? ASP A 123 PHE A 134 1 ? 12 
HELX_P HELX_P5 5 PHE A 126 ? GLN A 151 ? PHE A 134 GLN A 159 1 ? 26 
HELX_P HELX_P6 6 GLN A 151 ? THR A 163 ? GLN A 159 THR A 171 1 ? 13 
# 
_struct_conf_type.id          HELX_P 
_struct_conf_type.criteria    ? 
_struct_conf_type.reference   ? 
# 
loop_
_struct_conn.id 
_struct_conn.conn_type_id 
_struct_conn.pdbx_leaving_atom_flag 
_struct_conn.pdbx_PDB_id 
_struct_conn.ptnr1_label_asym_id 
_struct_conn.ptnr1_label_comp_id 
_struct_conn.ptnr1_label_seq_id 
_struct_conn.ptnr1_label_atom_id 
_struct_conn.pdbx_ptnr1_label_alt_id 
_struct_conn.pdbx_ptnr1_PDB_ins_code 
_struct_conn.pdbx_ptnr1_standard_comp_id 
_struct_conn.ptnr1_symmetry 
_struct_conn.ptnr2_label_asym_id 
_struct_conn.ptnr2_label_comp_id 
_struct_conn.ptnr2_label_seq_id 
_struct_conn.ptnr2_label_atom_id 
_struct_conn.pdbx_ptnr2_label_alt_id 
_struct_conn.pdbx_ptnr2_PDB_ins_code 
_struct_conn.ptnr1_auth_asym_id 
_struct_conn.ptnr1_auth_comp_id 
_struct_conn.ptnr1_auth_seq_id 
_struct_conn.ptnr2_auth_asym_id 
_struct_conn.ptnr2_auth_comp_id 
_struct_conn.ptnr2_auth_seq_id 
_struct_conn.ptnr2_symmetry 
_struct_conn.pdbx_ptnr3_label_atom_id 
_struct_conn.pdbx_ptnr3_label_seq_id 
_struct_conn.pdbx_ptnr3_label_comp_id 
_struct_conn.pdbx_ptnr3_label_asym_id 
_struct_conn.pdbx_ptnr3_label_alt_id 
_struct_conn.pdbx_ptnr3_PDB_ins_code 
_struct_conn.details 
_struct_conn.pdbx_dist_value 
_struct_conn.pdbx_value_order 
_struct_conn.pdbx_role 
metalc1 metalc ? ? B CD . CD ? ? ? 1_555 A ASP 31 OD1 ? ? A CD 1 A ASP 39  1_555 ? ? ? ? ? ? ? 2.217 ? ? 
metalc2 metalc ? ? B CD . CD ? ? ? 1_555 A GLU 38 OE1 ? ? A CD 1 A GLU 46  1_555 ? ? ? ? ? ? ? 2.433 ? ? 
metalc3 metalc ? ? B CD . CD ? ? ? 1_555 A GLU 38 OE2 ? ? A CD 1 A GLU 46  1_555 ? ? ? ? ? ? ? 2.359 ? ? 
metalc4 metalc ? ? B CD . CD ? ? ? 1_555 D HOH .  O   ? ? A CD 1 A HOH 189 1_555 ? ? ? ? ? ? ? 2.419 ? ? 
metalc5 metalc ? ? B CD . CD ? ? ? 1_555 D HOH .  O   ? ? A CD 1 A HOH 192 1_555 ? ? ? ? ? ? ? 2.487 ? ? 
metalc6 metalc ? ? C CD . CD ? ? ? 1_555 A GLU 38 OE2 ? ? A CD 2 A GLU 46  1_555 ? ? ? ? ? ? ? 2.340 ? ? 
metalc7 metalc ? ? C CD . CD ? ? ? 1_555 A HIS 42 NE2 ? ? A CD 2 A HIS 50  1_555 ? ? ? ? ? ? ? 2.260 ? ? 
metalc8 metalc ? ? C CD . CD ? ? ? 1_555 D HOH .  O   ? ? A CD 2 A HOH 263 1_555 ? ? ? ? ? ? ? 2.303 ? ? 
metalc9 metalc ? ? C CD . CD ? ? ? 1_555 D HOH .  O   ? ? A CD 2 A HOH 271 1_555 ? ? ? ? ? ? ? 2.263 ? ? 
# 
_struct_conn_type.id          metalc 
_struct_conn_type.criteria    ? 
_struct_conn_type.reference   ? 
# 
loop_
_struct_site.id 
_struct_site.pdbx_evidence_code 
_struct_site.pdbx_auth_asym_id 
_struct_site.pdbx_auth_comp_id 
_struct_site.pdbx_auth_seq_id 
_struct_site.pdbx_auth_ins_code 
_struct_site.pdbx_num_residues 
_struct_site.details 
AC1 Software A CD 1 ? 5 'BINDING SITE FOR RESIDUE CD A 1' 
AC2 Software A CD 2 ? 5 'BINDING SITE FOR RESIDUE CD A 2' 
# 
loop_
_struct_site_gen.id 
_struct_site_gen.site_id 
_struct_site_gen.pdbx_num_res 
_struct_site_gen.label_comp_id 
_struct_site_gen.label_asym_id 
_struct_site_gen.label_seq_id 
_struct_site_gen.pdbx_auth_ins_code 
_struct_site_gen.auth_comp_id 
_struct_site_gen.auth_asym_id 
_struct_site_gen.auth_seq_id 
_struct_site_gen.label_atom_id 
_struct_site_gen.label_alt_id 
_struct_site_gen.symmetry 
_struct_site_gen.details 
1  AC1 5 ASP A 31 ? ASP A 39  . ? 1_555 ? 
2  AC1 5 GLU A 38 ? GLU A 46  . ? 1_555 ? 
3  AC1 5 CYS A 41 ? CYS A 49  . ? 1_555 ? 
4  AC1 5 HOH D .  ? HOH A 189 . ? 1_555 ? 
5  AC1 5 HOH D .  ? HOH A 192 . ? 1_555 ? 
6  AC2 5 GLU A 38 ? GLU A 46  . ? 1_555 ? 
7  AC2 5 HIS A 42 ? HIS A 50  . ? 1_555 ? 
8  AC2 5 HOH D .  ? HOH A 189 . ? 1_555 ? 
9  AC2 5 HOH D .  ? HOH A 263 . ? 1_555 ? 
10 AC2 5 HOH D .  ? HOH A 271 . ? 1_555 ? 
# 
_atom_sites.entry_id                    2ZA8 
_atom_sites.fract_transf_matrix[1][1]   -0.00256747 
_atom_sites.fract_transf_matrix[1][2]   -0.00177856 
_atom_sites.fract_transf_matrix[1][3]   0.00458653 
_atom_sites.fract_transf_matrix[2][1]   -0.00457925 
_atom_sites.fract_transf_matrix[2][2]   0.00275423 
_atom_sites.fract_transf_matrix[2][3]   -0.00149536 
_atom_sites.fract_transf_matrix[3][1]   -0.00179722 
_atom_sites.fract_transf_matrix[3][2]   -0.00447687 
_atom_sites.fract_transf_matrix[3][3]   -0.00274209 
_atom_sites.fract_transf_vector[1]      0.223953 
_atom_sites.fract_transf_vector[2]      0.448003 
_atom_sites.fract_transf_vector[3]      0.152550 
# 
loop_
_atom_type.symbol 
C  
CD 
N  
O  
S  
# 
loop_
_atom_site.group_PDB 
_atom_site.id 
_atom_site.type_symbol 
_atom_site.label_atom_id 
_atom_site.label_alt_id 
_atom_site.label_comp_id 
_atom_site.label_asym_id 
_atom_site.label_entity_id 
_atom_site.label_seq_id 
_atom_site.pdbx_PDB_ins_code 
_atom_site.Cartn_x 
_atom_site.Cartn_y 
_atom_site.Cartn_z 
_atom_site.occupancy 
_atom_site.B_iso_or_equiv 
_atom_site.pdbx_formal_charge 
_atom_site.auth_seq_id 
_atom_site.auth_comp_id 
_atom_site.auth_asym_id 
_atom_site.auth_atom_id 
_atom_site.pdbx_PDB_model_num 
ATOM   1    N  N   . TYR A 1 1   ? 12.586  -18.573 -16.546 1.00 21.79 ? 9   TYR A N   1 
ATOM   2    C  CA  . TYR A 1 1   ? 11.477  -17.913 -15.794 1.00 21.39 ? 9   TYR A CA  1 
ATOM   3    C  C   . TYR A 1 1   ? 10.402  -18.936 -15.429 1.00 21.35 ? 9   TYR A C   1 
ATOM   4    O  O   . TYR A 1 1   ? 9.628   -19.381 -16.280 1.00 22.23 ? 9   TYR A O   1 
ATOM   5    C  CB  . TYR A 1 1   ? 10.885  -16.781 -16.626 1.00 21.39 ? 9   TYR A CB  1 
ATOM   6    C  CG  . TYR A 1 1   ? 9.950   -15.858 -15.877 1.00 19.59 ? 9   TYR A CG  1 
ATOM   7    C  CD1 . TYR A 1 1   ? 10.376  -15.154 -14.749 1.00 19.40 ? 9   TYR A CD1 1 
ATOM   8    C  CD2 . TYR A 1 1   ? 8.643   -15.683 -16.306 1.00 18.33 ? 9   TYR A CD2 1 
ATOM   9    C  CE1 . TYR A 1 1   ? 9.522   -14.289 -14.076 1.00 18.11 ? 9   TYR A CE1 1 
ATOM   10   C  CE2 . TYR A 1 1   ? 7.778   -14.841 -15.639 1.00 17.69 ? 9   TYR A CE2 1 
ATOM   11   C  CZ  . TYR A 1 1   ? 8.222   -14.138 -14.524 1.00 17.50 ? 9   TYR A CZ  1 
ATOM   12   O  OH  . TYR A 1 1   ? 7.354   -13.302 -13.871 1.00 17.63 ? 9   TYR A OH  1 
ATOM   13   N  N   . SER A 1 2   ? 10.345  -19.303 -14.158 1.00 20.23 ? 10  SER A N   1 
ATOM   14   C  CA  . SER A 1 2   ? 9.518   -20.435 -13.743 1.00 19.37 ? 10  SER A CA  1 
ATOM   15   C  C   . SER A 1 2   ? 8.019   -20.133 -13.748 1.00 19.15 ? 10  SER A C   1 
ATOM   16   O  O   . SER A 1 2   ? 7.603   -18.976 -13.600 1.00 18.53 ? 10  SER A O   1 
ATOM   17   C  CB  . SER A 1 2   ? 9.951   -20.921 -12.368 1.00 19.98 ? 10  SER A CB  1 
ATOM   18   O  OG  . SER A 1 2   ? 9.654   -19.938 -11.398 1.00 19.80 ? 10  SER A OG  1 
ATOM   19   N  N   . THR A 1 3   ? 7.211   -21.178 -13.904 1.00 18.28 ? 11  THR A N   1 
ATOM   20   C  CA  . THR A 1 3   ? 5.759   -21.035 -13.861 1.00 18.43 ? 11  THR A CA  1 
ATOM   21   C  C   . THR A 1 3   ? 5.308   -20.631 -12.465 1.00 17.45 ? 11  THR A C   1 
ATOM   22   O  O   . THR A 1 3   ? 4.279   -19.975 -12.312 1.00 16.80 ? 11  THR A O   1 
ATOM   23   C  CB  . THR A 1 3   ? 5.037   -22.328 -14.302 1.00 19.20 ? 11  THR A CB  1 
ATOM   24   O  OG1 . THR A 1 3   ? 5.528   -23.438 -13.543 1.00 21.34 ? 11  THR A OG1 1 
ATOM   25   C  CG2 . THR A 1 3   ? 5.382   -22.673 -15.747 1.00 20.39 ? 11  THR A CG2 1 
ATOM   26   N  N   . GLU A 1 4   ? 6.091   -21.022 -11.456 1.00 16.16 ? 12  GLU A N   1 
ATOM   27   C  CA  . GLU A 1 4   ? 5.793   -20.680 -10.066 1.00 15.80 ? 12  GLU A CA  1 
ATOM   28   C  C   . GLU A 1 4   ? 5.954   -19.190 -9.845  1.00 14.75 ? 12  GLU A C   1 
ATOM   29   O  O   . GLU A 1 4   ? 5.086   -18.560 -9.236  1.00 14.41 ? 12  GLU A O   1 
ATOM   30   C  CB  . GLU A 1 4   ? 6.692   -21.455 -9.094  1.00 16.30 ? 12  GLU A CB  1 
ATOM   31   C  CG  . GLU A 1 4   ? 6.391   -22.946 -9.025  1.00 18.20 ? 12  GLU A CG  1 
ATOM   32   C  CD  . GLU A 1 4   ? 7.184   -23.751 -10.042 1.00 21.46 ? 12  GLU A CD  1 
ATOM   33   O  OE1 . GLU A 1 4   ? 8.030   -23.170 -10.757 1.00 21.44 ? 12  GLU A OE1 1 
ATOM   34   O  OE2 . GLU A 1 4   ? 6.945   -24.974 -10.128 1.00 24.37 ? 12  GLU A OE2 1 
ATOM   35   N  N   . VAL A 1 5   ? 7.047   -18.625 -10.352 1.00 14.15 ? 13  VAL A N   1 
ATOM   36   C  CA  . VAL A 1 5   ? 7.271   -17.184 -10.245 1.00 13.64 ? 13  VAL A CA  1 
ATOM   37   C  C   . VAL A 1 5   ? 6.232   -16.429 -11.071 1.00 13.47 ? 13  VAL A C   1 
ATOM   38   O  O   . VAL A 1 5   ? 5.669   -15.443 -10.599 1.00 12.58 ? 13  VAL A O   1 
ATOM   39   C  CB  . VAL A 1 5   ? 8.711   -16.783 -10.643 1.00 13.38 ? 13  VAL A CB  1 
ATOM   40   C  CG1 . VAL A 1 5   ? 8.842   -15.281 -10.810 1.00 13.18 ? 13  VAL A CG1 1 
ATOM   41   C  CG2 . VAL A 1 5   ? 9.705   -17.272 -9.588  1.00 15.03 ? 13  VAL A CG2 1 
ATOM   42   N  N   . GLU A 1 6   ? 5.981   -16.886 -12.298 1.00 12.97 ? 14  GLU A N   1 
ATOM   43   C  CA  . GLU A 1 6   ? 4.967   -16.262 -13.158 1.00 12.73 ? 14  GLU A CA  1 
ATOM   44   C  C   . GLU A 1 6   ? 3.630   -16.129 -12.433 1.00 13.03 ? 14  GLU A C   1 
ATOM   45   O  O   . GLU A 1 6   ? 3.017   -15.058 -12.433 1.00 13.05 ? 14  GLU A O   1 
ATOM   46   C  CB  . GLU A 1 6   ? 4.782   -17.083 -14.443 1.00 12.85 ? 14  GLU A CB  1 
ATOM   47   C  CG  . GLU A 1 6   ? 3.734   -16.540 -15.407 1.00 14.49 ? 14  GLU A CG  1 
ATOM   48   C  CD  . GLU A 1 6   ? 3.483   -17.463 -16.585 1.00 18.41 ? 14  GLU A CD  1 
ATOM   49   O  OE1 . GLU A 1 6   ? 3.252   -18.679 -16.372 1.00 21.98 ? 14  GLU A OE1 1 
ATOM   50   O  OE2 . GLU A 1 6   ? 3.504   -16.976 -17.726 1.00 17.46 ? 14  GLU A OE2 1 
ATOM   51   N  N   . ALA A 1 7   ? 3.165   -17.217 -11.822 1.00 12.00 ? 15  ALA A N   1 
ATOM   52   C  CA  . ALA A 1 7   ? 1.897   -17.214 -11.098 1.00 11.99 ? 15  ALA A CA  1 
ATOM   53   C  C   . ALA A 1 7   ? 1.965   -16.277 -9.881  1.00 11.52 ? 15  ALA A C   1 
ATOM   54   O  O   . ALA A 1 7   ? 1.034   -15.514 -9.638  1.00 12.11 ? 15  ALA A O   1 
ATOM   55   C  CB  . ALA A 1 7   ? 1.502   -18.634 -10.682 1.00 12.90 ? 15  ALA A CB  1 
ATOM   56   N  N   . ALA A 1 8   ? 3.072   -16.322 -9.145  1.00 11.14 ? 16  ALA A N   1 
ATOM   57   C  CA  . ALA A 1 8   ? 3.242   -15.491 -7.956  1.00 10.52 ? 16  ALA A CA  1 
ATOM   58   C  C   . ALA A 1 8   ? 3.245   -14.001 -8.317  1.00 9.84  ? 16  ALA A C   1 
ATOM   59   O  O   . ALA A 1 8   ? 2.687   -13.182 -7.598  1.00 10.07 ? 16  ALA A O   1 
ATOM   60   C  CB  . ALA A 1 8   ? 4.519   -15.877 -7.216  1.00 11.17 ? 16  ALA A CB  1 
ATOM   61   N  N   . VAL A 1 9   ? 3.855   -13.669 -9.453  1.00 9.55  ? 17  VAL A N   1 
ATOM   62   C  CA  . VAL A 1 9   ? 3.865   -12.290 -9.948  1.00 9.48  ? 17  VAL A CA  1 
ATOM   63   C  C   . VAL A 1 9   ? 2.436   -11.835 -10.267 1.00 9.27  ? 17  VAL A C   1 
ATOM   64   O  O   . VAL A 1 9   ? 2.037   -10.726 -9.908  1.00 9.25  ? 17  VAL A O   1 
ATOM   65   C  CB  . VAL A 1 9   ? 4.829   -12.126 -11.155 1.00 9.42  ? 17  VAL A CB  1 
ATOM   66   C  CG1 . VAL A 1 9   ? 4.657   -10.765 -11.826 1.00 9.68  ? 17  VAL A CG1 1 
ATOM   67   C  CG2 . VAL A 1 9   ? 6.284   -12.282 -10.702 1.00 9.88  ? 17  VAL A CG2 1 
ATOM   68   N  N   . ASN A 1 10  ? 1.651   -12.708 -10.903 1.00 9.10  ? 18  ASN A N   1 
ATOM   69   C  CA  . ASN A 1 10  ? 0.268   -12.375 -11.189 1.00 8.49  ? 18  ASN A CA  1 
ATOM   70   C  C   . ASN A 1 10  ? -0.530  -12.154 -9.904  1.00 8.34  ? 18  ASN A C   1 
ATOM   71   O  O   . ASN A 1 10  ? -1.338  -11.218 -9.822  1.00 8.65  ? 18  ASN A O   1 
ATOM   72   C  CB  . ASN A 1 10  ? -0.373  -13.433 -12.083 1.00 9.25  ? 18  ASN A CB  1 
ATOM   73   C  CG  . ASN A 1 10  ? 0.003   -13.251 -13.542 1.00 8.27  ? 18  ASN A CG  1 
ATOM   74   O  OD1 . ASN A 1 10  ? 0.220   -12.126 -14.010 1.00 10.56 ? 18  ASN A OD1 1 
ATOM   75   N  ND2 . ASN A 1 10  ? 0.104   -14.362 -14.271 1.00 10.38 ? 18  ASN A ND2 1 
ATOM   76   N  N   . ARG A 1 11  ? -0.280  -12.979 -8.887  1.00 9.23  ? 19  ARG A N   1 
ATOM   77   C  CA  . ARG A 1 11  ? -0.929  -12.791 -7.594  1.00 9.01  ? 19  ARG A CA  1 
ATOM   78   C  C   . ARG A 1 11  ? -0.526  -11.453 -6.950  1.00 8.70  ? 19  ARG A C   1 
ATOM   79   O  O   . ARG A 1 11  ? -1.366  -10.739 -6.382  1.00 9.01  ? 19  ARG A O   1 
ATOM   80   C  CB  . ARG A 1 11  ? -0.591  -13.943 -6.646  1.00 9.56  ? 19  ARG A CB  1 
ATOM   81   C  CG  . ARG A 1 11  ? -1.224  -15.266 -7.040  1.00 13.95 ? 19  ARG A CG  1 
ATOM   82   C  CD  . ARG A 1 11  ? -1.190  -16.304 -5.935  1.00 17.05 ? 19  ARG A CD  1 
ATOM   83   N  NE  . ARG A 1 11  ? 0.165   -16.733 -5.575  1.00 18.64 ? 19  ARG A NE  1 
ATOM   84   C  CZ  . ARG A 1 11  ? 0.858   -17.683 -6.204  1.00 18.05 ? 19  ARG A CZ  1 
ATOM   85   N  NH1 . ARG A 1 11  ? 0.338   -18.317 -7.250  1.00 18.65 ? 19  ARG A NH1 1 
ATOM   86   N  NH2 . ARG A 1 11  ? 2.075   -17.996 -5.780  1.00 19.41 ? 19  ARG A NH2 1 
ATOM   87   N  N   . LEU A 1 12  ? 0.752   -11.110 -7.062  1.00 8.07  ? 20  LEU A N   1 
ATOM   88   C  CA  . LEU A 1 12  ? 1.242   -9.870  -6.484  1.00 7.63  ? 20  LEU A CA  1 
ATOM   89   C  C   . LEU A 1 12  ? 0.635   -8.653  -7.201  1.00 7.87  ? 20  LEU A C   1 
ATOM   90   O  O   . LEU A 1 12  ? 0.320   -7.635  -6.558  1.00 7.61  ? 20  LEU A O   1 
ATOM   91   C  CB  . LEU A 1 12  ? 2.775   -9.829  -6.499  1.00 7.73  ? 20  LEU A CB  1 
ATOM   92   C  CG  . LEU A 1 12  ? 3.412   -8.701  -5.684  1.00 9.44  ? 20  LEU A CG  1 
ATOM   93   C  CD1 . LEU A 1 12  ? 3.032   -8.788  -4.205  1.00 10.36 ? 20  LEU A CD1 1 
ATOM   94   C  CD2 . LEU A 1 12  ? 4.918   -8.764  -5.828  1.00 11.48 ? 20  LEU A CD2 1 
ATOM   95   N  N   . VAL A 1 13  ? 0.468   -8.747  -8.520  1.00 7.50  ? 21  VAL A N   1 
ATOM   96   C  CA  . VAL A 1 13  ? -0.226  -7.684  -9.257  1.00 7.80  ? 21  VAL A CA  1 
ATOM   97   C  C   . VAL A 1 13  ? -1.629  -7.473  -8.679  1.00 7.82  ? 21  VAL A C   1 
ATOM   98   O  O   . VAL A 1 13  ? -2.033  -6.338  -8.405  1.00 7.56  ? 21  VAL A O   1 
ATOM   99   C  CB  . VAL A 1 13  ? -0.298  -8.012  -10.756 1.00 7.85  ? 21  VAL A CB  1 
ATOM   100  C  CG1 . VAL A 1 13  ? -1.281  -7.083  -11.499 1.00 7.79  ? 21  VAL A CG1 1 
ATOM   101  C  CG2 . VAL A 1 13  ? 1.080   -7.927  -11.373 1.00 9.04  ? 21  VAL A CG2 1 
ATOM   102  N  N   . ASN A 1 14  ? -2.345  -8.576  -8.441  1.00 7.46  ? 22  ASN A N   1 
ATOM   103  C  CA  . ASN A 1 14  ? -3.681  -8.495  -7.870  1.00 7.51  ? 22  ASN A CA  1 
ATOM   104  C  C   . ASN A 1 14  ? -3.637  -7.814  -6.506  1.00 7.73  ? 22  ASN A C   1 
ATOM   105  O  O   . ASN A 1 14  ? -4.449  -6.937  -6.232  1.00 7.84  ? 22  ASN A O   1 
ATOM   106  C  CB  . ASN A 1 14  ? -4.318  -9.888  -7.789  1.00 7.44  ? 22  ASN A CB  1 
ATOM   107  C  CG  . ASN A 1 14  ? -5.782  -9.836  -7.419  1.00 8.08  ? 22  ASN A CG  1 
ATOM   108  O  OD1 . ASN A 1 14  ? -6.139  -9.880  -6.246  1.00 12.22 ? 22  ASN A OD1 1 
ATOM   109  N  ND2 . ASN A 1 14  ? -6.639  -9.698  -8.417  1.00 8.83  ? 22  ASN A ND2 1 
ATOM   110  N  N   . LEU A 1 15  ? -2.674  -8.191  -5.664  1.00 8.05  ? 23  LEU A N   1 
ATOM   111  C  CA  . LEU A 1 15  ? -2.537  -7.575  -4.348  1.00 8.33  ? 23  LEU A CA  1 
ATOM   112  C  C   . LEU A 1 15  ? -2.262  -6.070  -4.437  1.00 7.75  ? 23  LEU A C   1 
ATOM   113  O  O   . LEU A 1 15  ? -2.841  -5.297  -3.664  1.00 8.39  ? 23  LEU A O   1 
ATOM   114  C  CB  . LEU A 1 15  ? -1.434  -8.258  -3.545  1.00 8.39  ? 23  LEU A CB  1 
ATOM   115  C  CG  . LEU A 1 15  ? -1.700  -9.717  -3.171  1.00 10.24 ? 23  LEU A CG  1 
ATOM   116  C  CD1 . LEU A 1 15  ? -0.535  -10.218 -2.336  1.00 12.63 ? 23  LEU A CD1 1 
ATOM   117  C  CD2 . LEU A 1 15  ? -2.998  -9.903  -2.420  1.00 12.59 ? 23  LEU A CD2 1 
ATOM   118  N  N   . TYR A 1 16  ? -1.374  -5.659  -5.346  1.00 7.85  ? 24  TYR A N   1 
ATOM   119  C  CA  . TYR A 1 16  ? -1.102  -4.228  -5.523  1.00 7.79  ? 24  TYR A CA  1 
ATOM   120  C  C   . TYR A 1 16  ? -2.331  -3.460  -6.012  1.00 8.21  ? 24  TYR A C   1 
ATOM   121  O  O   . TYR A 1 16  ? -2.604  -2.359  -5.540  1.00 8.14  ? 24  TYR A O   1 
ATOM   122  C  CB  . TYR A 1 16  ? 0.118   -3.990  -6.442  1.00 7.97  ? 24  TYR A CB  1 
ATOM   123  C  CG  . TYR A 1 16  ? 1.390   -3.878  -5.636  1.00 7.45  ? 24  TYR A CG  1 
ATOM   124  C  CD1 . TYR A 1 16  ? 1.960   -2.629  -5.353  1.00 7.90  ? 24  TYR A CD1 1 
ATOM   125  C  CD2 . TYR A 1 16  ? 1.986   -5.018  -5.092  1.00 9.24  ? 24  TYR A CD2 1 
ATOM   126  C  CE1 . TYR A 1 16  ? 3.114   -2.541  -4.559  1.00 10.65 ? 24  TYR A CE1 1 
ATOM   127  C  CE2 . TYR A 1 16  ? 3.127   -4.939  -4.303  1.00 10.43 ? 24  TYR A CE2 1 
ATOM   128  C  CZ  . TYR A 1 16  ? 3.688   -3.699  -4.043  1.00 11.03 ? 24  TYR A CZ  1 
ATOM   129  O  OH  . TYR A 1 16  ? 4.824   -3.645  -3.236  1.00 13.95 ? 24  TYR A OH  1 
ATOM   130  N  N   . LEU A 1 17  ? -3.084  -4.044  -6.941  1.00 7.82  ? 25  LEU A N   1 
ATOM   131  C  CA  . LEU A 1 17  ? -4.296  -3.386  -7.407  1.00 7.96  ? 25  LEU A CA  1 
ATOM   132  C  C   . LEU A 1 17  ? -5.369  -3.340  -6.324  1.00 8.41  ? 25  LEU A C   1 
ATOM   133  O  O   . LEU A 1 17  ? -6.064  -2.332  -6.199  1.00 7.91  ? 25  LEU A O   1 
ATOM   134  C  CB  . LEU A 1 17  ? -4.808  -4.027  -8.696  1.00 7.69  ? 25  LEU A CB  1 
ATOM   135  C  CG  . LEU A 1 17  ? -3.908  -3.904  -9.938  1.00 9.86  ? 25  LEU A CG  1 
ATOM   136  C  CD1 . LEU A 1 17  ? -4.458  -4.759  -11.094 1.00 10.53 ? 25  LEU A CD1 1 
ATOM   137  C  CD2 . LEU A 1 17  ? -3.746  -2.450  -10.367 1.00 12.27 ? 25  LEU A CD2 1 
ATOM   138  N  N   . ARG A 1 18  ? -5.483  -4.401  -5.519  1.00 8.49  ? 26  ARG A N   1 
ATOM   139  C  CA  . ARG A 1 18  ? -6.373  -4.389  -4.366  1.00 9.39  ? 26  ARG A CA  1 
ATOM   140  C  C   . ARG A 1 18  ? -5.979  -3.283  -3.386  1.00 8.85  ? 26  ARG A C   1 
ATOM   141  O  O   . ARG A 1 18  ? -6.844  -2.588  -2.861  1.00 8.62  ? 26  ARG A O   1 
ATOM   142  C  CB  . ARG A 1 18  ? -6.327  -5.732  -3.633  1.00 10.07 ? 26  ARG A CB  1 
ATOM   143  C  CG  . ARG A 1 18  ? -7.182  -6.832  -4.203  1.00 13.46 ? 26  ARG A CG  1 
ATOM   144  C  CD  . ARG A 1 18  ? -6.992  -8.179  -3.473  1.00 16.69 ? 26  ARG A CD  1 
ATOM   145  N  NE  . ARG A 1 18  ? -7.331  -8.105  -2.047  1.00 19.96 ? 26  ARG A NE  1 
ATOM   146  C  CZ  . ARG A 1 18  ? -7.063  -9.059  -1.144  1.00 22.66 ? 26  ARG A CZ  1 
ATOM   147  N  NH1 . ARG A 1 18  ? -6.445  -10.179 -1.503  1.00 22.55 ? 26  ARG A NH1 1 
ATOM   148  N  NH2 . ARG A 1 18  ? -7.425  -8.893  0.127   1.00 24.69 ? 26  ARG A NH2 1 
ATOM   149  N  N   . ALA A 1 19  ? -4.675  -3.112  -3.156  1.00 8.23  ? 27  ALA A N   1 
ATOM   150  C  CA  . ALA A 1 19  ? -4.203  -2.080  -2.230  1.00 7.90  ? 27  ALA A CA  1 
ATOM   151  C  C   . ALA A 1 19  ? -4.532  -0.700  -2.778  1.00 8.11  ? 27  ALA A C   1 
ATOM   152  O  O   . ALA A 1 19  ? -4.995  0.177   -2.043  1.00 8.24  ? 27  ALA A O   1 
ATOM   153  C  CB  . ALA A 1 19  ? -2.703  -2.219  -1.971  1.00 8.27  ? 27  ALA A CB  1 
ATOM   154  N  N   . SER A 1 20  ? -4.326  -0.520  -4.075  1.00 8.05  ? 28  SER A N   1 
ATOM   155  C  CA  . SER A 1 20  ? -4.657  0.744   -4.728  1.00 8.05  ? 28  SER A CA  1 
ATOM   156  C  C   . SER A 1 20  ? -6.141  1.051   -4.558  1.00 8.11  ? 28  SER A C   1 
ATOM   157  O  O   . SER A 1 20  ? -6.510  2.177   -4.242  1.00 7.61  ? 28  SER A O   1 
ATOM   158  C  CB  . SER A 1 20  ? -4.273  0.691   -6.211  1.00 8.29  ? 28  SER A CB  1 
ATOM   159  O  OG  . SER A 1 20  ? -4.616  1.899   -6.867  1.00 9.64  ? 28  SER A OG  1 
ATOM   160  N  N   . TYR A 1 21  ? -6.984  0.040   -4.733  1.00 8.12  ? 29  TYR A N   1 
ATOM   161  C  CA  . TYR A 1 21  ? -8.431  0.197   -4.579  1.00 7.70  ? 29  TYR A CA  1 
ATOM   162  C  C   . TYR A 1 21  ? -8.798  0.590   -3.147  1.00 8.06  ? 29  TYR A C   1 
ATOM   163  O  O   . TYR A 1 21  ? -9.639  1.473   -2.928  1.00 7.84  ? 29  TYR A O   1 
ATOM   164  C  CB  . TYR A 1 21  ? -9.097  -1.120  -4.997  1.00 7.56  ? 29  TYR A CB  1 
ATOM   165  C  CG  . TYR A 1 21  ? -10.556 -1.058  -5.388  1.00 7.73  ? 29  TYR A CG  1 
ATOM   166  C  CD1 . TYR A 1 21  ? -11.201 0.150   -5.665  1.00 10.27 ? 29  TYR A CD1 1 
ATOM   167  C  CD2 . TYR A 1 21  ? -11.291 -2.237  -5.504  1.00 8.27  ? 29  TYR A CD2 1 
ATOM   168  C  CE1 . TYR A 1 21  ? -12.541 0.166   -6.033  1.00 9.69  ? 29  TYR A CE1 1 
ATOM   169  C  CE2 . TYR A 1 21  ? -12.629 -2.222  -5.870  1.00 8.29  ? 29  TYR A CE2 1 
ATOM   170  C  CZ  . TYR A 1 21  ? -13.241 -1.024  -6.137  1.00 7.95  ? 29  TYR A CZ  1 
ATOM   171  O  OH  . TYR A 1 21  ? -14.567 -0.981  -6.503  1.00 8.41  ? 29  TYR A OH  1 
ATOM   172  N  N   . THR A 1 22  ? -8.123  -0.032  -2.186  1.00 7.30  ? 30  THR A N   1 
ATOM   173  C  CA  . THR A 1 22  ? -8.340  0.282   -0.781  1.00 8.08  ? 30  THR A CA  1 
ATOM   174  C  C   . THR A 1 22  ? -7.978  1.739   -0.506  1.00 8.02  ? 30  THR A C   1 
ATOM   175  O  O   . THR A 1 22  ? -8.710  2.447   0.180   1.00 8.46  ? 30  THR A O   1 
ATOM   176  C  CB  . THR A 1 22  ? -7.529  -0.681  0.110   1.00 8.27  ? 30  THR A CB  1 
ATOM   177  O  OG1 . THR A 1 22  ? -8.105  -1.989  -0.004  1.00 10.18 ? 30  THR A OG1 1 
ATOM   178  C  CG2 . THR A 1 22  ? -7.661  -0.349  1.591   1.00 8.64  ? 30  THR A CG2 1 
ATOM   179  N  N   . TYR A 1 23  ? -6.844  2.184   -1.041  1.00 7.21  ? 31  TYR A N   1 
ATOM   180  C  CA  . TYR A 1 23  ? -6.445  3.572   -0.853  1.00 7.82  ? 31  TYR A CA  1 
ATOM   181  C  C   . TYR A 1 23  ? -7.383  4.572   -1.532  1.00 7.90  ? 31  TYR A C   1 
ATOM   182  O  O   . TYR A 1 23  ? -7.607  5.673   -0.999  1.00 7.88  ? 31  TYR A O   1 
ATOM   183  C  CB  . TYR A 1 23  ? -4.993  3.779   -1.285  1.00 7.82  ? 31  TYR A CB  1 
ATOM   184  C  CG  . TYR A 1 23  ? -4.014  3.228   -0.279  1.00 7.92  ? 31  TYR A CG  1 
ATOM   185  C  CD1 . TYR A 1 23  ? -4.093  3.581   1.074   1.00 9.62  ? 31  TYR A CD1 1 
ATOM   186  C  CD2 . TYR A 1 23  ? -3.001  2.365   -0.682  1.00 8.15  ? 31  TYR A CD2 1 
ATOM   187  C  CE1 . TYR A 1 23  ? -3.184  3.076   1.997   1.00 10.37 ? 31  TYR A CE1 1 
ATOM   188  C  CE2 . TYR A 1 23  ? -2.100  1.846   0.233   1.00 8.91  ? 31  TYR A CE2 1 
ATOM   189  C  CZ  . TYR A 1 23  ? -2.198  2.203   1.561   1.00 9.09  ? 31  TYR A CZ  1 
ATOM   190  O  OH  . TYR A 1 23  ? -1.293  1.701   2.462   1.00 11.73 ? 31  TYR A OH  1 
ATOM   191  N  N   . LEU A 1 24  ? -7.938  4.209   -2.684  1.00 8.09  ? 32  LEU A N   1 
ATOM   192  C  CA  . LEU A 1 24  ? -8.977  5.029   -3.302  1.00 7.83  ? 32  LEU A CA  1 
ATOM   193  C  C   . LEU A 1 24  ? -10.165 5.217   -2.346  1.00 7.99  ? 32  LEU A C   1 
ATOM   194  O  O   . LEU A 1 24  ? -10.683 6.323   -2.188  1.00 8.67  ? 32  LEU A O   1 
ATOM   195  C  CB  . LEU A 1 24  ? -9.438  4.388   -4.618  1.00 8.87  ? 32  LEU A CB  1 
ATOM   196  C  CG  . LEU A 1 24  ? -10.494 5.135   -5.434  1.00 9.95  ? 32  LEU A CG  1 
ATOM   197  C  CD1 . LEU A 1 24  ? -9.932  6.442   -5.976  1.00 11.55 ? 32  LEU A CD1 1 
ATOM   198  C  CD2 . LEU A 1 24  ? -11.008 4.273   -6.560  1.00 10.77 ? 32  LEU A CD2 1 
ATOM   199  N  N   . SER A 1 25  ? -10.584 4.133   -1.699  1.00 7.25  ? 33  SER A N   1 
ATOM   200  C  CA  . SER A 1 25  ? -11.718 4.188   -0.784  1.00 7.36  ? 33  SER A CA  1 
ATOM   201  C  C   . SER A 1 25  ? -11.373 4.994   0.469   1.00 7.30  ? 33  SER A C   1 
ATOM   202  O  O   . SER A 1 25  ? -12.171 5.830   0.919   1.00 7.52  ? 33  SER A O   1 
ATOM   203  C  CB  . SER A 1 25  ? -12.150 2.780   -0.392  1.00 7.50  ? 33  SER A CB  1 
ATOM   204  O  OG  . SER A 1 25  ? -13.166 2.837   0.592   1.00 7.45  ? 33  SER A OG  1 
ATOM   205  N  N   . LEU A 1 26  ? -10.182 4.759   1.016   1.00 6.92  ? 34  LEU A N   1 
ATOM   206  C  CA  . LEU A 1 26  ? -9.706  5.554   2.151   1.00 7.85  ? 34  LEU A CA  1 
ATOM   207  C  C   . LEU A 1 26  ? -9.719  7.043   1.803   1.00 7.76  ? 34  LEU A C   1 
ATOM   208  O  O   . LEU A 1 26  ? -10.246 7.854   2.569   1.00 8.34  ? 34  LEU A O   1 
ATOM   209  C  CB  . LEU A 1 26  ? -8.303  5.118   2.561   1.00 8.14  ? 34  LEU A CB  1 
ATOM   210  C  CG  . LEU A 1 26  ? -8.289  3.951   3.541   1.00 8.62  ? 34  LEU A CG  1 
ATOM   211  C  CD1 . LEU A 1 26  ? -6.959  3.204   3.435   1.00 8.78  ? 34  LEU A CD1 1 
ATOM   212  C  CD2 . LEU A 1 26  ? -8.483  4.436   4.961   1.00 9.27  ? 34  LEU A CD2 1 
ATOM   213  N  N   . GLY A 1 27  ? -9.169  7.398   0.643   1.00 8.17  ? 35  GLY A N   1 
ATOM   214  C  CA  . GLY A 1 27  ? -9.102  8.794   0.244   1.00 7.90  ? 35  GLY A CA  1 
ATOM   215  C  C   . GLY A 1 27  ? -10.471 9.434   0.143   1.00 8.47  ? 35  GLY A C   1 
ATOM   216  O  O   . GLY A 1 27  ? -10.705 10.489  0.731   1.00 8.67  ? 35  GLY A O   1 
ATOM   217  N  N   . PHE A 1 28  ? -11.394 8.789   -0.560  1.00 7.83  ? 36  PHE A N   1 
ATOM   218  C  CA  . PHE A 1 28  ? -12.702 9.402   -0.755  1.00 7.95  ? 36  PHE A CA  1 
ATOM   219  C  C   . PHE A 1 28  ? -13.552 9.419   0.511   1.00 8.30  ? 36  PHE A C   1 
ATOM   220  O  O   . PHE A 1 28  ? -14.463 10.239  0.621   1.00 9.26  ? 36  PHE A O   1 
ATOM   221  C  CB  . PHE A 1 28  ? -13.406 8.838   -1.983  1.00 8.14  ? 36  PHE A CB  1 
ATOM   222  C  CG  . PHE A 1 28  ? -12.943 9.502   -3.239  1.00 8.74  ? 36  PHE A CG  1 
ATOM   223  C  CD1 . PHE A 1 28  ? -11.946 8.921   -4.024  1.00 10.05 ? 36  PHE A CD1 1 
ATOM   224  C  CD2 . PHE A 1 28  ? -13.398 10.776  -3.554  1.00 9.28  ? 36  PHE A CD2 1 
ATOM   225  C  CE1 . PHE A 1 28  ? -11.478 9.564   -5.164  1.00 11.29 ? 36  PHE A CE1 1 
ATOM   226  C  CE2 . PHE A 1 28  ? -12.927 11.438  -4.674  1.00 10.44 ? 36  PHE A CE2 1 
ATOM   227  C  CZ  . PHE A 1 28  ? -11.963 10.830  -5.487  1.00 11.01 ? 36  PHE A CZ  1 
ATOM   228  N  N   . TYR A 1 29  ? -13.239 8.547   1.468   1.00 7.86  ? 37  TYR A N   1 
ATOM   229  C  CA  . TYR A 1 29  ? -13.877 8.622   2.770   1.00 7.57  ? 37  TYR A CA  1 
ATOM   230  C  C   . TYR A 1 29  ? -13.491 9.934   3.480   1.00 7.67  ? 37  TYR A C   1 
ATOM   231  O  O   . TYR A 1 29  ? -14.353 10.641  4.023   1.00 7.86  ? 37  TYR A O   1 
ATOM   232  C  CB  . TYR A 1 29  ? -13.523 7.389   3.614   1.00 7.13  ? 37  TYR A CB  1 
ATOM   233  C  CG  . TYR A 1 29  ? -13.938 7.505   5.055   1.00 7.23  ? 37  TYR A CG  1 
ATOM   234  C  CD1 . TYR A 1 29  ? -15.265 7.312   5.454   1.00 7.66  ? 37  TYR A CD1 1 
ATOM   235  C  CD2 . TYR A 1 29  ? -12.987 7.844   6.027   1.00 6.42  ? 37  TYR A CD2 1 
ATOM   236  C  CE1 . TYR A 1 29  ? -15.636 7.454   6.790   1.00 8.54  ? 37  TYR A CE1 1 
ATOM   237  C  CE2 . TYR A 1 29  ? -13.342 7.983   7.364   1.00 8.99  ? 37  TYR A CE2 1 
ATOM   238  C  CZ  . TYR A 1 29  ? -14.670 7.786   7.737   1.00 8.31  ? 37  TYR A CZ  1 
ATOM   239  O  OH  . TYR A 1 29  ? -15.041 7.935   9.058   1.00 10.96 ? 37  TYR A OH  1 
ATOM   240  N  N   . PHE A 1 30  ? -12.200 10.264  3.467   1.00 7.92  ? 38  PHE A N   1 
ATOM   241  C  CA  . PHE A 1 30  ? -11.722 11.505  4.094   1.00 7.72  ? 38  PHE A CA  1 
ATOM   242  C  C   . PHE A 1 30  ? -12.118 12.771  3.332   1.00 7.83  ? 38  PHE A C   1 
ATOM   243  O  O   . PHE A 1 30  ? -12.051 13.865  3.870   1.00 8.14  ? 38  PHE A O   1 
ATOM   244  C  CB  . PHE A 1 30  ? -10.232 11.406  4.414   1.00 7.74  ? 38  PHE A CB  1 
ATOM   245  C  CG  . PHE A 1 30  ? -9.965  10.520  5.597   1.00 7.54  ? 38  PHE A CG  1 
ATOM   246  C  CD1 . PHE A 1 30  ? -10.073 11.017  6.888   1.00 8.79  ? 38  PHE A CD1 1 
ATOM   247  C  CD2 . PHE A 1 30  ? -9.638  9.189   5.414   1.00 7.51  ? 38  PHE A CD2 1 
ATOM   248  C  CE1 . PHE A 1 30  ? -9.872  10.191  7.981   1.00 9.06  ? 38  PHE A CE1 1 
ATOM   249  C  CE2 . PHE A 1 30  ? -9.424  8.355   6.496   1.00 8.12  ? 38  PHE A CE2 1 
ATOM   250  C  CZ  . PHE A 1 30  ? -9.535  8.854   7.783   1.00 8.07  ? 38  PHE A CZ  1 
ATOM   251  N  N   . ASP A 1 31  ? -12.584 12.600  2.098   1.00 8.03  ? 39  ASP A N   1 
ATOM   252  C  CA  . ASP A 1 31  ? -13.133 13.680  1.287   1.00 8.18  ? 39  ASP A CA  1 
ATOM   253  C  C   . ASP A 1 31  ? -14.616 13.962  1.572   1.00 8.74  ? 39  ASP A C   1 
ATOM   254  O  O   . ASP A 1 31  ? -15.152 14.958  1.092   1.00 9.72  ? 39  ASP A O   1 
ATOM   255  C  CB  . ASP A 1 31  ? -12.948 13.313  -0.182  1.00 8.29  ? 39  ASP A CB  1 
ATOM   256  C  CG  . ASP A 1 31  ? -13.372 14.407  -1.125  1.00 8.67  ? 39  ASP A CG  1 
ATOM   257  O  OD1 . ASP A 1 31  ? -12.689 15.471  -1.165  1.00 11.91 ? 39  ASP A OD1 1 
ATOM   258  O  OD2 . ASP A 1 31  ? -14.326 14.257  -1.896  1.00 10.58 ? 39  ASP A OD2 1 
ATOM   259  N  N   . ARG A 1 32  ? -15.279 13.118  2.355   1.00 7.88  ? 40  ARG A N   1 
ATOM   260  C  CA  . ARG A 1 32  ? -16.691 13.357  2.692   1.00 8.43  ? 40  ARG A CA  1 
ATOM   261  C  C   . ARG A 1 32  ? -16.867 14.660  3.445   1.00 8.70  ? 40  ARG A C   1 
ATOM   262  O  O   . ARG A 1 32  ? -16.025 15.035  4.265   1.00 8.78  ? 40  ARG A O   1 
ATOM   263  C  CB  . ARG A 1 32  ? -17.219 12.231  3.569   1.00 8.05  ? 40  ARG A CB  1 
ATOM   264  C  CG  . ARG A 1 32  ? -17.429 10.923  2.817   1.00 8.11  ? 40  ARG A CG  1 
ATOM   265  C  CD  . ARG A 1 32  ? -17.786 9.784   3.717   1.00 10.74 ? 40  ARG A CD  1 
ATOM   266  N  NE  . ARG A 1 32  ? -18.868 10.092  4.649   1.00 14.34 ? 40  ARG A NE  1 
ATOM   267  C  CZ  . ARG A 1 32  ? -19.322 9.205   5.523   1.00 19.54 ? 40  ARG A CZ  1 
ATOM   268  N  NH1 . ARG A 1 32  ? -18.794 7.987   5.557   1.00 23.19 ? 40  ARG A NH1 1 
ATOM   269  N  NH2 . ARG A 1 32  ? -20.302 9.517   6.355   1.00 21.58 ? 40  ARG A NH2 1 
ATOM   270  N  N   . ASP A 1 33  ? -17.985 15.335  3.212   1.00 9.45  ? 41  ASP A N   1 
ATOM   271  C  CA  . ASP A 1 33  ? -18.208 16.584  3.935   1.00 10.37 ? 41  ASP A CA  1 
ATOM   272  C  C   . ASP A 1 33  ? -18.332 16.401  5.446   1.00 9.81  ? 41  ASP A C   1 
ATOM   273  O  O   . ASP A 1 33  ? -18.072 17.344  6.178   1.00 9.85  ? 41  ASP A O   1 
ATOM   274  C  CB  . ASP A 1 33  ? -19.404 17.355  3.400   1.00 11.15 ? 41  ASP A CB  1 
ATOM   275  C  CG  . ASP A 1 33  ? -20.696 16.780  3.843   1.00 14.28 ? 41  ASP A CG  1 
ATOM   276  O  OD1 . ASP A 1 33  ? -21.257 15.949  3.106   1.00 16.68 ? 41  ASP A OD1 1 
ATOM   277  O  OD2 . ASP A 1 33  ? -21.233 17.095  4.931   1.00 17.51 ? 41  ASP A OD2 1 
ATOM   278  N  N   . ASP A 1 34  ? -18.699 15.205  5.906   1.00 8.69  ? 42  ASP A N   1 
ATOM   279  C  CA  . ASP A 1 34  ? -18.805 14.926  7.347   1.00 9.05  ? 42  ASP A CA  1 
ATOM   280  C  C   . ASP A 1 34  ? -17.545 14.271  7.926   1.00 8.50  ? 42  ASP A C   1 
ATOM   281  O  O   . ASP A 1 34  ? -17.550 13.820  9.081   1.00 8.90  ? 42  ASP A O   1 
ATOM   282  C  CB  . ASP A 1 34  ? -20.063 14.096  7.656   1.00 9.30  ? 42  ASP A CB  1 
ATOM   283  C  CG  . ASP A 1 34  ? -20.036 12.734  6.993   1.00 10.96 ? 42  ASP A CG  1 
ATOM   284  O  OD1 . ASP A 1 34  ? -21.014 11.976  7.147   1.00 12.12 ? 42  ASP A OD1 1 
ATOM   285  O  OD2 . ASP A 1 34  ? -19.080 12.338  6.300   1.00 10.14 ? 42  ASP A OD2 1 
ATOM   286  N  N   . VAL A 1 35  ? -16.482 14.219  7.121   1.00 8.49  ? 43  VAL A N   1 
ATOM   287  C  CA  . VAL A 1 35  ? -15.164 13.773  7.592   1.00 8.69  ? 43  VAL A CA  1 
ATOM   288  C  C   . VAL A 1 35  ? -14.180 14.919  7.364   1.00 8.80  ? 43  VAL A C   1 
ATOM   289  O  O   . VAL A 1 35  ? -13.627 15.472  8.322   1.00 9.47  ? 43  VAL A O   1 
ATOM   290  C  CB  . VAL A 1 35  ? -14.715 12.442  6.916   1.00 8.36  ? 43  VAL A CB  1 
ATOM   291  C  CG1 . VAL A 1 35  ? -13.347 12.012  7.438   1.00 9.83  ? 43  VAL A CG1 1 
ATOM   292  C  CG2 . VAL A 1 35  ? -15.748 11.345  7.141   1.00 9.34  ? 43  VAL A CG2 1 
ATOM   293  N  N   . ALA A 1 36  ? -13.987 15.289  6.103   1.00 8.28  ? 44  ALA A N   1 
ATOM   294  C  CA  . ALA A 1 36  ? -13.394 16.576  5.726   1.00 8.33  ? 44  ALA A CA  1 
ATOM   295  C  C   . ALA A 1 36  ? -11.978 16.801  6.259   1.00 8.08  ? 44  ALA A C   1 
ATOM   296  O  O   . ALA A 1 36  ? -11.704 17.798  6.921   1.00 8.71  ? 44  ALA A O   1 
ATOM   297  C  CB  . ALA A 1 36  ? -14.331 17.737  6.116   1.00 8.86  ? 44  ALA A CB  1 
ATOM   298  N  N   . LEU A 1 37  ? -11.077 15.885  5.932   1.00 8.26  ? 45  LEU A N   1 
ATOM   299  C  CA  . LEU A 1 37  ? -9.671  16.034  6.286   1.00 7.89  ? 45  LEU A CA  1 
ATOM   300  C  C   . LEU A 1 37  ? -8.861  15.925  5.001   1.00 7.81  ? 45  LEU A C   1 
ATOM   301  O  O   . LEU A 1 37  ? -8.443  14.824  4.602   1.00 7.54  ? 45  LEU A O   1 
ATOM   302  C  CB  . LEU A 1 37  ? -9.261  15.002  7.340   1.00 8.01  ? 45  LEU A CB  1 
ATOM   303  C  CG  . LEU A 1 37  ? -9.913  15.196  8.717   1.00 8.12  ? 45  LEU A CG  1 
ATOM   304  C  CD1 . LEU A 1 37  ? -9.747  13.947  9.584   1.00 10.63 ? 45  LEU A CD1 1 
ATOM   305  C  CD2 . LEU A 1 37  ? -9.332  16.437  9.417   1.00 9.82  ? 45  LEU A CD2 1 
ATOM   306  N  N   . GLU A 1 38  ? -8.659  17.061  4.337   1.00 8.64  ? 46  GLU A N   1 
ATOM   307  C  CA  . GLU A 1 38  ? -8.079  17.047  3.000   1.00 9.31  ? 46  GLU A CA  1 
ATOM   308  C  C   . GLU A 1 38  ? -6.659  16.483  2.940   1.00 8.75  ? 46  GLU A C   1 
ATOM   309  O  O   . GLU A 1 38  ? -6.324  15.758  2.003   1.00 8.18  ? 46  GLU A O   1 
ATOM   310  C  CB  . GLU A 1 38  ? -8.149  18.432  2.365   1.00 10.20 ? 46  GLU A CB  1 
ATOM   311  C  CG  . GLU A 1 38  ? -9.506  18.713  1.755   1.00 14.55 ? 46  GLU A CG  1 
ATOM   312  C  CD  . GLU A 1 38  ? -9.913  17.649  0.737   1.00 18.18 ? 46  GLU A CD  1 
ATOM   313  O  OE1 . GLU A 1 38  ? -11.030 17.091  0.873   1.00 19.63 ? 46  GLU A OE1 1 
ATOM   314  O  OE2 . GLU A 1 38  ? -9.115  17.353  -0.193  1.00 19.01 ? 46  GLU A OE2 1 
ATOM   315  N  N   . GLY A 1 39  ? -5.836  16.778  3.939   1.00 8.24  ? 47  GLY A N   1 
ATOM   316  C  CA  . GLY A 1 39  ? -4.489  16.228  3.972   1.00 7.54  ? 47  GLY A CA  1 
ATOM   317  C  C   . GLY A 1 39  ? -4.528  14.705  3.999   1.00 7.49  ? 47  GLY A C   1 
ATOM   318  O  O   . GLY A 1 39  ? -3.647  14.045  3.430   1.00 8.17  ? 47  GLY A O   1 
ATOM   319  N  N   . VAL A 1 40  ? -5.507  14.151  4.702   1.00 7.66  ? 48  VAL A N   1 
ATOM   320  C  CA  . VAL A 1 40  ? -5.658  12.693  4.777   1.00 7.76  ? 48  VAL A CA  1 
ATOM   321  C  C   . VAL A 1 40  ? -6.173  12.113  3.451   1.00 8.11  ? 48  VAL A C   1 
ATOM   322  O  O   . VAL A 1 40  ? -5.650  11.103  2.968   1.00 8.38  ? 48  VAL A O   1 
ATOM   323  C  CB  . VAL A 1 40  ? -6.538  12.235  5.964   1.00 7.84  ? 48  VAL A CB  1 
ATOM   324  C  CG1 . VAL A 1 40  ? -6.488  10.709  6.098   1.00 9.41  ? 48  VAL A CG1 1 
ATOM   325  C  CG2 . VAL A 1 40  ? -6.084  12.872  7.265   1.00 8.80  ? 48  VAL A CG2 1 
ATOM   326  N  N   . CYS A 1 41  ? -7.175  12.758  2.869   1.00 8.49  ? 49  CYS A N   1 
ATOM   327  C  CA  . CYS A 1 41  ? -7.670  12.414  1.547   1.00 8.65  ? 49  CYS A CA  1 
ATOM   328  C  C   . CYS A 1 41  ? -6.513  12.362  0.542   1.00 8.72  ? 49  CYS A C   1 
ATOM   329  O  O   . CYS A 1 41  ? -6.346  11.377  -0.189  1.00 9.27  ? 49  CYS A O   1 
ATOM   330  C  CB  . CYS A 1 41  ? -8.701  13.449  1.105   1.00 8.56  ? 49  CYS A CB  1 
ATOM   331  S  SG  . CYS A 1 41  ? -9.195  13.364  -0.635  1.00 12.14 ? 49  CYS A SG  1 
ATOM   332  N  N   . HIS A 1 42  ? -5.703  13.412  0.494   1.00 8.96  ? 50  HIS A N   1 
ATOM   333  C  CA  . HIS A 1 42  ? -4.612  13.454  -0.481  1.00 9.81  ? 50  HIS A CA  1 
ATOM   334  C  C   . HIS A 1 42  ? -3.510  12.412  -0.193  1.00 8.88  ? 50  HIS A C   1 
ATOM   335  O  O   . HIS A 1 42  ? -2.998  11.775  -1.115  1.00 9.19  ? 50  HIS A O   1 
ATOM   336  C  CB  . HIS A 1 42  ? -4.051  14.872  -0.601  1.00 10.82 ? 50  HIS A CB  1 
ATOM   337  C  CG  . HIS A 1 42  ? -4.952  15.806  -1.362  1.00 15.81 ? 50  HIS A CG  1 
ATOM   338  N  ND1 . HIS A 1 42  ? -4.690  16.219  -2.652  1.00 21.90 ? 50  HIS A ND1 1 
ATOM   339  C  CD2 . HIS A 1 42  ? -6.111  16.413  -1.005  1.00 18.97 ? 50  HIS A CD2 1 
ATOM   340  C  CE1 . HIS A 1 42  ? -5.648  17.036  -3.056  1.00 22.58 ? 50  HIS A CE1 1 
ATOM   341  N  NE2 . HIS A 1 42  ? -6.529  17.161  -2.079  1.00 20.81 ? 50  HIS A NE2 1 
ATOM   342  N  N   . PHE A 1 43  ? -3.187  12.195  1.079   1.00 8.23  ? 51  PHE A N   1 
ATOM   343  C  CA  . PHE A 1 43  ? -2.216  11.169  1.481   1.00 8.24  ? 51  PHE A CA  1 
ATOM   344  C  C   . PHE A 1 43  ? -2.620  9.801   0.918   1.00 7.85  ? 51  PHE A C   1 
ATOM   345  O  O   . PHE A 1 43  ? -1.804  9.088   0.311   1.00 8.59  ? 51  PHE A O   1 
ATOM   346  C  CB  . PHE A 1 43  ? -2.115  11.124  3.011   1.00 8.68  ? 51  PHE A CB  1 
ATOM   347  C  CG  . PHE A 1 43  ? -1.184  10.061  3.546   1.00 9.10  ? 51  PHE A CG  1 
ATOM   348  C  CD1 . PHE A 1 43  ? 0.190   10.241  3.500   1.00 10.78 ? 51  PHE A CD1 1 
ATOM   349  C  CD2 . PHE A 1 43  ? -1.689  8.902   4.143   1.00 9.09  ? 51  PHE A CD2 1 
ATOM   350  C  CE1 . PHE A 1 43  ? 1.058   9.265   4.010   1.00 10.96 ? 51  PHE A CE1 1 
ATOM   351  C  CE2 . PHE A 1 43  ? -0.826  7.922   4.641   1.00 8.73  ? 51  PHE A CE2 1 
ATOM   352  C  CZ  . PHE A 1 43  ? 0.549   8.117   4.586   1.00 9.65  ? 51  PHE A CZ  1 
ATOM   353  N  N   . PHE A 1 44  ? -3.872  9.417   1.132   1.00 8.15  ? 52  PHE A N   1 
ATOM   354  C  CA  . PHE A 1 44  ? -4.313  8.111   0.651   1.00 7.95  ? 52  PHE A CA  1 
ATOM   355  C  C   . PHE A 1 44  ? -4.488  8.056   -0.867  1.00 8.64  ? 52  PHE A C   1 
ATOM   356  O  O   . PHE A 1 44  ? -4.197  7.025   -1.487  1.00 8.59  ? 52  PHE A O   1 
ATOM   357  C  CB  . PHE A 1 44  ? -5.571  7.673   1.401   1.00 7.75  ? 52  PHE A CB  1 
ATOM   358  C  CG  . PHE A 1 44  ? -5.327  7.301   2.831   1.00 7.49  ? 52  PHE A CG  1 
ATOM   359  C  CD1 . PHE A 1 44  ? -6.111  7.851   3.840   1.00 8.54  ? 52  PHE A CD1 1 
ATOM   360  C  CD2 . PHE A 1 44  ? -4.312  6.407   3.189   1.00 7.88  ? 52  PHE A CD2 1 
ATOM   361  C  CE1 . PHE A 1 44  ? -5.914  7.509   5.176   1.00 7.92  ? 52  PHE A CE1 1 
ATOM   362  C  CE2 . PHE A 1 44  ? -4.118  6.063   4.518   1.00 8.78  ? 52  PHE A CE2 1 
ATOM   363  C  CZ  . PHE A 1 44  ? -4.911  6.631   5.523   1.00 7.68  ? 52  PHE A CZ  1 
ATOM   364  N  N   . ARG A 1 45  ? -4.940  9.145   -1.485  1.00 9.08  ? 53  ARG A N   1 
ATOM   365  C  CA  . ARG A 1 45  ? -5.072  9.141   -2.946  1.00 9.66  ? 53  ARG A CA  1 
ATOM   366  C  C   . ARG A 1 45  ? -3.711  9.051   -3.646  1.00 9.86  ? 53  ARG A C   1 
ATOM   367  O  O   . ARG A 1 45  ? -3.582  8.380   -4.678  1.00 10.13 ? 53  ARG A O   1 
ATOM   368  C  CB  . ARG A 1 45  ? -5.924  10.311  -3.441  1.00 10.37 ? 53  ARG A CB  1 
ATOM   369  C  CG  . ARG A 1 45  ? -7.419  10.089  -3.202  1.00 13.25 ? 53  ARG A CG  1 
ATOM   370  C  CD  . ARG A 1 45  ? -8.336  11.227  -3.644  1.00 19.08 ? 53  ARG A CD  1 
ATOM   371  N  NE  . ARG A 1 45  ? -8.213  11.646  -5.049  1.00 24.37 ? 53  ARG A NE  1 
ATOM   372  C  CZ  . ARG A 1 45  ? -8.164  10.852  -6.131  1.00 27.50 ? 53  ARG A CZ  1 
ATOM   373  N  NH1 . ARG A 1 45  ? -8.063  11.402  -7.339  1.00 29.32 ? 53  ARG A NH1 1 
ATOM   374  N  NH2 . ARG A 1 45  ? -8.196  9.529   -6.032  1.00 29.48 ? 53  ARG A NH2 1 
ATOM   375  N  N   . GLU A 1 46  ? -2.693  9.684   -3.066  1.00 10.50 ? 54  GLU A N   1 
ATOM   376  C  CA  . GLU A 1 46  ? -1.319  9.525   -3.543  1.00 10.96 ? 54  GLU A CA  1 
ATOM   377  C  C   . GLU A 1 46  ? -0.858  8.074   -3.434  1.00 10.51 ? 54  GLU A C   1 
ATOM   378  O  O   . GLU A 1 46  ? -0.228  7.545   -4.357  1.00 10.64 ? 54  GLU A O   1 
ATOM   379  C  CB  . GLU A 1 46  ? -0.367  10.448  -2.793  1.00 11.61 ? 54  GLU A CB  1 
ATOM   380  C  CG  . GLU A 1 46  ? -0.527  11.910  -3.186  1.00 15.84 ? 54  GLU A CG  1 
ATOM   381  C  CD  . GLU A 1 46  ? -0.030  12.857  -2.116  1.00 21.95 ? 54  GLU A CD  1 
ATOM   382  O  OE1 . GLU A 1 46  ? 0.842   12.454  -1.304  1.00 23.65 ? 54  GLU A OE1 1 
ATOM   383  O  OE2 . GLU A 1 46  ? -0.515  14.010  -2.081  1.00 25.53 ? 54  GLU A OE2 1 
ATOM   384  N  N   . LEU A 1 47  ? -1.182  7.427   -2.321  1.00 9.09  ? 55  LEU A N   1 
ATOM   385  C  CA  . LEU A 1 47  ? -0.842  6.018   -2.165  1.00 8.67  ? 55  LEU A CA  1 
ATOM   386  C  C   . LEU A 1 47  ? -1.583  5.127   -3.155  1.00 8.09  ? 55  LEU A C   1 
ATOM   387  O  O   . LEU A 1 47  ? -1.018  4.143   -3.632  1.00 8.16  ? 55  LEU A O   1 
ATOM   388  C  CB  . LEU A 1 47  ? -1.045  5.543   -0.723  1.00 8.56  ? 55  LEU A CB  1 
ATOM   389  C  CG  . LEU A 1 47  ? 0.009   6.084   0.243   1.00 9.92  ? 55  LEU A CG  1 
ATOM   390  C  CD1 . LEU A 1 47  ? -0.428  5.799   1.657   1.00 11.83 ? 55  LEU A CD1 1 
ATOM   391  C  CD2 . LEU A 1 47  ? 1.345   5.415   -0.022  1.00 14.16 ? 55  LEU A CD2 1 
ATOM   392  N  N   . ALA A 1 48  ? -2.822  5.474   -3.501  1.00 8.94  ? 56  ALA A N   1 
ATOM   393  C  CA  . ALA A 1 48  ? -3.536  4.698   -4.517  1.00 8.70  ? 56  ALA A CA  1 
ATOM   394  C  C   . ALA A 1 48  ? -2.765  4.722   -5.841  1.00 9.60  ? 56  ALA A C   1 
ATOM   395  O  O   . ALA A 1 48  ? -2.584  3.679   -6.487  1.00 9.67  ? 56  ALA A O   1 
ATOM   396  C  CB  . ALA A 1 48  ? -4.959  5.208   -4.698  1.00 8.42  ? 56  ALA A CB  1 
ATOM   397  N  N   . GLU A 1 49  ? -2.264  5.899   -6.214  1.00 10.05 ? 57  GLU A N   1 
ATOM   398  C  CA  . GLU A 1 49  ? -1.413  6.053   -7.402  1.00 11.11 ? 57  GLU A CA  1 
ATOM   399  C  C   . GLU A 1 49  ? -0.128  5.215   -7.305  1.00 10.77 ? 57  GLU A C   1 
ATOM   400  O  O   . GLU A 1 49  ? 0.222   4.498   -8.242  1.00 11.03 ? 57  GLU A O   1 
ATOM   401  C  CB  . GLU A 1 49  ? -1.079  7.543   -7.622  1.00 11.78 ? 57  GLU A CB  1 
ATOM   402  C  CG  . GLU A 1 49  ? -0.169  7.845   -8.801  1.00 17.23 ? 57  GLU A CG  1 
ATOM   403  C  CD  . GLU A 1 49  ? -0.149  9.328   -9.142  1.00 23.93 ? 57  GLU A CD  1 
ATOM   404  O  OE1 . GLU A 1 49  ? 0.584   10.085  -8.466  1.00 28.43 ? 57  GLU A OE1 1 
ATOM   405  O  OE2 . GLU A 1 49  ? -0.877  9.742   -10.071 1.00 28.79 ? 57  GLU A OE2 1 
ATOM   406  N  N   . GLU A 1 50  ? 0.564   5.303   -6.173  1.00 10.15 ? 58  GLU A N   1 
ATOM   407  C  CA  . GLU A 1 50  ? 1.793   4.527   -5.949  1.00 10.73 ? 58  GLU A CA  1 
ATOM   408  C  C   . GLU A 1 50  ? 1.569   3.017   -6.091  1.00 9.90  ? 58  GLU A C   1 
ATOM   409  O  O   . GLU A 1 50  ? 2.375   2.322   -6.719  1.00 10.50 ? 58  GLU A O   1 
ATOM   410  C  CB  . GLU A 1 50  ? 2.407   4.855   -4.585  1.00 11.73 ? 58  GLU A CB  1 
ATOM   411  C  CG  . GLU A 1 50  ? 2.976   6.264   -4.466  1.00 16.25 ? 58  GLU A CG  1 
ATOM   412  C  CD  . GLU A 1 50  ? 4.005   6.581   -5.530  1.00 23.63 ? 58  GLU A CD  1 
ATOM   413  O  OE1 . GLU A 1 50  ? 3.778   7.541   -6.301  1.00 27.61 ? 58  GLU A OE1 1 
ATOM   414  O  OE2 . GLU A 1 50  ? 5.037   5.874   -5.600  1.00 26.84 ? 58  GLU A OE2 1 
ATOM   415  N  N   . LYS A 1 51  ? 0.479   2.497   -5.534  1.00 9.05  ? 59  LYS A N   1 
ATOM   416  C  CA  . LYS A 1 51  ? 0.239   1.066   -5.638  1.00 9.43  ? 59  LYS A CA  1 
ATOM   417  C  C   . LYS A 1 51  ? -0.097  0.648   -7.055  1.00 9.42  ? 59  LYS A C   1 
ATOM   418  O  O   . LYS A 1 51  ? 0.319   -0.426  -7.498  1.00 9.32  ? 59  LYS A O   1 
ATOM   419  C  CB  . LYS A 1 51  ? -0.858  0.635   -4.666  1.00 9.06  ? 59  LYS A CB  1 
ATOM   420  C  CG  . LYS A 1 51  ? -0.523  0.875   -3.210  1.00 9.69  ? 59  LYS A CG  1 
ATOM   421  C  CD  . LYS A 1 51  ? 0.775   0.179   -2.837  1.00 13.78 ? 59  LYS A CD  1 
ATOM   422  C  CE  . LYS A 1 51  ? 1.345   0.762   -1.589  1.00 16.91 ? 59  LYS A CE  1 
ATOM   423  N  NZ  . LYS A 1 51  ? 2.664   0.175   -1.220  1.00 15.94 ? 59  LYS A NZ  1 
ATOM   424  N  N   . ARG A 1 52  ? -0.852  1.474   -7.779  1.00 9.96  ? 60  ARG A N   1 
ATOM   425  C  CA  . ARG A 1 52  ? -1.164  1.143   -9.163  1.00 11.35 ? 60  ARG A CA  1 
ATOM   426  C  C   . ARG A 1 52  ? 0.134   1.134   -9.973  1.00 11.60 ? 60  ARG A C   1 
ATOM   427  O  O   . ARG A 1 52  ? 0.348   0.242   -10.796 1.00 11.11 ? 60  ARG A O   1 
ATOM   428  C  CB  . ARG A 1 52  ? -2.203  2.118   -9.734  1.00 12.81 ? 60  ARG A CB  1 
ATOM   429  C  CG  . ARG A 1 52  ? -2.809  1.639   -11.035 1.00 14.85 ? 60  ARG A CG  1 
ATOM   430  C  CD  . ARG A 1 52  ? -3.389  2.732   -11.915 1.00 19.25 ? 60  ARG A CD  1 
ATOM   431  N  NE  . ARG A 1 52  ? -2.485  3.875   -12.080 1.00 23.98 ? 60  ARG A NE  1 
ATOM   432  C  CZ  . ARG A 1 52  ? -2.592  5.016   -11.411 1.00 24.58 ? 60  ARG A CZ  1 
ATOM   433  N  NH1 . ARG A 1 52  ? -3.559  5.178   -10.517 1.00 24.90 ? 60  ARG A NH1 1 
ATOM   434  N  NH2 . ARG A 1 52  ? -1.730  6.002   -11.632 1.00 27.42 ? 60  ARG A NH2 1 
ATOM   435  N  N   . GLU A 1 53  ? 1.016   2.104   -9.715  1.00 11.67 ? 61  GLU A N   1 
ATOM   436  C  CA  . GLU A 1 53  ? 2.325   2.141   -10.371 1.00 11.99 ? 61  GLU A CA  1 
ATOM   437  C  C   . GLU A 1 53  ? 3.157   0.888   -10.080 1.00 11.09 ? 61  GLU A C   1 
ATOM   438  O  O   . GLU A 1 53  ? 3.810   0.364   -10.990 1.00 11.15 ? 61  GLU A O   1 
ATOM   439  C  CB  . GLU A 1 53  ? 3.079   3.419   -10.028 1.00 13.54 ? 61  GLU A CB  1 
ATOM   440  C  CG  . GLU A 1 53  ? 2.491   4.630   -10.737 1.00 17.06 ? 61  GLU A CG  1 
ATOM   441  C  CD  . GLU A 1 53  ? 2.944   5.965   -10.169 1.00 22.03 ? 61  GLU A CD  1 
ATOM   442  O  OE1 . GLU A 1 53  ? 3.739   5.987   -9.200  1.00 24.88 ? 61  GLU A OE1 1 
ATOM   443  O  OE2 . GLU A 1 53  ? 2.486   7.005   -10.693 1.00 25.47 ? 61  GLU A OE2 1 
ATOM   444  N  N   . GLY A 1 54  ? 3.105   0.382   -8.844  1.00 9.91  ? 62  GLY A N   1 
ATOM   445  C  CA  . GLY A 1 54  ? 3.768   -0.872  -8.511  1.00 9.42  ? 62  GLY A CA  1 
ATOM   446  C  C   . GLY A 1 54  ? 3.231   -2.035  -9.334  1.00 9.09  ? 62  GLY A C   1 
ATOM   447  O  O   . GLY A 1 54  ? 3.988   -2.857  -9.848  1.00 8.71  ? 62  GLY A O   1 
ATOM   448  N  N   . ALA A 1 55  ? 1.904   -2.120  -9.457  1.00 8.99  ? 63  ALA A N   1 
ATOM   449  C  CA  . ALA A 1 55  ? 1.284   -3.134  -10.290 1.00 9.09  ? 63  ALA A CA  1 
ATOM   450  C  C   . ALA A 1 55  ? 1.772   -3.039  -11.724 1.00 10.31 ? 63  ALA A C   1 
ATOM   451  O  O   . ALA A 1 55  ? 2.105   -4.053  -12.339 1.00 9.69  ? 63  ALA A O   1 
ATOM   452  C  CB  . ALA A 1 55  ? -0.241  -2.992  -10.240 1.00 9.65  ? 63  ALA A CB  1 
ATOM   453  N  N   . GLU A 1 56  ? 1.826   -1.828  -12.263 1.00 10.11 ? 64  GLU A N   1 
ATOM   454  C  CA  . GLU A 1 56  ? 2.249   -1.626  -13.643 1.00 11.60 ? 64  GLU A CA  1 
ATOM   455  C  C   . GLU A 1 56  ? 3.710   -2.029  -13.855 1.00 10.52 ? 64  GLU A C   1 
ATOM   456  O  O   . GLU A 1 56  ? 4.047   -2.630  -14.874 1.00 10.16 ? 64  GLU A O   1 
ATOM   457  C  CB  . GLU A 1 56  ? 1.968   -0.182  -14.068 1.00 12.33 ? 64  GLU A CB  1 
ATOM   458  C  CG  . GLU A 1 56  ? 0.473   0.036   -14.290 1.00 16.78 ? 64  GLU A CG  1 
ATOM   459  C  CD  . GLU A 1 56  ? 0.033   1.487   -14.224 1.00 22.08 ? 64  GLU A CD  1 
ATOM   460  O  OE1 . GLU A 1 56  ? 0.893   2.387   -14.096 1.00 25.45 ? 64  GLU A OE1 1 
ATOM   461  O  OE2 . GLU A 1 56  ? -1.193  1.725   -14.284 1.00 22.68 ? 64  GLU A OE2 1 
ATOM   462  N  N   . ARG A 1 57  ? 4.558   -1.732  -12.879 1.00 10.61 ? 65  ARG A N   1 
ATOM   463  C  CA  . ARG A 1 57  ? 5.964   -2.147  -12.934 1.00 10.67 ? 65  ARG A CA  1 
ATOM   464  C  C   . ARG A 1 57  ? 6.072   -3.669  -12.958 1.00 9.56  ? 65  ARG A C   1 
ATOM   465  O  O   . ARG A 1 57  ? 6.853   -4.255  -13.725 1.00 9.52  ? 65  ARG A O   1 
ATOM   466  C  CB  . ARG A 1 57  ? 6.736   -1.593  -11.737 1.00 11.86 ? 65  ARG A CB  1 
ATOM   467  C  CG  . ARG A 1 57  ? 8.219   -1.481  -11.962 1.00 16.96 ? 65  ARG A CG  1 
ATOM   468  C  CD  . ARG A 1 57  ? 8.966   -0.858  -10.799 1.00 22.47 ? 65  ARG A CD  1 
ATOM   469  N  NE  . ARG A 1 57  ? 8.535   0.515   -10.521 1.00 25.58 ? 65  ARG A NE  1 
ATOM   470  C  CZ  . ARG A 1 57  ? 9.156   1.605   -10.964 1.00 28.43 ? 65  ARG A CZ  1 
ATOM   471  N  NH1 . ARG A 1 57  ? 10.243  1.499   -11.725 1.00 29.55 ? 65  ARG A NH1 1 
ATOM   472  N  NH2 . ARG A 1 57  ? 8.688   2.806   -10.654 1.00 30.95 ? 65  ARG A NH2 1 
ATOM   473  N  N   . LEU A 1 58  ? 5.292   -4.319  -12.103 1.00 8.77  ? 66  LEU A N   1 
ATOM   474  C  CA  . LEU A 1 58  ? 5.258   -5.780  -12.098 1.00 8.44  ? 66  LEU A CA  1 
ATOM   475  C  C   . LEU A 1 58  ? 4.805   -6.354  -13.437 1.00 8.32  ? 66  LEU A C   1 
ATOM   476  O  O   . LEU A 1 58  ? 5.374   -7.336  -13.921 1.00 8.46  ? 66  LEU A O   1 
ATOM   477  C  CB  . LEU A 1 58  ? 4.357   -6.271  -10.974 1.00 8.10  ? 66  LEU A CB  1 
ATOM   478  C  CG  . LEU A 1 58  ? 4.937   -6.186  -9.562  1.00 8.89  ? 66  LEU A CG  1 
ATOM   479  C  CD1 . LEU A 1 58  ? 3.804   -6.200  -8.570  1.00 10.50 ? 66  LEU A CD1 1 
ATOM   480  C  CD2 . LEU A 1 58  ? 5.891   -7.354  -9.275  1.00 9.89  ? 66  LEU A CD2 1 
ATOM   481  N  N   . LEU A 1 59  ? 3.788   -5.735  -14.043 1.00 8.03  ? 67  LEU A N   1 
ATOM   482  C  CA  . LEU A 1 59  ? 3.286   -6.196  -15.341 1.00 7.89  ? 67  LEU A CA  1 
ATOM   483  C  C   . LEU A 1 59  ? 4.310   -6.018  -16.455 1.00 8.61  ? 67  LEU A C   1 
ATOM   484  O  O   . LEU A 1 59  ? 4.471   -6.903  -17.299 1.00 8.92  ? 67  LEU A O   1 
ATOM   485  C  CB  . LEU A 1 59  ? 1.963   -5.494  -15.700 1.00 8.15  ? 67  LEU A CB  1 
ATOM   486  C  CG  . LEU A 1 59  ? 0.772   -5.893  -14.827 1.00 8.44  ? 67  LEU A CG  1 
ATOM   487  C  CD1 . LEU A 1 59  ? -0.320  -4.857  -14.915 1.00 10.77 ? 67  LEU A CD1 1 
ATOM   488  C  CD2 . LEU A 1 59  ? 0.271   -7.251  -15.244 1.00 9.42  ? 67  LEU A CD2 1 
ATOM   489  N  N   . LYS A 1 60  ? 5.032   -4.901  -16.428 1.00 8.85  ? 68  LYS A N   1 
ATOM   490  C  CA  . LYS A 1 60  ? 6.069   -4.650  -17.415 1.00 9.04  ? 68  LYS A CA  1 
ATOM   491  C  C   . LYS A 1 60  ? 7.179   -5.687  -17.283 1.00 9.38  ? 68  LYS A C   1 
ATOM   492  O  O   . LYS A 1 60  ? 7.658   -6.234  -18.276 1.00 8.97  ? 68  LYS A O   1 
ATOM   493  C  CB  . LYS A 1 60  ? 6.641   -3.244  -17.226 1.00 9.84  ? 68  LYS A CB  1 
ATOM   494  C  CG  . LYS A 1 60  ? 7.650   -2.842  -18.275 1.00 14.03 ? 68  LYS A CG  1 
ATOM   495  C  CD  . LYS A 1 60  ? 8.080   -1.382  -18.096 1.00 18.56 ? 68  LYS A CD  1 
ATOM   496  C  CE  . LYS A 1 60  ? 9.002   -0.918  -19.221 1.00 21.13 ? 68  LYS A CE  1 
ATOM   497  N  NZ  . LYS A 1 60  ? 8.256   -0.513  -20.454 1.00 21.67 ? 68  LYS A NZ  1 
ATOM   498  N  N   . MET A 1 61  ? 7.580   -5.969  -16.051 1.00 9.48  ? 69  MET A N   1 
ATOM   499  C  CA  . MET A 1 61  ? 8.596   -6.972  -15.782 1.00 9.41  ? 69  MET A CA  1 
ATOM   500  C  C   . MET A 1 61  ? 8.136   -8.371  -16.226 1.00 9.20  ? 69  MET A C   1 
ATOM   501  O  O   . MET A 1 61  ? 8.915   -9.108  -16.844 1.00 9.72  ? 69  MET A O   1 
ATOM   502  C  CB  . MET A 1 61  ? 8.951   -6.943  -14.292 1.00 9.30  ? 69  MET A CB  1 
ATOM   503  C  CG  . MET A 1 61  ? 10.008  -7.968  -13.871 1.00 9.55  ? 69  MET A CG  1 
ATOM   504  S  SD  . MET A 1 61  ? 9.329   -9.628  -13.579 1.00 11.67 ? 69  MET A SD  1 
ATOM   505  C  CE  . MET A 1 61  ? 8.447   -9.366  -12.089 1.00 13.58 ? 69  MET A CE  1 
ATOM   506  N  N   . GLN A 1 62  ? 6.893   -8.731  -15.909 1.00 8.92  ? 70  GLN A N   1 
ATOM   507  C  CA  . GLN A 1 62  ? 6.313   -10.015 -16.331 1.00 9.51  ? 70  GLN A CA  1 
ATOM   508  C  C   . GLN A 1 62  ? 6.507   -10.198 -17.843 1.00 9.48  ? 70  GLN A C   1 
ATOM   509  O  O   . GLN A 1 62  ? 7.024   -11.219 -18.304 1.00 9.62  ? 70  GLN A O   1 
ATOM   510  C  CB  . GLN A 1 62  ? 4.819   -10.069 -15.932 1.00 10.16 ? 70  GLN A CB  1 
ATOM   511  C  CG  . GLN A 1 62  ? 4.058   -11.332 -16.352 1.00 12.44 ? 70  GLN A CG  1 
ATOM   512  C  CD  . GLN A 1 62  ? 4.283   -12.497 -15.394 1.00 13.80 ? 70  GLN A CD  1 
ATOM   513  O  OE1 . GLN A 1 62  ? 5.340   -13.115 -15.409 1.00 15.62 ? 70  GLN A OE1 1 
ATOM   514  N  NE2 . GLN A 1 62  ? 3.291   -12.799 -14.576 1.00 13.77 ? 70  GLN A NE2 1 
ATOM   515  N  N   . ASN A 1 63  ? 6.128   -9.187  -18.620 1.00 8.87  ? 71  ASN A N   1 
ATOM   516  C  CA  . ASN A 1 63  ? 6.318   -9.256  -20.065 1.00 9.21  ? 71  ASN A CA  1 
ATOM   517  C  C   . ASN A 1 63  ? 7.784   -9.286  -20.470 1.00 9.37  ? 71  ASN A C   1 
ATOM   518  O  O   . ASN A 1 63  ? 8.153   -10.025 -21.391 1.00 8.93  ? 71  ASN A O   1 
ATOM   519  C  CB  . ASN A 1 63  ? 5.583   -8.115  -20.762 1.00 8.82  ? 71  ASN A CB  1 
ATOM   520  C  CG  . ASN A 1 63  ? 4.122   -8.448  -21.045 1.00 10.20 ? 71  ASN A CG  1 
ATOM   521  O  OD1 . ASN A 1 63  ? 3.690   -9.590  -20.908 1.00 12.57 ? 71  ASN A OD1 1 
ATOM   522  N  ND2 . ASN A 1 63  ? 3.364   -7.448  -21.429 1.00 8.00  ? 71  ASN A ND2 1 
ATOM   523  N  N   . GLN A 1 64  ? 8.627   -8.521  -19.787 1.00 9.08  ? 72  GLN A N   1 
ATOM   524  C  CA  . GLN A 1 64  ? 10.054  -8.546  -20.121 1.00 10.29 ? 72  GLN A CA  1 
ATOM   525  C  C   . GLN A 1 64  ? 10.660  -9.935  -19.963 1.00 10.24 ? 72  GLN A C   1 
ATOM   526  O  O   . GLN A 1 64  ? 11.535  -10.310 -20.739 1.00 11.38 ? 72  GLN A O   1 
ATOM   527  C  CB  . GLN A 1 64  ? 10.838  -7.528  -19.301 1.00 10.95 ? 72  GLN A CB  1 
ATOM   528  C  CG  . GLN A 1 64  ? 10.601  -6.108  -19.758 1.00 12.43 ? 72  GLN A CG  1 
ATOM   529  C  CD  . GLN A 1 64  ? 11.125  -5.064  -18.793 1.00 16.49 ? 72  GLN A CD  1 
ATOM   530  O  OE1 . GLN A 1 64  ? 11.541  -5.382  -17.680 1.00 20.55 ? 72  GLN A OE1 1 
ATOM   531  N  NE2 . GLN A 1 64  ? 11.064  -3.803  -19.206 1.00 21.39 ? 72  GLN A NE2 1 
ATOM   532  N  N   . ARG A 1 65  ? 10.162  -10.694 -18.986 1.00 10.31 ? 73  ARG A N   1 
ATOM   533  C  CA  . ARG A 1 65  ? 10.643  -12.054 -18.713 1.00 10.21 ? 73  ARG A CA  1 
ATOM   534  C  C   . ARG A 1 65  ? 9.976   -13.110 -19.602 1.00 10.76 ? 73  ARG A C   1 
ATOM   535  O  O   . ARG A 1 65  ? 10.365  -14.284 -19.580 1.00 11.39 ? 73  ARG A O   1 
ATOM   536  C  CB  . ARG A 1 65  ? 10.410  -12.395 -17.229 1.00 10.55 ? 73  ARG A CB  1 
ATOM   537  C  CG  . ARG A 1 65  ? 11.273  -11.607 -16.236 1.00 10.77 ? 73  ARG A CG  1 
ATOM   538  C  CD  . ARG A 1 65  ? 12.785  -11.782 -16.403 1.00 13.39 ? 73  ARG A CD  1 
ATOM   539  N  NE  . ARG A 1 65  ? 13.211  -13.177 -16.286 1.00 12.92 ? 73  ARG A NE  1 
ATOM   540  C  CZ  . ARG A 1 65  ? 13.446  -13.814 -15.142 1.00 13.05 ? 73  ARG A CZ  1 
ATOM   541  N  NH1 . ARG A 1 65  ? 13.293  -13.194 -13.977 1.00 13.68 ? 73  ARG A NH1 1 
ATOM   542  N  NH2 . ARG A 1 65  ? 13.836  -15.084 -15.175 1.00 14.16 ? 73  ARG A NH2 1 
ATOM   543  N  N   . GLY A 1 66  ? 8.953   -12.711 -20.351 1.00 10.53 ? 74  GLY A N   1 
ATOM   544  C  CA  . GLY A 1 66  ? 8.236   -13.630 -21.217 1.00 10.58 ? 74  GLY A CA  1 
ATOM   545  C  C   . GLY A 1 66  ? 7.079   -14.351 -20.550 1.00 10.39 ? 74  GLY A C   1 
ATOM   546  O  O   . GLY A 1 66  ? 6.560   -15.323 -21.099 1.00 11.49 ? 74  GLY A O   1 
ATOM   547  N  N   . GLY A 1 67  ? 6.671   -13.878 -19.374 1.00 10.64 ? 75  GLY A N   1 
ATOM   548  C  CA  . GLY A 1 67  ? 5.528   -14.423 -18.682 1.00 10.98 ? 75  GLY A CA  1 
ATOM   549  C  C   . GLY A 1 67  ? 4.234   -13.892 -19.261 1.00 10.65 ? 75  GLY A C   1 
ATOM   550  O  O   . GLY A 1 67  ? 4.225   -12.979 -20.096 1.00 11.53 ? 75  GLY A O   1 
ATOM   551  N  N   . ARG A 1 68  ? 3.122   -14.524 -18.842 1.00 10.69 ? 76  ARG A N   1 
ATOM   552  C  CA  . ARG A 1 68  ? 1.821   -14.028 -19.319 1.00 10.74 ? 76  ARG A CA  1 
ATOM   553  C  C   . ARG A 1 68  ? 1.044   -13.399 -18.162 1.00 10.29 ? 76  ARG A C   1 
ATOM   554  O  O   . ARG A 1 68  ? 0.711   -14.070 -17.175 1.00 10.17 ? 76  ARG A O   1 
ATOM   555  C  CB  . ARG A 1 68  ? 0.993   -15.181 -19.897 1.00 11.43 ? 76  ARG A CB  1 
ATOM   556  C  CG  . ARG A 1 68  ? -0.360  -14.722 -20.451 1.00 15.15 ? 76  ARG A CG  1 
ATOM   557  C  CD  . ARG A 1 68  ? -1.219  -15.875 -20.976 1.00 18.79 ? 76  ARG A CD  1 
ATOM   558  N  NE  . ARG A 1 68  ? -0.570  -16.610 -22.065 1.00 20.33 ? 76  ARG A NE  1 
ATOM   559  C  CZ  . ARG A 1 68  ? -0.671  -16.276 -23.354 1.00 21.74 ? 76  ARG A CZ  1 
ATOM   560  N  NH1 . ARG A 1 68  ? -1.402  -15.219 -23.739 1.00 21.41 ? 76  ARG A NH1 1 
ATOM   561  N  NH2 . ARG A 1 68  ? -0.068  -16.944 -24.345 1.00 22.01 ? 76  ARG A NH2 1 
ATOM   562  N  N   . ALA A 1 69  ? 0.759   -12.120 -18.310 1.00 9.78  ? 77  ALA A N   1 
ATOM   563  C  CA  . ALA A 1 69  ? -0.030  -11.413 -17.319 1.00 10.68 ? 77  ALA A CA  1 
ATOM   564  C  C   . ALA A 1 69  ? -1.429  -11.989 -17.372 1.00 10.77 ? 77  ALA A C   1 
ATOM   565  O  O   . ALA A 1 69  ? -2.014  -12.126 -18.457 1.00 12.46 ? 77  ALA A O   1 
ATOM   566  C  CB  . ALA A 1 69  ? -0.064  -9.942  -17.651 1.00 11.95 ? 77  ALA A CB  1 
ATOM   567  N  N   . LEU A 1 70  ? -1.957  -12.318 -16.198 1.00 10.76 ? 78  LEU A N   1 
ATOM   568  C  CA  . LEU A 1 70  ? -3.312  -12.834 -16.065 1.00 12.05 ? 78  LEU A CA  1 
ATOM   569  C  C   . LEU A 1 70  ? -3.952  -12.084 -14.927 1.00 12.05 ? 78  LEU A C   1 
ATOM   570  O  O   . LEU A 1 70  ? -3.388  -11.979 -13.827 1.00 14.78 ? 78  LEU A O   1 
ATOM   571  C  CB  . LEU A 1 70  ? -3.307  -14.331 -15.779 1.00 12.91 ? 78  LEU A CB  1 
ATOM   572  C  CG  . LEU A 1 70  ? -2.950  -15.203 -16.986 1.00 14.79 ? 78  LEU A CG  1 
ATOM   573  C  CD1 . LEU A 1 70  ? -2.925  -16.652 -16.535 1.00 17.93 ? 78  LEU A CD1 1 
ATOM   574  C  CD2 . LEU A 1 70  ? -3.939  -15.010 -18.153 1.00 17.74 ? 78  LEU A CD2 1 
ATOM   575  N  N   . PHE A 1 71  ? -5.136  -11.572 -15.193 1.00 10.76 ? 79  PHE A N   1 
ATOM   576  C  CA  . PHE A 1 71  ? -5.838  -10.733 -14.237 1.00 10.45 ? 79  PHE A CA  1 
ATOM   577  C  C   . PHE A 1 71  ? -6.997  -11.485 -13.612 1.00 10.41 ? 79  PHE A C   1 
ATOM   578  O  O   . PHE A 1 71  ? -7.623  -12.329 -14.250 1.00 11.44 ? 79  PHE A O   1 
ATOM   579  C  CB  . PHE A 1 71  ? -6.328  -9.470  -14.940 1.00 10.26 ? 79  PHE A CB  1 
ATOM   580  C  CG  . PHE A 1 71  ? -5.212  -8.618  -15.472 1.00 10.69 ? 79  PHE A CG  1 
ATOM   581  C  CD1 . PHE A 1 71  ? -4.815  -8.723  -16.799 1.00 11.05 ? 79  PHE A CD1 1 
ATOM   582  C  CD2 . PHE A 1 71  ? -4.517  -7.748  -14.624 1.00 12.08 ? 79  PHE A CD2 1 
ATOM   583  C  CE1 . PHE A 1 71  ? -3.769  -7.954  -17.297 1.00 11.36 ? 79  PHE A CE1 1 
ATOM   584  C  CE2 . PHE A 1 71  ? -3.471  -6.964  -15.110 1.00 13.05 ? 79  PHE A CE2 1 
ATOM   585  C  CZ  . PHE A 1 71  ? -3.101  -7.066  -16.452 1.00 11.09 ? 79  PHE A CZ  1 
ATOM   586  N  N   . GLN A 1 72  ? -7.236  -11.195 -12.344 1.00 9.54  ? 80  GLN A N   1 
ATOM   587  C  CA  . GLN A 1 72  ? -8.340  -11.799 -11.612 1.00 10.29 ? 80  GLN A CA  1 
ATOM   588  C  C   . GLN A 1 72  ? -9.250  -10.708 -11.086 1.00 9.93  ? 80  GLN A C   1 
ATOM   589  O  O   . GLN A 1 72  ? -8.889  -9.532  -11.086 1.00 9.85  ? 80  GLN A O   1 
ATOM   590  C  CB  . GLN A 1 72  ? -7.823  -12.676 -10.461 1.00 11.06 ? 80  GLN A CB  1 
ATOM   591  C  CG  . GLN A 1 72  ? -6.854  -13.797 -10.915 1.00 14.05 ? 80  GLN A CG  1 
ATOM   592  C  CD  . GLN A 1 72  ? -7.468  -14.825 -11.855 1.00 19.35 ? 80  GLN A CD  1 
ATOM   593  O  OE1 . GLN A 1 72  ? -6.735  -15.547 -12.539 1.00 22.54 ? 80  GLN A OE1 1 
ATOM   594  N  NE2 . GLN A 1 72  ? -8.798  -14.908 -11.891 1.00 19.91 ? 80  GLN A NE2 1 
ATOM   595  N  N   . ASP A 1 73  ? -10.424 -11.101 -10.605 1.00 8.73  ? 81  ASP A N   1 
ATOM   596  C  CA  . ASP A 1 73  ? -11.334 -10.143 -10.010 1.00 8.53  ? 81  ASP A CA  1 
ATOM   597  C  C   . ASP A 1 73  ? -10.596 -9.384  -8.892  1.00 8.95  ? 81  ASP A C   1 
ATOM   598  O  O   . ASP A 1 73  ? -9.714  -9.950  -8.206  1.00 9.15  ? 81  ASP A O   1 
ATOM   599  C  CB  . ASP A 1 73  ? -12.585 -10.857 -9.420  1.00 8.51  ? 81  ASP A CB  1 
ATOM   600  C  CG  . ASP A 1 73  ? -13.426 -11.657 -10.459 1.00 9.10  ? 81  ASP A CG  1 
ATOM   601  O  OD1 . ASP A 1 73  ? -13.568 -11.271 -11.636 1.00 6.17  ? 81  ASP A OD1 1 
ATOM   602  O  OD2 . ASP A 1 73  ? -14.021 -12.706 -10.134 1.00 7.03  ? 81  ASP A OD2 1 
ATOM   603  N  N   . LEU A 1 74  ? -10.918 -8.100  -8.719  1.00 9.29  ? 82  LEU A N   1 
ATOM   604  C  CA  . LEU A 1 74  ? -10.333 -7.310  -7.644  1.00 10.54 ? 82  LEU A CA  1 
ATOM   605  C  C   . LEU A 1 74  ? -11.353 -7.187  -6.530  1.00 10.86 ? 82  LEU A C   1 
ATOM   606  O  O   . LEU A 1 74  ? -12.398 -6.546  -6.698  1.00 10.74 ? 82  LEU A O   1 
ATOM   607  C  CB  . LEU A 1 74  ? -9.953  -5.904  -8.134  1.00 12.39 ? 82  LEU A CB  1 
ATOM   608  C  CG  . LEU A 1 74  ? -8.811  -5.676  -9.105  1.00 15.05 ? 82  LEU A CG  1 
ATOM   609  C  CD1 . LEU A 1 74  ? -8.558  -4.173  -9.136  1.00 17.76 ? 82  LEU A CD1 1 
ATOM   610  C  CD2 . LEU A 1 74  ? -7.562  -6.431  -8.689  1.00 15.39 ? 82  LEU A CD2 1 
ATOM   611  N  N   . GLN A 1 75  ? -11.057 -7.794  -5.391  1.00 11.20 ? 83  GLN A N   1 
ATOM   612  C  CA  . GLN A 1 75  ? -11.968 -7.658  -4.262  1.00 12.38 ? 83  GLN A CA  1 
ATOM   613  C  C   . GLN A 1 75  ? -12.048 -6.231  -3.766  1.00 11.73 ? 83  GLN A C   1 
ATOM   614  O  O   . GLN A 1 75  ? -11.051 -5.507  -3.748  1.00 12.19 ? 83  GLN A O   1 
ATOM   615  C  CB  . GLN A 1 75  ? -11.646 -8.602  -3.118  1.00 14.26 ? 83  GLN A CB  1 
ATOM   616  C  CG  . GLN A 1 75  ? -10.267 -8.610  -2.644  1.00 18.91 ? 83  GLN A CG  1 
ATOM   617  C  CD  . GLN A 1 75  ? -9.926  -9.944  -2.022  1.00 23.49 ? 83  GLN A CD  1 
ATOM   618  O  OE1 . GLN A 1 75  ? -9.333  -10.817 -2.672  1.00 26.10 ? 83  GLN A OE1 1 
ATOM   619  N  NE2 . GLN A 1 75  ? -10.299 -10.111 -0.759  0.50 23.00 ? 83  GLN A NE2 1 
ATOM   620  N  N   . LYS A 1 76  ? -13.250 -5.839  -3.380  1.00 10.77 ? 84  LYS A N   1 
ATOM   621  C  CA  . LYS A 1 76  ? -13.497 -4.520  -2.826  1.00 10.22 ? 84  LYS A CA  1 
ATOM   622  C  C   . LYS A 1 76  ? -12.746 -4.359  -1.503  1.00 9.73  ? 84  LYS A C   1 
ATOM   623  O  O   . LYS A 1 76  ? -12.361 -5.347  -0.870  1.00 9.71  ? 84  LYS A O   1 
ATOM   624  C  CB  . LYS A 1 76  ? -14.998 -4.301  -2.650  1.00 10.53 ? 84  LYS A CB  1 
ATOM   625  C  CG  . LYS A 1 76  ? -15.614 -5.065  -1.504  1.00 11.32 ? 84  LYS A CG  1 
ATOM   626  C  CD  . LYS A 1 76  ? -17.061 -4.655  -1.320  1.00 12.31 ? 84  LYS A CD  1 
ATOM   627  C  CE  . LYS A 1 76  ? -17.628 -5.206  -0.047  1.00 14.52 ? 84  LYS A CE  1 
ATOM   628  N  NZ  . LYS A 1 76  ? -19.110 -5.014  0.016   1.00 18.15 ? 84  LYS A NZ  1 
ATOM   629  N  N   . PRO A 1 77  ? -12.490 -3.124  -1.097  1.00 9.05  ? 85  PRO A N   1 
ATOM   630  C  CA  . PRO A 1 77  ? -11.814 -2.904  0.187   1.00 9.21  ? 85  PRO A CA  1 
ATOM   631  C  C   . PRO A 1 77  ? -12.585 -3.494  1.355   1.00 9.89  ? 85  PRO A C   1 
ATOM   632  O  O   . PRO A 1 77  ? -13.798 -3.724  1.264   1.00 10.50 ? 85  PRO A O   1 
ATOM   633  C  CB  . PRO A 1 77  ? -11.754 -1.384  0.289   1.00 9.21  ? 85  PRO A CB  1 
ATOM   634  C  CG  . PRO A 1 77  ? -11.806 -0.930  -1.148  1.00 9.47  ? 85  PRO A CG  1 
ATOM   635  C  CD  . PRO A 1 77  ? -12.783 -1.860  -1.794  1.00 9.19  ? 85  PRO A CD  1 
ATOM   636  N  N   . SER A 1 78  ? -11.887 -3.714  2.459   1.00 9.52  ? 86  SER A N   1 
ATOM   637  C  CA  . SER A 1 78  ? -12.450 -4.466  3.585   1.00 10.67 ? 86  SER A CA  1 
ATOM   638  C  C   . SER A 1 78  ? -13.489 -3.689  4.402   1.00 10.83 ? 86  SER A C   1 
ATOM   639  O  O   . SER A 1 78  ? -14.255 -4.283  5.158   1.00 12.21 ? 86  SER A O   1 
ATOM   640  C  CB  . SER A 1 78  ? -11.332 -4.979  4.495   1.00 11.10 ? 86  SER A CB  1 
ATOM   641  O  OG  . SER A 1 78  ? -10.635 -3.900  5.093   1.00 14.18 ? 86  SER A OG  1 
ATOM   642  N  N   . GLN A 1 79  ? -13.498 -2.362  4.251   1.00 10.08 ? 87  GLN A N   1 
ATOM   643  C  CA  . GLN A 1 79  ? -14.449 -1.487  4.943   1.00 10.25 ? 87  GLN A CA  1 
ATOM   644  C  C   . GLN A 1 79  ? -15.067 -0.512  3.965   1.00 9.94  ? 87  GLN A C   1 
ATOM   645  O  O   . GLN A 1 79  ? -14.449 -0.182  2.946   1.00 9.86  ? 87  GLN A O   1 
ATOM   646  C  CB  . GLN A 1 79  ? -13.750 -0.707  6.074   1.00 10.03 ? 87  GLN A CB  1 
ATOM   647  C  CG  . GLN A 1 79  ? -13.100 -1.637  7.120   1.00 11.86 ? 87  GLN A CG  1 
ATOM   648  C  CD  . GLN A 1 79  ? -12.287 -0.936  8.184   1.00 15.88 ? 87  GLN A CD  1 
ATOM   649  O  OE1 . GLN A 1 79  ? -11.298 -1.496  8.666   1.00 19.35 ? 87  GLN A OE1 1 
ATOM   650  N  NE2 . GLN A 1 79  ? -12.710 0.260   8.589   1.00 16.52 ? 87  GLN A NE2 1 
ATOM   651  N  N   . ASP A 1 80  ? -16.279 -0.046  4.289   1.00 9.59  ? 88  ASP A N   1 
ATOM   652  C  CA  . ASP A 1 80  ? -16.925 1.038   3.556   1.00 10.19 ? 88  ASP A CA  1 
ATOM   653  C  C   . ASP A 1 80  ? -16.692 2.398   4.204   1.00 10.25 ? 88  ASP A C   1 
ATOM   654  O  O   . ASP A 1 80  ? -16.812 3.428   3.535   1.00 10.68 ? 88  ASP A O   1 
ATOM   655  C  CB  . ASP A 1 80  ? -18.438 0.814   3.464   1.00 10.22 ? 88  ASP A CB  1 
ATOM   656  C  CG  . ASP A 1 80  ? -18.797 -0.415  2.684   1.00 12.36 ? 88  ASP A CG  1 
ATOM   657  O  OD1 . ASP A 1 80  ? -18.131 -0.722  1.672   1.00 11.58 ? 88  ASP A OD1 1 
ATOM   658  O  OD2 . ASP A 1 80  ? -19.769 -1.122  3.003   1.00 15.49 ? 88  ASP A OD2 1 
ATOM   659  N  N   . GLU A 1 81  ? -16.415 2.390   5.504   1.00 10.20 ? 89  GLU A N   1 
ATOM   660  C  CA  . GLU A 1 81  ? -16.124 3.596   6.276   1.00 10.69 ? 89  GLU A CA  1 
ATOM   661  C  C   . GLU A 1 81  ? -14.897 3.281   7.093   1.00 9.78  ? 89  GLU A C   1 
ATOM   662  O  O   . GLU A 1 81  ? -14.724 2.154   7.529   1.00 9.86  ? 89  GLU A O   1 
ATOM   663  C  CB  . GLU A 1 81  ? -17.276 3.935   7.221   1.00 11.87 ? 89  GLU A CB  1 
ATOM   664  C  CG  . GLU A 1 81  ? -18.617 4.193   6.562   1.00 16.31 ? 89  GLU A CG  1 
ATOM   665  C  CD  . GLU A 1 81  ? -19.636 4.706   7.556   1.00 23.25 ? 89  GLU A CD  1 
ATOM   666  O  OE1 . GLU A 1 81  ? -19.556 4.325   8.746   1.00 26.59 ? 89  GLU A OE1 1 
ATOM   667  O  OE2 . GLU A 1 81  ? -20.499 5.515   7.156   1.00 26.66 ? 89  GLU A OE2 1 
ATOM   668  N  N   . TRP A 1 82  ? -14.059 4.286   7.325   1.00 9.20  ? 90  TRP A N   1 
ATOM   669  C  CA  . TRP A 1 82  ? -12.719 4.032   7.839   1.00 8.91  ? 90  TRP A CA  1 
ATOM   670  C  C   . TRP A 1 82  ? -12.428 4.680   9.193   1.00 9.15  ? 90  TRP A C   1 
ATOM   671  O  O   . TRP A 1 82  ? -11.278 4.708   9.630   1.00 10.36 ? 90  TRP A O   1 
ATOM   672  C  CB  . TRP A 1 82  ? -11.686 4.440   6.782   1.00 8.94  ? 90  TRP A CB  1 
ATOM   673  C  CG  . TRP A 1 82  ? -11.816 3.640   5.517   1.00 7.98  ? 90  TRP A CG  1 
ATOM   674  C  CD1 . TRP A 1 82  ? -12.450 4.014   4.364   1.00 7.46  ? 90  TRP A CD1 1 
ATOM   675  C  CD2 . TRP A 1 82  ? -11.279 2.337   5.279   1.00 7.29  ? 90  TRP A CD2 1 
ATOM   676  N  NE1 . TRP A 1 82  ? -12.358 3.003   3.430   1.00 8.38  ? 90  TRP A NE1 1 
ATOM   677  C  CE2 . TRP A 1 82  ? -11.634 1.968   3.963   1.00 8.71  ? 90  TRP A CE2 1 
ATOM   678  C  CE3 . TRP A 1 82  ? -10.528 1.436   6.050   1.00 8.46  ? 90  TRP A CE3 1 
ATOM   679  C  CZ2 . TRP A 1 82  ? -11.258 0.734   3.398   1.00 7.50  ? 90  TRP A CZ2 1 
ATOM   680  C  CZ3 . TRP A 1 82  ? -10.157 0.218   5.492   1.00 8.95  ? 90  TRP A CZ3 1 
ATOM   681  C  CH2 . TRP A 1 82  ? -10.530 -0.124  4.175   1.00 9.54  ? 90  TRP A CH2 1 
ATOM   682  N  N   . GLY A 1 83  ? -13.469 5.178   9.855   1.00 8.95  ? 91  GLY A N   1 
ATOM   683  C  CA  . GLY A 1 83  ? -13.324 5.656   11.220  1.00 9.60  ? 91  GLY A CA  1 
ATOM   684  C  C   . GLY A 1 83  ? -12.566 6.966   11.349  1.00 9.64  ? 91  GLY A C   1 
ATOM   685  O  O   . GLY A 1 83  ? -12.786 7.905   10.589  1.00 10.15 ? 91  GLY A O   1 
ATOM   686  N  N   . THR A 1 84  ? -11.687 7.015   12.340  1.00 9.76  ? 92  THR A N   1 
ATOM   687  C  CA  . THR A 1 84  ? -10.910 8.217   12.639  1.00 11.47 ? 92  THR A CA  1 
ATOM   688  C  C   . THR A 1 84  ? -9.561  8.119   11.941  1.00 10.27 ? 92  THR A C   1 
ATOM   689  O  O   . THR A 1 84  ? -9.208  7.062   11.420  1.00 10.05 ? 92  THR A O   1 
ATOM   690  C  CB  . THR A 1 84  ? -10.689 8.335   14.171  1.00 11.11 ? 92  THR A CB  1 
ATOM   691  O  OG1 . THR A 1 84  ? -9.953  7.194   14.626  1.00 14.65 ? 92  THR A OG1 1 
ATOM   692  C  CG2 . THR A 1 84  ? -12.027 8.252   14.932  1.00 14.82 ? 92  THR A CG2 1 
ATOM   693  N  N   . THR A 1 85  ? -8.801  9.217   11.931  1.00 10.25 ? 93  THR A N   1 
ATOM   694  C  CA  . THR A 1 85  ? -7.449  9.180   11.368  1.00 9.91  ? 93  THR A CA  1 
ATOM   695  C  C   . THR A 1 85  ? -6.568  8.048   11.937  1.00 9.55  ? 93  THR A C   1 
ATOM   696  O  O   . THR A 1 85  ? -5.948  7.329   11.146  1.00 9.16  ? 93  THR A O   1 
ATOM   697  C  CB  . THR A 1 85  ? -6.743  10.544  11.494  1.00 9.57  ? 93  THR A CB  1 
ATOM   698  O  OG1 . THR A 1 85  ? -7.529  11.548  10.834  1.00 10.58 ? 93  THR A OG1 1 
ATOM   699  C  CG2 . THR A 1 85  ? -5.440  10.544  10.702  1.00 10.60 ? 93  THR A CG2 1 
ATOM   700  N  N   . PRO A 1 86  ? -6.487  7.859   13.266  1.00 9.70  ? 94  PRO A N   1 
ATOM   701  C  CA  . PRO A 1 86  ? -5.715  6.716   13.766  1.00 9.62  ? 94  PRO A CA  1 
ATOM   702  C  C   . PRO A 1 86  ? -6.276  5.378   13.292  1.00 9.21  ? 94  PRO A C   1 
ATOM   703  O  O   . PRO A 1 86  ? -5.472  4.513   12.974  1.00 9.85  ? 94  PRO A O   1 
ATOM   704  C  CB  . PRO A 1 86  ? -5.811  6.830   15.294  1.00 10.67 ? 94  PRO A CB  1 
ATOM   705  C  CG  . PRO A 1 86  ? -6.936  7.782   15.553  1.00 11.49 ? 94  PRO A CG  1 
ATOM   706  C  CD  . PRO A 1 86  ? -7.020  8.685   14.372  1.00 9.66  ? 94  PRO A CD  1 
ATOM   707  N  N   . ASP A 1 87  ? -7.597  5.214   13.209  1.00 9.88  ? 95  ASP A N   1 
ATOM   708  C  CA  . ASP A 1 87  ? -8.143  3.963   12.677  1.00 9.76  ? 95  ASP A CA  1 
ATOM   709  C  C   . ASP A 1 87  ? -7.631  3.700   11.259  1.00 9.49  ? 95  ASP A C   1 
ATOM   710  O  O   . ASP A 1 87  ? -7.244  2.588   10.904  1.00 9.71  ? 95  ASP A O   1 
ATOM   711  C  CB  . ASP A 1 87  ? -9.674  4.001   12.617  1.00 9.77  ? 95  ASP A CB  1 
ATOM   712  C  CG  . ASP A 1 87  ? -10.333 4.092   13.973  1.00 11.45 ? 95  ASP A CG  1 
ATOM   713  O  OD1 . ASP A 1 87  ? -9.787  3.587   14.983  1.00 13.54 ? 95  ASP A OD1 1 
ATOM   714  O  OD2 . ASP A 1 87  ? -11.451 4.654   14.099  1.00 14.23 ? 95  ASP A OD2 1 
ATOM   715  N  N   . ALA A 1 88  ? -7.678  4.733   10.429  1.00 8.35  ? 96  ALA A N   1 
ATOM   716  C  CA  . ALA A 1 88  ? -7.288  4.604   9.037   1.00 8.61  ? 96  ALA A CA  1 
ATOM   717  C  C   . ALA A 1 88  ? -5.796  4.358   8.877   1.00 9.07  ? 96  ALA A C   1 
ATOM   718  O  O   . ALA A 1 88  ? -5.371  3.551   8.047   1.00 9.24  ? 96  ALA A O   1 
ATOM   719  C  CB  . ALA A 1 88  ? -7.710  5.837   8.282   1.00 8.51  ? 96  ALA A CB  1 
ATOM   720  N  N   . MET A 1 89  ? -4.992  5.040   9.688   1.00 8.65  ? 97  MET A N   1 
ATOM   721  C  CA  . MET A 1 89  ? -3.550  4.831   9.605   1.00 8.57  ? 97  MET A CA  1 
ATOM   722  C  C   . MET A 1 89  ? -3.168  3.428   10.069  1.00 9.22  ? 97  MET A C   1 
ATOM   723  O  O   . MET A 1 89  ? -2.281  2.818   9.481   1.00 9.67  ? 97  MET A O   1 
ATOM   724  C  CB  . MET A 1 89  ? -2.784  5.904   10.379  1.00 8.64  ? 97  MET A CB  1 
ATOM   725  C  CG  . MET A 1 89  ? -1.306  6.030   9.979   1.00 10.76 ? 97  MET A CG  1 
ATOM   726  S  SD  . MET A 1 89  ? -1.051  6.555   8.262   1.00 11.41 ? 97  MET A SD  1 
ATOM   727  C  CE  . MET A 1 89  ? -1.792  8.091   8.302   1.00 11.25 ? 97  MET A CE  1 
ATOM   728  N  N   . LYS A 1 90  ? -3.852  2.917   11.096  1.00 9.48  ? 98  LYS A N   1 
ATOM   729  C  CA  . LYS A 1 90  ? -3.654  1.528   11.510  1.00 10.27 ? 98  LYS A CA  1 
ATOM   730  C  C   . LYS A 1 90  ? -4.002  0.555   10.390  1.00 10.15 ? 98  LYS A C   1 
ATOM   731  O  O   . LYS A 1 90  ? -3.234  -0.390  10.127  1.00 10.37 ? 98  LYS A O   1 
ATOM   732  C  CB  . LYS A 1 90  ? -4.473  1.191   12.763  1.00 10.19 ? 98  LYS A CB  1 
ATOM   733  C  CG  . LYS A 1 90  ? -3.887  1.744   14.045  1.00 12.27 ? 98  LYS A CG  1 
ATOM   734  C  CD  . LYS A 1 90  ? -4.847  1.526   15.206  1.00 16.32 ? 98  LYS A CD  1 
ATOM   735  C  CE  . LYS A 1 90  ? -4.525  2.416   16.388  1.00 19.45 ? 98  LYS A CE  1 
ATOM   736  N  NZ  . LYS A 1 90  ? -5.491  2.134   17.503  1.00 21.34 ? 98  LYS A NZ  1 
ATOM   737  N  N   . ALA A 1 91  ? -5.145  0.774   9.730   1.00 9.68  ? 99  ALA A N   1 
ATOM   738  C  CA  . ALA A 1 91  ? -5.551  -0.079  8.612   1.00 9.64  ? 99  ALA A CA  1 
ATOM   739  C  C   . ALA A 1 91  ? -4.514  -0.041  7.497   1.00 9.95  ? 99  ALA A C   1 
ATOM   740  O  O   . ALA A 1 91  ? -4.175  -1.082  6.917   1.00 10.23 ? 99  ALA A O   1 
ATOM   741  C  CB  . ALA A 1 91  ? -6.929  0.342   8.090   1.00 10.03 ? 99  ALA A CB  1 
ATOM   742  N  N   . ALA A 1 92  ? -3.987  1.149   7.214   1.00 9.55  ? 100 ALA A N   1 
ATOM   743  C  CA  . ALA A 1 92  ? -2.971  1.298   6.174   1.00 9.66  ? 100 ALA A CA  1 
ATOM   744  C  C   . ALA A 1 92  ? -1.690  0.546   6.512   1.00 10.13 ? 100 ALA A C   1 
ATOM   745  O  O   . ALA A 1 92  ? -1.068  -0.053  5.630   1.00 9.83  ? 100 ALA A O   1 
ATOM   746  C  CB  . ALA A 1 92  ? -2.681  2.773   5.900   1.00 10.00 ? 100 ALA A CB  1 
ATOM   747  N  N   . ILE A 1 93  ? -1.313  0.567   7.788   1.00 9.88  ? 101 ILE A N   1 
ATOM   748  C  CA  . ILE A 1 93  ? -0.102  -0.143  8.227   1.00 9.96  ? 101 ILE A CA  1 
ATOM   749  C  C   . ILE A 1 93  ? -0.285  -1.654  8.055   1.00 10.25 ? 101 ILE A C   1 
ATOM   750  O  O   . ILE A 1 93  ? 0.623   -2.346  7.565   1.00 11.02 ? 101 ILE A O   1 
ATOM   751  C  CB  . ILE A 1 93  ? 0.257   0.227   9.681   1.00 10.19 ? 101 ILE A CB  1 
ATOM   752  C  CG1 . ILE A 1 93  ? 0.807   1.654   9.730   1.00 9.80  ? 101 ILE A CG1 1 
ATOM   753  C  CG2 . ILE A 1 93  ? 1.271   -0.774  10.259  1.00 11.43 ? 101 ILE A CG2 1 
ATOM   754  C  CD1 . ILE A 1 93  ? 0.864   2.267   11.147  1.00 10.43 ? 101 ILE A CD1 1 
ATOM   755  N  N   . VAL A 1 94  ? -1.455  -2.158  8.447   1.00 10.58 ? 102 VAL A N   1 
ATOM   756  C  CA  . VAL A 1 94  ? -1.772  -3.579  8.292   1.00 11.36 ? 102 VAL A CA  1 
ATOM   757  C  C   . VAL A 1 94  ? -1.694  -3.957  6.799   1.00 11.06 ? 102 VAL A C   1 
ATOM   758  O  O   . VAL A 1 94  ? -1.086  -4.971  6.443   1.00 11.10 ? 102 VAL A O   1 
ATOM   759  C  CB  . VAL A 1 94  ? -3.147  -3.919  8.898   1.00 11.49 ? 102 VAL A CB  1 
ATOM   760  C  CG1 . VAL A 1 94  ? -3.547  -5.348  8.542   1.00 13.71 ? 102 VAL A CG1 1 
ATOM   761  C  CG2 . VAL A 1 94  ? -3.136  -3.731  10.407  1.00 12.09 ? 102 VAL A CG2 1 
ATOM   762  N  N   . LEU A 1 95  ? -2.269  -3.125  5.928   1.00 10.57 ? 103 LEU A N   1 
ATOM   763  C  CA  . LEU A 1 95  ? -2.171  -3.321  4.483   1.00 10.88 ? 103 LEU A CA  1 
ATOM   764  C  C   . LEU A 1 95  ? -0.730  -3.355  3.981   1.00 11.51 ? 103 LEU A C   1 
ATOM   765  O  O   . LEU A 1 95  ? -0.343  -4.277  3.256   1.00 11.21 ? 103 LEU A O   1 
ATOM   766  C  CB  . LEU A 1 95  ? -2.984  -2.240  3.735   1.00 11.22 ? 103 LEU A CB  1 
ATOM   767  C  CG  . LEU A 1 95  ? -3.041  -2.233  2.202   1.00 12.59 ? 103 LEU A CG  1 
ATOM   768  C  CD1 . LEU A 1 95  ? -3.498  -3.578  1.619   1.00 16.48 ? 103 LEU A CD1 1 
ATOM   769  C  CD2 . LEU A 1 95  ? -3.980  -1.137  1.728   1.00 13.80 ? 103 LEU A CD2 1 
ATOM   770  N  N   . GLU A 1 96  ? 0.076   -2.372  4.371   1.00 10.99 ? 104 GLU A N   1 
ATOM   771  C  CA  . GLU A 1 96  ? 1.453   -2.323  3.892   1.00 11.49 ? 104 GLU A CA  1 
ATOM   772  C  C   . GLU A 1 96  ? 2.273   -3.469  4.430   1.00 11.50 ? 104 GLU A C   1 
ATOM   773  O  O   . GLU A 1 96  ? 3.099   -4.008  3.699   1.00 11.44 ? 104 GLU A O   1 
ATOM   774  C  CB  . GLU A 1 96  ? 2.126   -0.995  4.233   1.00 11.32 ? 104 GLU A CB  1 
ATOM   775  C  CG  . GLU A 1 96  ? 1.556   0.194   3.469   1.00 12.48 ? 104 GLU A CG  1 
ATOM   776  C  CD  . GLU A 1 96  ? 1.592   0.047   1.958   1.00 14.06 ? 104 GLU A CD  1 
ATOM   777  O  OE1 . GLU A 1 96  ? 2.514   -0.579  1.405   1.00 13.69 ? 104 GLU A OE1 1 
ATOM   778  O  OE2 . GLU A 1 96  ? 0.691   0.591   1.291   1.00 14.18 ? 104 GLU A OE2 1 
ATOM   779  N  N   . LYS A 1 97  ? 2.056   -3.846  5.690   1.00 11.25 ? 105 LYS A N   1 
ATOM   780  C  CA  . LYS A 1 97  ? 2.796   -4.985  6.237   1.00 11.87 ? 105 LYS A CA  1 
ATOM   781  C  C   . LYS A 1 97  ? 2.432   -6.265  5.488   1.00 12.29 ? 105 LYS A C   1 
ATOM   782  O  O   . LYS A 1 97  ? 3.290   -7.123  5.274   1.00 12.05 ? 105 LYS A O   1 
ATOM   783  C  CB  . LYS A 1 97  ? 2.592   -5.136  7.746   1.00 12.41 ? 105 LYS A CB  1 
ATOM   784  C  CG  . LYS A 1 97  ? 3.355   -4.071  8.543   1.00 13.18 ? 105 LYS A CG  1 
ATOM   785  C  CD  . LYS A 1 97  ? 3.253   -4.255  10.047  1.00 16.93 ? 105 LYS A CD  1 
ATOM   786  C  CE  . LYS A 1 97  ? 4.134   -3.233  10.743  1.00 18.56 ? 105 LYS A CE  1 
ATOM   787  N  NZ  . LYS A 1 97  ? 4.296   -3.518  12.198  1.00 20.53 ? 105 LYS A NZ  1 
ATOM   788  N  N   . SER A 1 98  ? 1.167   -6.385  5.085   1.00 12.42 ? 106 SER A N   1 
ATOM   789  C  CA  . SER A 1 98  ? 0.727   -7.540  4.298   1.00 13.23 ? 106 SER A CA  1 
ATOM   790  C  C   . SER A 1 98  ? 1.359   -7.561  2.906   1.00 12.88 ? 106 SER A C   1 
ATOM   791  O  O   . SER A 1 98  ? 1.795   -8.621  2.437   1.00 12.78 ? 106 SER A O   1 
ATOM   792  C  CB  . SER A 1 98  ? -0.803  -7.586  4.227   1.00 13.59 ? 106 SER A CB  1 
ATOM   793  O  OG  . SER A 1 98  ? -1.317  -6.681  3.258   1.00 18.54 ? 106 SER A OG  1 
ATOM   794  N  N   . LEU A 1 99  ? 1.440   -6.399  2.256   1.00 12.50 ? 107 LEU A N   1 
ATOM   795  C  CA  . LEU A 1 99  ? 2.089   -6.298  0.956   1.00 12.38 ? 107 LEU A CA  1 
ATOM   796  C  C   . LEU A 1 99  ? 3.568   -6.628  1.085   1.00 11.62 ? 107 LEU A C   1 
ATOM   797  O  O   . LEU A 1 99  ? 4.127   -7.359  0.266   1.00 11.71 ? 107 LEU A O   1 
ATOM   798  C  CB  . LEU A 1 99  ? 1.945   -4.895  0.365   1.00 13.43 ? 107 LEU A CB  1 
ATOM   799  C  CG  . LEU A 1 99  ? 0.701   -4.495  -0.418  1.00 14.63 ? 107 LEU A CG  1 
ATOM   800  C  CD1 . LEU A 1 99  ? 0.893   -3.093  -0.940  1.00 15.80 ? 107 LEU A CD1 1 
ATOM   801  C  CD2 . LEU A 1 99  ? 0.403   -5.467  -1.585  1.00 15.90 ? 107 LEU A CD2 1 
ATOM   802  N  N   . ASN A 1 100 ? 4.198   -6.083  2.119   1.00 11.10 ? 108 ASN A N   1 
ATOM   803  C  CA  . ASN A 1 100 ? 5.602   -6.336  2.344   1.00 11.37 ? 108 ASN A CA  1 
ATOM   804  C  C   . ASN A 1 100 ? 5.860   -7.832  2.547   1.00 10.43 ? 108 ASN A C   1 
ATOM   805  O  O   . ASN A 1 100 ? 6.818   -8.373  2.004   1.00 10.06 ? 108 ASN A O   1 
ATOM   806  C  CB  . ASN A 1 100 ? 6.105   -5.523  3.523   1.00 11.17 ? 108 ASN A CB  1 
ATOM   807  C  CG  . ASN A 1 100 ? 7.609   -5.478  3.584   1.00 12.61 ? 108 ASN A CG  1 
ATOM   808  O  OD1 . ASN A 1 100 ? 8.265   -5.277  2.558   1.00 14.65 ? 108 ASN A OD1 1 
ATOM   809  N  ND2 . ASN A 1 100 ? 8.162   -5.668  4.773   1.00 15.32 ? 108 ASN A ND2 1 
ATOM   810  N  N   . GLN A 1 101 ? 5.007   -8.508  3.316   1.00 10.14 ? 109 GLN A N   1 
ATOM   811  C  CA  . GLN A 1 101 ? 5.178   -9.951  3.488   1.00 10.73 ? 109 GLN A CA  1 
ATOM   812  C  C   . GLN A 1 101 ? 5.026   -10.694 2.157   1.00 10.56 ? 109 GLN A C   1 
ATOM   813  O  O   . GLN A 1 101 ? 5.762   -11.632 1.886   1.00 9.53  ? 109 GLN A O   1 
ATOM   814  C  CB  . GLN A 1 101 ? 4.227   -10.504 4.549   1.00 11.64 ? 109 GLN A CB  1 
ATOM   815  C  CG  . GLN A 1 101 ? 4.535   -11.965 4.922   1.00 13.48 ? 109 GLN A CG  1 
ATOM   816  C  CD  . GLN A 1 101 ? 5.936   -12.142 5.487   1.00 16.44 ? 109 GLN A CD  1 
ATOM   817  O  OE1 . GLN A 1 101 ? 6.288   -11.536 6.501   1.00 19.16 ? 109 GLN A OE1 1 
ATOM   818  N  NE2 . GLN A 1 101 ? 6.742   -12.962 4.823   1.00 17.71 ? 109 GLN A NE2 1 
ATOM   819  N  N   . ALA A 1 102 ? 4.091   -10.256 1.318   1.00 10.14 ? 110 ALA A N   1 
ATOM   820  C  CA  . ALA A 1 102 ? 3.936   -10.850 -0.006  1.00 10.57 ? 110 ALA A CA  1 
ATOM   821  C  C   . ALA A 1 102 ? 5.192   -10.638 -0.857  1.00 10.45 ? 110 ALA A C   1 
ATOM   822  O  O   . ALA A 1 102 ? 5.619   -11.551 -1.576  1.00 11.17 ? 110 ALA A O   1 
ATOM   823  C  CB  . ALA A 1 102 ? 2.728   -10.295 -0.703  1.00 10.48 ? 110 ALA A CB  1 
ATOM   824  N  N   . LEU A 1 103 ? 5.807   -9.453  -0.758  1.00 10.47 ? 111 LEU A N   1 
ATOM   825  C  CA  . LEU A 1 103 ? 7.062   -9.205  -1.470  1.00 10.99 ? 111 LEU A CA  1 
ATOM   826  C  C   . LEU A 1 103 ? 8.173   -10.121 -0.982  1.00 11.50 ? 111 LEU A C   1 
ATOM   827  O  O   . LEU A 1 103 ? 8.943   -10.650 -1.788  1.00 11.99 ? 111 LEU A O   1 
ATOM   828  C  CB  . LEU A 1 103 ? 7.524   -7.756  -1.316  1.00 11.31 ? 111 LEU A CB  1 
ATOM   829  C  CG  . LEU A 1 103 ? 6.749   -6.663  -2.032  1.00 11.54 ? 111 LEU A CG  1 
ATOM   830  C  CD1 . LEU A 1 103 ? 7.172   -5.338  -1.465  1.00 12.54 ? 111 LEU A CD1 1 
ATOM   831  C  CD2 . LEU A 1 103 ? 7.043   -6.680  -3.525  1.00 13.53 ? 111 LEU A CD2 1 
ATOM   832  N  N   . LEU A 1 104 ? 8.255   -10.305 0.336   1.00 11.16 ? 112 LEU A N   1 
ATOM   833  C  CA  . LEU A 1 104 ? 9.289   -11.150 0.927   1.00 11.47 ? 112 LEU A CA  1 
ATOM   834  C  C   . LEU A 1 104 ? 9.073   -12.608 0.536   1.00 11.32 ? 112 LEU A C   1 
ATOM   835  O  O   . LEU A 1 104 ? 10.040  -13.348 0.307   1.00 11.39 ? 112 LEU A O   1 
ATOM   836  C  CB  . LEU A 1 104 ? 9.315   -10.981 2.446   1.00 11.37 ? 112 LEU A CB  1 
ATOM   837  C  CG  . LEU A 1 104 ? 9.729   -9.582  2.930   1.00 12.27 ? 112 LEU A CG  1 
ATOM   838  C  CD1 . LEU A 1 104 ? 9.536   -9.458  4.438   1.00 14.02 ? 112 LEU A CD1 1 
ATOM   839  C  CD2 . LEU A 1 104 ? 11.182  -9.280  2.529   1.00 14.42 ? 112 LEU A CD2 1 
ATOM   840  N  N   . ASP A 1 105 ? 7.807   -13.015 0.452   1.00 10.98 ? 113 ASP A N   1 
ATOM   841  C  CA  . ASP A 1 105 ? 7.480   -14.377 0.042   1.00 11.32 ? 113 ASP A CA  1 
ATOM   842  C  C   . ASP A 1 105 ? 7.871   -14.613 -1.416  1.00 11.07 ? 113 ASP A C   1 
ATOM   843  O  O   . ASP A 1 105 ? 8.432   -15.656 -1.753  1.00 11.27 ? 113 ASP A O   1 
ATOM   844  C  CB  . ASP A 1 105 ? 5.992   -14.661 0.207   1.00 11.59 ? 113 ASP A CB  1 
ATOM   845  C  CG  . ASP A 1 105 ? 5.557   -14.754 1.648   1.00 13.36 ? 113 ASP A CG  1 
ATOM   846  O  OD1 . ASP A 1 105 ? 6.412   -14.804 2.567   1.00 14.56 ? 113 ASP A OD1 1 
ATOM   847  O  OD2 . ASP A 1 105 ? 4.339   -14.789 1.929   1.00 15.98 ? 113 ASP A OD2 1 
ATOM   848  N  N   . LEU A 1 106 ? 7.594   -13.639 -2.280  1.00 11.47 ? 114 LEU A N   1 
ATOM   849  C  CA  . LEU A 1 106 ? 8.005   -13.772 -3.671  1.00 11.83 ? 114 LEU A CA  1 
ATOM   850  C  C   . LEU A 1 106 ? 9.527   -13.780 -3.785  1.00 12.14 ? 114 LEU A C   1 
ATOM   851  O  O   . LEU A 1 106 ? 10.082  -14.569 -4.560  1.00 12.04 ? 114 LEU A O   1 
ATOM   852  C  CB  . LEU A 1 106 ? 7.384   -12.670 -4.525  1.00 11.12 ? 114 LEU A CB  1 
ATOM   853  C  CG  . LEU A 1 106 ? 7.827   -12.596 -5.989  1.00 12.02 ? 114 LEU A CG  1 
ATOM   854  C  CD1 . LEU A 1 106 ? 7.457   -13.892 -6.735  1.00 13.69 ? 114 LEU A CD1 1 
ATOM   855  C  CD2 . LEU A 1 106 ? 7.211   -11.374 -6.653  1.00 13.60 ? 114 LEU A CD2 1 
ATOM   856  N  N   . HIS A 1 107 ? 10.199  -12.936 -3.001  1.00 12.33 ? 115 HIS A N   1 
ATOM   857  C  CA  . HIS A 1 107 ? 11.658  -12.929 -2.978  1.00 12.67 ? 115 HIS A CA  1 
ATOM   858  C  C   . HIS A 1 107 ? 12.228  -14.291 -2.574  1.00 12.70 ? 115 HIS A C   1 
ATOM   859  O  O   . HIS A 1 107 ? 13.186  -14.786 -3.198  1.00 12.93 ? 115 HIS A O   1 
ATOM   860  C  CB  . HIS A 1 107 ? 12.188  -11.826 -2.061  1.00 13.07 ? 115 HIS A CB  1 
ATOM   861  C  CG  . HIS A 1 107 ? 13.662  -11.628 -2.164  1.00 15.40 ? 115 HIS A CG  1 
ATOM   862  N  ND1 . HIS A 1 107 ? 14.565  -12.498 -1.592  1.00 18.24 ? 115 HIS A ND1 1 
ATOM   863  C  CD2 . HIS A 1 107 ? 14.395  -10.681 -2.798  1.00 16.94 ? 115 HIS A CD2 1 
ATOM   864  C  CE1 . HIS A 1 107 ? 15.791  -12.088 -1.862  1.00 16.63 ? 115 HIS A CE1 1 
ATOM   865  N  NE2 . HIS A 1 107 ? 15.716  -10.986 -2.587  1.00 17.76 ? 115 HIS A NE2 1 
ATOM   866  N  N   . ALA A 1 108 ? 11.637  -14.901 -1.549  1.00 11.88 ? 116 ALA A N   1 
ATOM   867  C  CA  . ALA A 1 108 ? 12.057  -16.225 -1.090  1.00 12.54 ? 116 ALA A CA  1 
ATOM   868  C  C   . ALA A 1 108 ? 11.871  -17.256 -2.199  1.00 12.49 ? 116 ALA A C   1 
ATOM   869  O  O   . ALA A 1 108 ? 12.716  -18.158 -2.370  1.00 13.02 ? 116 ALA A O   1 
ATOM   870  C  CB  . ALA A 1 108 ? 11.283  -16.627 0.163   1.00 12.47 ? 116 ALA A CB  1 
ATOM   871  N  N   . LEU A 1 109 ? 10.772  -17.139 -2.947  1.00 12.36 ? 117 LEU A N   1 
ATOM   872  C  CA  . LEU A 1 109 ? 10.515  -18.063 -4.049  1.00 12.74 ? 117 LEU A CA  1 
ATOM   873  C  C   . LEU A 1 109 ? 11.560  -17.878 -5.147  1.00 13.04 ? 117 LEU A C   1 
ATOM   874  O  O   . LEU A 1 109 ? 12.105  -18.860 -5.662  1.00 14.19 ? 117 LEU A O   1 
ATOM   875  C  CB  . LEU A 1 109 ? 9.106   -17.860 -4.614  1.00 12.48 ? 117 LEU A CB  1 
ATOM   876  C  CG  . LEU A 1 109 ? 8.770   -18.671 -5.874  1.00 12.30 ? 117 LEU A CG  1 
ATOM   877  C  CD1 . LEU A 1 109 ? 8.847   -20.177 -5.617  1.00 12.78 ? 117 LEU A CD1 1 
ATOM   878  C  CD2 . LEU A 1 109 ? 7.397   -18.292 -6.398  1.00 13.25 ? 117 LEU A CD2 1 
ATOM   879  N  N   . GLY A 1 110 ? 11.837  -16.629 -5.508  1.00 13.71 ? 118 GLY A N   1 
ATOM   880  C  CA  . GLY A 1 110 ? 12.871  -16.329 -6.487  1.00 13.84 ? 118 GLY A CA  1 
ATOM   881  C  C   . GLY A 1 110 ? 14.225  -16.859 -6.043  1.00 15.03 ? 118 GLY A C   1 
ATOM   882  O  O   . GLY A 1 110 ? 14.964  -17.434 -6.835  1.00 14.60 ? 118 GLY A O   1 
ATOM   883  N  N   . SER A 1 111 ? 14.543  -16.675 -4.765  1.00 15.45 ? 119 SER A N   1 
ATOM   884  C  CA  . SER A 1 111 ? 15.792  -17.195 -4.216  1.00 17.16 ? 119 SER A CA  1 
ATOM   885  C  C   . SER A 1 111 ? 15.882  -18.721 -4.351  1.00 17.48 ? 119 SER A C   1 
ATOM   886  O  O   . SER A 1 111 ? 16.915  -19.240 -4.778  1.00 17.84 ? 119 SER A O   1 
ATOM   887  C  CB  . SER A 1 111 ? 15.973  -16.770 -2.758  1.00 17.30 ? 119 SER A CB  1 
ATOM   888  O  OG  . SER A 1 111 ? 17.278  -17.116 -2.312  1.00 21.91 ? 119 SER A OG  1 
ATOM   889  N  N   . ALA A 1 112 ? 14.796  -19.423 -4.017  1.00 17.98 ? 120 ALA A N   1 
ATOM   890  C  CA  . ALA A 1 112 ? 14.755  -20.889 -4.067  1.00 18.75 ? 120 ALA A CA  1 
ATOM   891  C  C   . ALA A 1 112 ? 14.858  -21.412 -5.498  1.00 19.19 ? 120 ALA A C   1 
ATOM   892  O  O   . ALA A 1 112 ? 15.345  -22.527 -5.728  1.00 20.14 ? 120 ALA A O   1 
ATOM   893  C  CB  . ALA A 1 112 ? 13.491  -21.407 -3.409  1.00 19.10 ? 120 ALA A CB  1 
ATOM   894  N  N   . GLN A 1 113 ? 14.406  -20.604 -6.450  1.00 18.81 ? 121 GLN A N   1 
ATOM   895  C  CA  . GLN A 1 113 ? 14.402  -20.987 -7.866  1.00 19.00 ? 121 GLN A CA  1 
ATOM   896  C  C   . GLN A 1 113 ? 15.574  -20.372 -8.622  1.00 18.61 ? 121 GLN A C   1 
ATOM   897  O  O   . GLN A 1 113 ? 15.610  -20.413 -9.862  1.00 18.96 ? 121 GLN A O   1 
ATOM   898  C  CB  . GLN A 1 113 ? 13.077  -20.604 -8.526  1.00 19.34 ? 121 GLN A CB  1 
ATOM   899  C  CG  . GLN A 1 113 ? 11.856  -21.323 -7.964  1.00 21.68 ? 121 GLN A CG  1 
ATOM   900  C  CD  . GLN A 1 113 ? 11.207  -22.276 -8.949  1.00 24.89 ? 121 GLN A CD  1 
ATOM   901  O  OE1 . GLN A 1 113 ? 11.779  -22.600 -9.998  1.00 26.72 ? 121 GLN A OE1 1 
ATOM   902  N  NE2 . GLN A 1 113 ? 10.019  -22.745 -8.608  1.00 26.24 ? 121 GLN A NE2 1 
ATOM   903  N  N   . ALA A 1 114 ? 16.526  -19.814 -7.874  1.00 17.53 ? 122 ALA A N   1 
ATOM   904  C  CA  . ALA A 1 114 ? 17.741  -19.216 -8.435  1.00 16.70 ? 122 ALA A CA  1 
ATOM   905  C  C   . ALA A 1 114 ? 17.429  -18.204 -9.537  1.00 15.80 ? 122 ALA A C   1 
ATOM   906  O  O   . ALA A 1 114 ? 17.923  -18.307 -10.667 1.00 15.74 ? 122 ALA A O   1 
ATOM   907  C  CB  . ALA A 1 114 ? 18.709  -20.309 -8.939  1.00 17.36 ? 122 ALA A CB  1 
ATOM   908  N  N   . ASP A 1 115 ? 16.597  -17.227 -9.188  1.00 14.70 ? 123 ASP A N   1 
ATOM   909  C  CA  . ASP A 1 115 ? 16.194  -16.176 -10.117 1.00 13.83 ? 123 ASP A CA  1 
ATOM   910  C  C   . ASP A 1 115 ? 16.715  -14.820 -9.632  1.00 13.38 ? 123 ASP A C   1 
ATOM   911  O  O   . ASP A 1 115 ? 16.001  -14.053 -8.982  1.00 12.84 ? 123 ASP A O   1 
ATOM   912  C  CB  . ASP A 1 115 ? 14.671  -16.152 -10.254 1.00 13.68 ? 123 ASP A CB  1 
ATOM   913  C  CG  . ASP A 1 115 ? 14.208  -15.391 -11.471 1.00 14.32 ? 123 ASP A CG  1 
ATOM   914  O  OD1 . ASP A 1 115 ? 14.845  -14.383 -11.845 1.00 13.73 ? 123 ASP A OD1 1 
ATOM   915  O  OD2 . ASP A 1 115 ? 13.190  -15.736 -12.113 1.00 16.97 ? 123 ASP A OD2 1 
ATOM   916  N  N   . PRO A 1 116 ? 17.975  -14.520 -9.927  1.00 12.80 ? 124 PRO A N   1 
ATOM   917  C  CA  . PRO A 1 116 ? 18.568  -13.278 -9.427  1.00 12.85 ? 124 PRO A CA  1 
ATOM   918  C  C   . PRO A 1 116 ? 17.970  -12.022 -10.059 1.00 12.59 ? 124 PRO A C   1 
ATOM   919  O  O   . PRO A 1 116 ? 17.971  -10.978 -9.409  1.00 13.53 ? 124 PRO A O   1 
ATOM   920  C  CB  . PRO A 1 116 ? 20.053  -13.433 -9.762  1.00 12.88 ? 124 PRO A CB  1 
ATOM   921  C  CG  . PRO A 1 116 ? 20.092  -14.394 -10.881 1.00 12.82 ? 124 PRO A CG  1 
ATOM   922  C  CD  . PRO A 1 116 ? 18.943  -15.335 -10.691 1.00 13.34 ? 124 PRO A CD  1 
ATOM   923  N  N   . HIS A 1 117 ? 17.459  -12.106 -11.291 1.00 12.19 ? 125 HIS A N   1 
ATOM   924  C  CA  . HIS A 1 117 ? 16.798  -10.934 -11.859 1.00 12.24 ? 125 HIS A CA  1 
ATOM   925  C  C   . HIS A 1 117 ? 15.553  -10.530 -11.060 1.00 12.57 ? 125 HIS A C   1 
ATOM   926  O  O   . HIS A 1 117 ? 15.339  -9.340  -10.788 1.00 12.20 ? 125 HIS A O   1 
ATOM   927  C  CB  . HIS A 1 117 ? 16.425  -11.119 -13.323 1.00 12.65 ? 125 HIS A CB  1 
ATOM   928  C  CG  . HIS A 1 117 ? 15.848  -9.880  -13.934 1.00 13.10 ? 125 HIS A CG  1 
ATOM   929  N  ND1 . HIS A 1 117 ? 14.495  -9.607  -13.930 1.00 14.73 ? 125 HIS A ND1 1 
ATOM   930  C  CD2 . HIS A 1 117 ? 16.446  -8.816  -14.524 1.00 14.84 ? 125 HIS A CD2 1 
ATOM   931  C  CE1 . HIS A 1 117 ? 14.285  -8.436  -14.506 1.00 14.71 ? 125 HIS A CE1 1 
ATOM   932  N  NE2 . HIS A 1 117 ? 15.452  -7.938  -14.877 1.00 16.39 ? 125 HIS A NE2 1 
ATOM   933  N  N   . LEU A 1 118 ? 14.740  -11.519 -10.691 1.00 12.91 ? 126 LEU A N   1 
ATOM   934  C  CA  . LEU A 1 118 ? 13.536  -11.251 -9.901  1.00 13.59 ? 126 LEU A CA  1 
ATOM   935  C  C   . LEU A 1 118 ? 13.931  -10.667 -8.561  1.00 13.98 ? 126 LEU A C   1 
ATOM   936  O  O   . LEU A 1 118 ? 13.390  -9.647  -8.112  1.00 13.79 ? 126 LEU A O   1 
ATOM   937  C  CB  . LEU A 1 118 ? 12.721  -12.531 -9.709  1.00 13.56 ? 126 LEU A CB  1 
ATOM   938  C  CG  . LEU A 1 118 ? 11.493  -12.346 -8.811  1.00 14.51 ? 126 LEU A CG  1 
ATOM   939  C  CD1 . LEU A 1 118 ? 10.419  -11.539 -9.520  1.00 14.60 ? 126 LEU A CD1 1 
ATOM   940  C  CD2 . LEU A 1 118 ? 10.955  -13.695 -8.407  1.00 16.85 ? 126 LEU A CD2 1 
ATOM   941  N  N   . CYS A 1 119 ? 14.895  -11.309 -7.915  1.00 15.19 ? 127 CYS A N   1 
ATOM   942  C  CA  . CYS A 1 119 ? 15.323  -10.867 -6.603  1.00 16.72 ? 127 CYS A CA  1 
ATOM   943  C  C   . CYS A 1 119 ? 15.835  -9.409  -6.635  1.00 16.87 ? 127 CYS A C   1 
ATOM   944  O  O   . CYS A 1 119 ? 15.425  -8.598  -5.790  1.00 17.75 ? 127 CYS A O   1 
ATOM   945  C  CB  . CYS A 1 119 ? 16.318  -11.884 -6.022  1.00 16.77 ? 127 CYS A CB  1 
ATOM   946  S  SG  . CYS A 1 119 ? 15.550  -13.478 -5.579  1.00 20.81 ? 127 CYS A SG  1 
ATOM   947  N  N   . ASP A 1 120 ? 16.651  -9.066  -7.636  1.00 17.00 ? 128 ASP A N   1 
ATOM   948  C  CA  . ASP A 1 120 ? 17.131  -7.687  -7.840  1.00 17.78 ? 128 ASP A CA  1 
ATOM   949  C  C   . ASP A 1 120 ? 15.994  -6.703  -8.134  1.00 17.21 ? 128 ASP A C   1 
ATOM   950  O  O   . ASP A 1 120 ? 15.966  -5.606  -7.580  1.00 17.42 ? 128 ASP A O   1 
ATOM   951  C  CB  . ASP A 1 120 ? 18.202  -7.606  -8.946  1.00 18.97 ? 128 ASP A CB  1 
ATOM   952  C  CG  . ASP A 1 120 ? 18.521  -6.158  -9.374  1.00 21.25 ? 128 ASP A CG  1 
ATOM   953  O  OD1 . ASP A 1 120 ? 19.135  -5.412  -8.580  1.00 25.34 ? 128 ASP A OD1 1 
ATOM   954  O  OD2 . ASP A 1 120 ? 18.192  -5.675  -10.482 1.00 25.33 ? 128 ASP A OD2 1 
ATOM   955  N  N   . PHE A 1 121 ? 15.060  -7.105  -8.997  1.00 15.82 ? 129 PHE A N   1 
ATOM   956  C  CA  . PHE A 1 121 ? 13.918  -6.269  -9.349  1.00 15.10 ? 129 PHE A CA  1 
ATOM   957  C  C   . PHE A 1 121 ? 13.124  -5.847  -8.111  1.00 14.76 ? 129 PHE A C   1 
ATOM   958  O  O   . PHE A 1 121 ? 12.762  -4.672  -7.958  1.00 14.30 ? 129 PHE A O   1 
ATOM   959  C  CB  . PHE A 1 121 ? 13.023  -7.030  -10.330 1.00 14.46 ? 129 PHE A CB  1 
ATOM   960  C  CG  . PHE A 1 121 ? 11.691  -6.386  -10.571 1.00 14.16 ? 129 PHE A CG  1 
ATOM   961  C  CD1 . PHE A 1 121 ? 10.562  -6.814  -9.880  1.00 15.18 ? 129 PHE A CD1 1 
ATOM   962  C  CD2 . PHE A 1 121 ? 11.556  -5.370  -11.512 1.00 15.22 ? 129 PHE A CD2 1 
ATOM   963  C  CE1 . PHE A 1 121 ? 9.332   -6.225  -10.105 1.00 15.42 ? 129 PHE A CE1 1 
ATOM   964  C  CE2 . PHE A 1 121 ? 10.319  -4.784  -11.746 1.00 14.80 ? 129 PHE A CE2 1 
ATOM   965  C  CZ  . PHE A 1 121 ? 9.215   -5.204  -11.044 1.00 14.22 ? 129 PHE A CZ  1 
ATOM   966  N  N   . LEU A 1 122 ? 12.857  -6.817  -7.244  1.00 14.46 ? 130 LEU A N   1 
ATOM   967  C  CA  . LEU A 1 122 ? 12.094  -6.580  -6.017  1.00 15.23 ? 130 LEU A CA  1 
ATOM   968  C  C   . LEU A 1 122 ? 12.868  -5.711  -5.045  1.00 16.88 ? 130 LEU A C   1 
ATOM   969  O  O   . LEU A 1 122 ? 12.318  -4.788  -4.448  1.00 16.87 ? 130 LEU A O   1 
ATOM   970  C  CB  . LEU A 1 122 ? 11.717  -7.903  -5.347  1.00 15.06 ? 130 LEU A CB  1 
ATOM   971  C  CG  . LEU A 1 122 ? 10.734  -8.814  -6.086  1.00 14.17 ? 130 LEU A CG  1 
ATOM   972  C  CD1 . LEU A 1 122 ? 10.556  -10.131 -5.327  1.00 15.49 ? 130 LEU A CD1 1 
ATOM   973  C  CD2 . LEU A 1 122 ? 9.380   -8.128  -6.304  1.00 14.79 ? 130 LEU A CD2 1 
ATOM   974  N  N   . GLU A 1 123 ? 14.147  -6.011  -4.878  1.00 18.08 ? 131 GLU A N   1 
ATOM   975  C  CA  . GLU A 1 123 ? 14.967  -5.230  -3.961  1.00 19.55 ? 131 GLU A CA  1 
ATOM   976  C  C   . GLU A 1 123 ? 15.041  -3.784  -4.426  1.00 20.15 ? 131 GLU A C   1 
ATOM   977  O  O   . GLU A 1 123 ? 14.799  -2.863  -3.636  1.00 21.68 ? 131 GLU A O   1 
ATOM   978  C  CB  . GLU A 1 123 ? 16.363  -5.834  -3.840  1.00 19.36 ? 131 GLU A CB  1 
ATOM   979  C  CG  . GLU A 1 123 ? 16.415  -7.105  -3.011  1.00 20.26 ? 131 GLU A CG  1 
ATOM   980  C  CD  . GLU A 1 123 ? 17.664  -7.910  -3.284  1.00 20.81 ? 131 GLU A CD  1 
ATOM   981  O  OE1 . GLU A 1 123 ? 18.622  -7.327  -3.848  1.00 24.66 ? 131 GLU A OE1 1 
ATOM   982  O  OE2 . GLU A 1 123 ? 17.689  -9.116  -2.951  1.00 13.04 ? 131 GLU A OE2 1 
ATOM   983  N  N   . SER A 1 124 ? 15.326  -3.588  -5.712  1.00 20.64 ? 132 SER A N   1 
ATOM   984  C  CA  . SER A 1 124 ? 15.550  -2.256  -6.269  1.00 21.56 ? 132 SER A CA  1 
ATOM   985  C  C   . SER A 1 124 ? 14.325  -1.348  -6.358  1.00 21.11 ? 132 SER A C   1 
ATOM   986  O  O   . SER A 1 124 ? 14.463  -0.121  -6.267  1.00 21.70 ? 132 SER A O   1 
ATOM   987  C  CB  . SER A 1 124 ? 16.209  -2.359  -7.645  1.00 21.89 ? 132 SER A CB  1 
ATOM   988  O  OG  . SER A 1 124 ? 17.445  -3.053  -7.553  1.00 24.81 ? 132 SER A OG  1 
ATOM   989  N  N   . HIS A 1 125 ? 13.135  -1.926  -6.540  1.00 20.18 ? 133 HIS A N   1 
ATOM   990  C  CA  . HIS A 1 125 ? 11.938  -1.114  -6.802  1.00 19.42 ? 133 HIS A CA  1 
ATOM   991  C  C   . HIS A 1 125 ? 10.806  -1.234  -5.789  1.00 17.95 ? 133 HIS A C   1 
ATOM   992  O  O   . HIS A 1 125 ? 9.868   -0.438  -5.822  1.00 17.52 ? 133 HIS A O   1 
ATOM   993  C  CB  . HIS A 1 125 ? 11.410  -1.392  -8.212  1.00 20.34 ? 133 HIS A CB  1 
ATOM   994  C  CG  . HIS A 1 125 ? 12.442  -1.196  -9.271  1.00 23.32 ? 133 HIS A CG  1 
ATOM   995  N  ND1 . HIS A 1 125 ? 12.946  0.045   -9.589  1.00 25.64 ? 133 HIS A ND1 1 
ATOM   996  C  CD2 . HIS A 1 125 ? 13.102  -2.086  -10.048 1.00 25.27 ? 133 HIS A CD2 1 
ATOM   997  C  CE1 . HIS A 1 125 ? 13.860  -0.085  -10.533 1.00 26.71 ? 133 HIS A CE1 1 
ATOM   998  N  NE2 . HIS A 1 125 ? 13.976  -1.367  -10.828 1.00 27.77 ? 133 HIS A NE2 1 
ATOM   999  N  N   . PHE A 1 126 ? 10.899  -2.202  -4.882  1.00 15.59 ? 134 PHE A N   1 
ATOM   1000 C  CA  . PHE A 1 126 ? 9.805   -2.494  -3.962  1.00 14.44 ? 134 PHE A CA  1 
ATOM   1001 C  C   . PHE A 1 126 ? 10.206  -2.550  -2.489  1.00 14.15 ? 134 PHE A C   1 
ATOM   1002 O  O   . PHE A 1 126 ? 9.575   -1.918  -1.646  1.00 13.74 ? 134 PHE A O   1 
ATOM   1003 C  CB  . PHE A 1 126 ? 9.109   -3.799  -4.374  1.00 14.37 ? 134 PHE A CB  1 
ATOM   1004 C  CG  . PHE A 1 126 ? 8.323   -3.679  -5.650  1.00 13.46 ? 134 PHE A CG  1 
ATOM   1005 C  CD1 . PHE A 1 126 ? 8.951   -3.790  -6.887  1.00 14.49 ? 134 PHE A CD1 1 
ATOM   1006 C  CD2 . PHE A 1 126 ? 6.962   -3.421  -5.607  1.00 13.88 ? 134 PHE A CD2 1 
ATOM   1007 C  CE1 . PHE A 1 126 ? 8.225   -3.647  -8.059  1.00 14.67 ? 134 PHE A CE1 1 
ATOM   1008 C  CE2 . PHE A 1 126 ? 6.228   -3.292  -6.781  1.00 13.93 ? 134 PHE A CE2 1 
ATOM   1009 C  CZ  . PHE A 1 126 ? 6.860   -3.396  -8.001  1.00 12.67 ? 134 PHE A CZ  1 
ATOM   1010 N  N   . LEU A 1 127 ? 11.250  -3.310  -2.175  1.00 13.94 ? 135 LEU A N   1 
ATOM   1011 C  CA  . LEU A 1 127 ? 11.576  -3.593  -0.770  1.00 13.42 ? 135 LEU A CA  1 
ATOM   1012 C  C   . LEU A 1 127 ? 11.905  -2.363  0.057   1.00 13.26 ? 135 LEU A C   1 
ATOM   1013 O  O   . LEU A 1 127 ? 11.394  -2.206  1.169   1.00 11.90 ? 135 LEU A O   1 
ATOM   1014 C  CB  . LEU A 1 127 ? 12.722  -4.608  -0.666  1.00 13.85 ? 135 LEU A CB  1 
ATOM   1015 C  CG  . LEU A 1 127 ? 12.404  -6.027  -1.147  1.00 15.39 ? 135 LEU A CG  1 
ATOM   1016 C  CD1 . LEU A 1 127 ? 13.485  -6.989  -0.648  1.00 16.60 ? 135 LEU A CD1 1 
ATOM   1017 C  CD2 . LEU A 1 127 ? 11.033  -6.475  -0.675  1.00 16.59 ? 135 LEU A CD2 1 
ATOM   1018 N  N   . ASP A 1 128 ? 12.762  -1.500  -0.471  1.00 13.90 ? 136 ASP A N   1 
ATOM   1019 C  CA  . ASP A 1 128 ? 13.099  -0.284  0.257   1.00 14.58 ? 136 ASP A CA  1 
ATOM   1020 C  C   . ASP A 1 128 ? 11.935  0.713   0.284   1.00 13.92 ? 136 ASP A C   1 
ATOM   1021 O  O   . ASP A 1 128 ? 11.737  1.417   1.277   1.00 13.11 ? 136 ASP A O   1 
ATOM   1022 C  CB  . ASP A 1 128 ? 14.355  0.377   -0.293  1.00 15.65 ? 136 ASP A CB  1 
ATOM   1023 C  CG  . ASP A 1 128 ? 14.879  1.469   0.620   1.00 18.06 ? 136 ASP A CG  1 
ATOM   1024 O  OD1 . ASP A 1 128 ? 15.136  2.577   0.107   1.00 22.62 ? 136 ASP A OD1 1 
ATOM   1025 O  OD2 . ASP A 1 128 ? 15.053  1.318   1.851   1.00 20.59 ? 136 ASP A OD2 1 
ATOM   1026 N  N   . GLU A 1 129 ? 11.172  0.776   -0.807  1.00 13.56 ? 137 GLU A N   1 
ATOM   1027 C  CA  . GLU A 1 129 ? 9.984   1.636   -0.866  1.00 14.15 ? 137 GLU A CA  1 
ATOM   1028 C  C   . GLU A 1 129 ? 9.046   1.278   0.275   1.00 12.96 ? 137 GLU A C   1 
ATOM   1029 O  O   . GLU A 1 129 ? 8.509   2.164   0.959   1.00 12.76 ? 137 GLU A O   1 
ATOM   1030 C  CB  . GLU A 1 129 ? 9.246   1.477   -2.214  1.00 14.87 ? 137 GLU A CB  1 
ATOM   1031 C  CG  . GLU A 1 129 ? 7.884   2.165   -2.300  1.00 19.79 ? 137 GLU A CG  1 
ATOM   1032 C  CD  . GLU A 1 129 ? 7.318   2.192   -3.710  1.00 24.94 ? 137 GLU A CD  1 
ATOM   1033 O  OE1 . GLU A 1 129 ? 7.700   3.100   -4.483  1.00 26.69 ? 137 GLU A OE1 1 
ATOM   1034 O  OE2 . GLU A 1 129 ? 6.489   1.310   -4.045  1.00 27.09 ? 137 GLU A OE2 1 
ATOM   1035 N  N   . GLU A 1 130 ? 8.833   -0.022  0.464   1.00 11.88 ? 138 GLU A N   1 
ATOM   1036 C  CA  . GLU A 1 130 ? 7.951   -0.524  1.504   1.00 11.63 ? 138 GLU A CA  1 
ATOM   1037 C  C   . GLU A 1 130 ? 8.476   -0.204  2.898   1.00 11.12 ? 138 GLU A C   1 
ATOM   1038 O  O   . GLU A 1 130 ? 7.709   0.240   3.755   1.00 11.24 ? 138 GLU A O   1 
ATOM   1039 C  CB  . GLU A 1 130 ? 7.739   -2.045  1.365   1.00 12.37 ? 138 GLU A CB  1 
ATOM   1040 C  CG  . GLU A 1 130 ? 6.616   -2.490  0.444   1.00 15.75 ? 138 GLU A CG  1 
ATOM   1041 C  CD  . GLU A 1 130 ? 5.330   -1.710  0.647   1.00 15.45 ? 138 GLU A CD  1 
ATOM   1042 O  OE1 . GLU A 1 130 ? 4.928   -1.018  -0.298  1.00 20.83 ? 138 GLU A OE1 1 
ATOM   1043 O  OE2 . GLU A 1 130 ? 4.749   -1.779  1.747   1.00 17.90 ? 138 GLU A OE2 1 
ATOM   1044 N  N   . VAL A 1 131 ? 9.765   -0.461  3.140   1.00 10.59 ? 139 VAL A N   1 
ATOM   1045 C  CA  . VAL A 1 131 ? 10.355  -0.152  4.442   1.00 10.66 ? 139 VAL A CA  1 
ATOM   1046 C  C   . VAL A 1 131 ? 10.181  1.340   4.790   1.00 10.33 ? 139 VAL A C   1 
ATOM   1047 O  O   . VAL A 1 131 ? 9.763   1.691   5.915   1.00 10.39 ? 139 VAL A O   1 
ATOM   1048 C  CB  . VAL A 1 131 ? 11.836  -0.581  4.475   1.00 10.37 ? 139 VAL A CB  1 
ATOM   1049 C  CG1 . VAL A 1 131 ? 12.610  0.127   5.598   1.00 11.25 ? 139 VAL A CG1 1 
ATOM   1050 C  CG2 . VAL A 1 131 ? 11.952  -2.085  4.626   1.00 12.20 ? 139 VAL A CG2 1 
ATOM   1051 N  N   . LYS A 1 132 ? 10.486  2.213   3.830   1.00 10.20 ? 140 LYS A N   1 
ATOM   1052 C  CA  . LYS A 1 132 ? 10.354  3.662   4.043   1.00 11.01 ? 140 LYS A CA  1 
ATOM   1053 C  C   . LYS A 1 132 ? 8.910   4.069   4.291   1.00 10.56 ? 140 LYS A C   1 
ATOM   1054 O  O   . LYS A 1 132 ? 8.629   4.894   5.165   1.00 10.32 ? 140 LYS A O   1 
ATOM   1055 C  CB  . LYS A 1 132 ? 10.959  4.435   2.872   1.00 12.56 ? 140 LYS A CB  1 
ATOM   1056 C  CG  . LYS A 1 132 ? 12.482  4.444   2.947   1.00 15.97 ? 140 LYS A CG  1 
ATOM   1057 C  CD  . LYS A 1 132 ? 13.156  4.809   1.640   1.00 21.26 ? 140 LYS A CD  1 
ATOM   1058 C  CE  . LYS A 1 132 ? 14.556  5.375   1.916   1.00 23.84 ? 140 LYS A CE  1 
ATOM   1059 N  NZ  . LYS A 1 132 ? 15.527  4.367   2.452   1.00 24.88 ? 140 LYS A NZ  1 
ATOM   1060 N  N   . LEU A 1 133 ? 7.994   3.493   3.517   1.00 10.19 ? 141 LEU A N   1 
ATOM   1061 C  CA  . LEU A 1 133 ? 6.579   3.799   3.687   1.00 9.85  ? 141 LEU A CA  1 
ATOM   1062 C  C   . LEU A 1 133 ? 6.051   3.335   5.042   1.00 9.36  ? 141 LEU A C   1 
ATOM   1063 O  O   . LEU A 1 133 ? 5.313   4.073   5.708   1.00 8.90  ? 141 LEU A O   1 
ATOM   1064 C  CB  . LEU A 1 133 ? 5.745   3.201   2.558   1.00 9.91  ? 141 LEU A CB  1 
ATOM   1065 C  CG  . LEU A 1 133 ? 4.251   3.516   2.634   1.00 9.50  ? 141 LEU A CG  1 
ATOM   1066 C  CD1 . LEU A 1 133 ? 3.959   5.028   2.722   1.00 9.94  ? 141 LEU A CD1 1 
ATOM   1067 C  CD2 . LEU A 1 133 ? 3.530   2.897   1.457   1.00 10.37 ? 141 LEU A CD2 1 
ATOM   1068 N  N   . ILE A 1 134 ? 6.422   2.118   5.445   1.00 8.87  ? 142 ILE A N   1 
ATOM   1069 C  CA  . ILE A 1 134 ? 5.970   1.600   6.727   1.00 8.73  ? 142 ILE A CA  1 
ATOM   1070 C  C   . ILE A 1 134 ? 6.509   2.460   7.868   1.00 8.78  ? 142 ILE A C   1 
ATOM   1071 O  O   . ILE A 1 134 ? 5.781   2.758   8.821   1.00 9.50  ? 142 ILE A O   1 
ATOM   1072 C  CB  . ILE A 1 134 ? 6.296   0.092   6.882   1.00 8.96  ? 142 ILE A CB  1 
ATOM   1073 C  CG1 . ILE A 1 134 ? 5.408   -0.699  5.919   1.00 9.35  ? 142 ILE A CG1 1 
ATOM   1074 C  CG2 . ILE A 1 134 ? 6.062   -0.409  8.328   1.00 9.09  ? 142 ILE A CG2 1 
ATOM   1075 C  CD1 . ILE A 1 134 ? 5.895   -2.108  5.617   1.00 10.79 ? 142 ILE A CD1 1 
ATOM   1076 N  N   . LYS A 1 135 ? 7.766   2.894   7.750   1.00 8.36  ? 143 LYS A N   1 
ATOM   1077 C  CA  . LYS A 1 135 ? 8.341   3.806   8.742   1.00 8.94  ? 143 LYS A CA  1 
ATOM   1078 C  C   . LYS A 1 135 ? 7.587   5.144   8.806   1.00 8.74  ? 143 LYS A C   1 
ATOM   1079 O  O   . LYS A 1 135 ? 7.253   5.605   9.896   1.00 8.64  ? 143 LYS A O   1 
ATOM   1080 C  CB  . LYS A 1 135 ? 9.822   4.041   8.464   1.00 8.93  ? 143 LYS A CB  1 
ATOM   1081 C  CG  . LYS A 1 135 ? 10.504  5.112   9.370   1.00 9.87  ? 143 LYS A CG  1 
ATOM   1082 C  CD  . LYS A 1 135 ? 10.548  4.708   10.858  1.00 9.95  ? 143 LYS A CD  1 
ATOM   1083 C  CE  . LYS A 1 135 ? 11.526  5.568   11.665  1.00 10.26 ? 143 LYS A CE  1 
ATOM   1084 N  NZ  . LYS A 1 135 ? 11.169  7.039   11.680  1.00 9.30  ? 143 LYS A NZ  1 
ATOM   1085 N  N   . LYS A 1 136 ? 7.295   5.725   7.644   1.00 8.91  ? 144 LYS A N   1 
ATOM   1086 C  CA  . LYS A 1 136 ? 6.537   6.970   7.599   1.00 9.19  ? 144 LYS A CA  1 
ATOM   1087 C  C   . LYS A 1 136 ? 5.171   6.797   8.262   1.00 8.99  ? 144 LYS A C   1 
ATOM   1088 O  O   . LYS A 1 136 ? 4.728   7.657   9.032   1.00 8.74  ? 144 LYS A O   1 
ATOM   1089 C  CB  . LYS A 1 136 ? 6.379   7.453   6.152   1.00 10.48 ? 144 LYS A CB  1 
ATOM   1090 C  CG  . LYS A 1 136 ? 5.624   8.783   6.011   1.00 12.68 ? 144 LYS A CG  1 
ATOM   1091 C  CD  . LYS A 1 136 ? 6.288   9.931   6.779   1.00 17.73 ? 144 LYS A CD  1 
ATOM   1092 C  CE  . LYS A 1 136 ? 7.610   10.367  6.149   1.00 19.54 ? 144 LYS A CE  1 
ATOM   1093 N  NZ  . LYS A 1 136 ? 8.060   11.695  6.699   1.00 22.32 ? 144 LYS A NZ  1 
ATOM   1094 N  N   . MET A 1 137 ? 4.497   5.691   7.957   1.00 8.97  ? 145 MET A N   1 
ATOM   1095 C  CA  . MET A 1 137 ? 3.181   5.445   8.547   1.00 9.25  ? 145 MET A CA  1 
ATOM   1096 C  C   . MET A 1 137 ? 3.253   5.245   10.056  1.00 9.52  ? 145 MET A C   1 
ATOM   1097 O  O   . MET A 1 137 ? 2.371   5.697   10.801  1.00 9.73  ? 145 MET A O   1 
ATOM   1098 C  CB  . MET A 1 137 ? 2.544   4.224   7.903   1.00 9.23  ? 145 MET A CB  1 
ATOM   1099 C  CG  . MET A 1 137 ? 2.030   4.495   6.522   1.00 9.35  ? 145 MET A CG  1 
ATOM   1100 S  SD  . MET A 1 137 ? 1.240   3.021   5.875   1.00 11.60 ? 145 MET A SD  1 
ATOM   1101 C  CE  . MET A 1 137 ? 0.591   3.708   4.364   1.00 12.38 ? 145 MET A CE  1 
ATOM   1102 N  N   . GLY A 1 138 ? 4.296   4.552   10.508  1.00 8.68  ? 146 GLY A N   1 
ATOM   1103 C  CA  . GLY A 1 138 ? 4.544   4.396   11.929  1.00 8.38  ? 146 GLY A CA  1 
ATOM   1104 C  C   . GLY A 1 138 ? 4.728   5.743   12.615  1.00 7.86  ? 146 GLY A C   1 
ATOM   1105 O  O   . GLY A 1 138 ? 4.145   5.993   13.679  1.00 7.87  ? 146 GLY A O   1 
ATOM   1106 N  N   . ASP A 1 139 ? 5.528   6.609   11.996  1.00 8.05  ? 147 ASP A N   1 
ATOM   1107 C  CA  . ASP A 1 139 ? 5.752   7.963   12.511  1.00 8.09  ? 147 ASP A CA  1 
ATOM   1108 C  C   . ASP A 1 139 ? 4.423   8.712   12.584  1.00 7.73  ? 147 ASP A C   1 
ATOM   1109 O  O   . ASP A 1 139 ? 4.116   9.370   13.588  1.00 7.61  ? 147 ASP A O   1 
ATOM   1110 C  CB  . ASP A 1 139 ? 6.655   8.754   11.576  1.00 7.84  ? 147 ASP A CB  1 
ATOM   1111 C  CG  . ASP A 1 139 ? 8.081   8.268   11.565  1.00 8.62  ? 147 ASP A CG  1 
ATOM   1112 O  OD1 . ASP A 1 139 ? 8.827   8.834   10.734  1.00 12.57 ? 147 ASP A OD1 1 
ATOM   1113 O  OD2 . ASP A 1 139 ? 8.540   7.358   12.285  1.00 8.88  ? 147 ASP A OD2 1 
ATOM   1114 N  N   . HIS A 1 140 ? 3.628   8.611   11.517  1.00 7.78  ? 148 HIS A N   1 
ATOM   1115 C  CA  . HIS A 1 140 ? 2.321   9.264   11.513  1.00 7.70  ? 148 HIS A CA  1 
ATOM   1116 C  C   . HIS A 1 140 ? 1.438   8.739   12.632  1.00 8.27  ? 148 HIS A C   1 
ATOM   1117 O  O   . HIS A 1 140 ? 0.813   9.526   13.354  1.00 8.71  ? 148 HIS A O   1 
ATOM   1118 C  CB  . HIS A 1 140 ? 1.610   9.066   10.179  1.00 8.09  ? 148 HIS A CB  1 
ATOM   1119 C  CG  . HIS A 1 140 ? 2.187   9.862   9.051   1.00 7.76  ? 148 HIS A CG  1 
ATOM   1120 N  ND1 . HIS A 1 140 ? 3.058   10.916  9.230   1.00 9.07  ? 148 HIS A ND1 1 
ATOM   1121 C  CD2 . HIS A 1 140 ? 1.981   9.768   7.716   1.00 8.31  ? 148 HIS A CD2 1 
ATOM   1122 C  CE1 . HIS A 1 140 ? 3.370   11.429  8.052   1.00 9.51  ? 148 HIS A CE1 1 
ATOM   1123 N  NE2 . HIS A 1 140 ? 2.724   10.753  7.117   1.00 9.44  ? 148 HIS A NE2 1 
ATOM   1124 N  N   . LEU A 1 141 ? 1.368   7.420   12.775  1.00 8.65  ? 149 LEU A N   1 
ATOM   1125 C  CA  . LEU A 1 141 ? 0.506   6.850   13.801  1.00 8.90  ? 149 LEU A CA  1 
ATOM   1126 C  C   . LEU A 1 141 ? 0.897   7.331   15.198  1.00 8.67  ? 149 LEU A C   1 
ATOM   1127 O  O   . LEU A 1 141 ? 0.044   7.712   15.994  1.00 8.99  ? 149 LEU A O   1 
ATOM   1128 C  CB  . LEU A 1 141 ? 0.462   5.323   13.721  1.00 9.02  ? 149 LEU A CB  1 
ATOM   1129 C  CG  . LEU A 1 141 ? -0.439  4.639   14.758  1.00 10.32 ? 149 LEU A CG  1 
ATOM   1130 C  CD1 . LEU A 1 141 ? -1.906  4.983   14.540  1.00 11.52 ? 149 LEU A CD1 1 
ATOM   1131 C  CD2 . LEU A 1 141 ? -0.240  3.132   14.678  1.00 11.82 ? 149 LEU A CD2 1 
ATOM   1132 N  N   . THR A 1 142 ? 2.192   7.316   15.496  1.00 8.87  ? 150 THR A N   1 
ATOM   1133 C  CA  . THR A 1 142 ? 2.683   7.816   16.775  1.00 9.25  ? 150 THR A CA  1 
ATOM   1134 C  C   . THR A 1 142 ? 2.251   9.267   16.980  1.00 9.14  ? 150 THR A C   1 
ATOM   1135 O  O   . THR A 1 142 ? 1.753   9.633   18.053  1.00 10.16 ? 150 THR A O   1 
ATOM   1136 C  CB  . THR A 1 142 ? 4.209   7.681   16.796  1.00 8.88  ? 150 THR A CB  1 
ATOM   1137 O  OG1 . THR A 1 142 ? 4.544   6.284   16.866  1.00 9.97  ? 150 THR A OG1 1 
ATOM   1138 C  CG2 . THR A 1 142 ? 4.799   8.320   18.054  1.00 9.90  ? 150 THR A CG2 1 
ATOM   1139 N  N   . ASN A 1 143 ? 2.393   10.093  15.948  1.00 8.96  ? 151 ASN A N   1 
ATOM   1140 C  CA  . ASN A 1 143 ? 1.980   11.495  16.092  1.00 9.12  ? 151 ASN A CA  1 
ATOM   1141 C  C   . ASN A 1 143 ? 0.486   11.665  16.280  1.00 9.55  ? 151 ASN A C   1 
ATOM   1142 O  O   . ASN A 1 143 ? 0.052   12.421  17.148  1.00 9.39  ? 151 ASN A O   1 
ATOM   1143 C  CB  . ASN A 1 143 ? 2.506   12.339  14.940  1.00 8.99  ? 151 ASN A CB  1 
ATOM   1144 C  CG  . ASN A 1 143 ? 3.919   12.778  15.186  1.00 9.35  ? 151 ASN A CG  1 
ATOM   1145 O  OD1 . ASN A 1 143 ? 4.158   13.718  15.943  1.00 8.75  ? 151 ASN A OD1 1 
ATOM   1146 N  ND2 . ASN A 1 143 ? 4.875   12.068  14.591  1.00 9.27  ? 151 ASN A ND2 1 
ATOM   1147 N  N   . ILE A 1 144 ? -0.300  10.926  15.506  1.00 10.24 ? 152 ILE A N   1 
ATOM   1148 C  CA  . ILE A 1 144 ? -1.751  10.996  15.624  1.00 11.62 ? 152 ILE A CA  1 
ATOM   1149 C  C   . ILE A 1 144 ? -2.196  10.535  17.005  1.00 11.65 ? 152 ILE A C   1 
ATOM   1150 O  O   . ILE A 1 144 ? -3.024  11.186  17.626  1.00 11.42 ? 152 ILE A O   1 
ATOM   1151 C  CB  . ILE A 1 144 ? -2.438  10.160  14.532  1.00 12.40 ? 152 ILE A CB  1 
ATOM   1152 C  CG1 . ILE A 1 144 ? -2.075  10.677  13.150  1.00 14.53 ? 152 ILE A CG1 1 
ATOM   1153 C  CG2 . ILE A 1 144 ? -3.964  10.209  14.703  1.00 14.46 ? 152 ILE A CG2 1 
ATOM   1154 C  CD1 . ILE A 1 144 ? -2.220  9.609   12.058  1.00 16.38 ? 152 ILE A CD1 1 
ATOM   1155 N  N   . GLN A 1 145 ? -1.648  9.419   17.483  1.00 12.06 ? 153 GLN A N   1 
ATOM   1156 C  CA  . GLN A 1 145 ? -2.060  8.859   18.776  1.00 12.79 ? 153 GLN A CA  1 
ATOM   1157 C  C   . GLN A 1 145 ? -1.713  9.807   19.910  1.00 13.37 ? 153 GLN A C   1 
ATOM   1158 O  O   . GLN A 1 145 ? -2.512  9.998   20.829  1.00 13.56 ? 153 GLN A O   1 
ATOM   1159 C  CB  . GLN A 1 145 ? -1.399  7.500   19.029  1.00 13.41 ? 153 GLN A CB  1 
ATOM   1160 C  CG  . GLN A 1 145 ? -1.909  6.366   18.154  1.00 16.22 ? 153 GLN A CG  1 
ATOM   1161 C  CD  . GLN A 1 145 ? -1.115  5.078   18.367  1.00 20.45 ? 153 GLN A CD  1 
ATOM   1162 O  OE1 . GLN A 1 145 ? 0.098   5.112   18.608  1.00 24.37 ? 153 GLN A OE1 1 
ATOM   1163 N  NE2 . GLN A 1 145 ? -1.797  3.949   18.283  1.00 22.88 ? 153 GLN A NE2 1 
ATOM   1164 N  N   . ARG A 1 146 ? -0.526  10.404  19.835  1.00 13.33 ? 154 ARG A N   1 
ATOM   1165 C  CA  . ARG A 1 146 ? -0.093  11.401  20.806  1.00 13.78 ? 154 ARG A CA  1 
ATOM   1166 C  C   . ARG A 1 146 ? -1.051  12.599  20.826  1.00 14.07 ? 154 ARG A C   1 
ATOM   1167 O  O   . ARG A 1 146 ? -1.386  13.126  21.887  1.00 14.68 ? 154 ARG A O   1 
ATOM   1168 C  CB  . ARG A 1 146 ? 1.339   11.831  20.470  1.00 13.91 ? 154 ARG A CB  1 
ATOM   1169 C  CG  . ARG A 1 146 ? 1.960   12.801  21.450  1.00 15.41 ? 154 ARG A CG  1 
ATOM   1170 C  CD  . ARG A 1 146 ? 3.483   12.854  21.389  1.00 14.71 ? 154 ARG A CD  1 
ATOM   1171 N  NE  . ARG A 1 146 ? 3.931   12.857  20.000  1.00 14.30 ? 154 ARG A NE  1 
ATOM   1172 C  CZ  . ARG A 1 146 ? 5.013   12.236  19.531  1.00 11.37 ? 154 ARG A CZ  1 
ATOM   1173 N  NH1 . ARG A 1 146 ? 5.827   11.566  20.347  1.00 12.83 ? 154 ARG A NH1 1 
ATOM   1174 N  NH2 . ARG A 1 146 ? 5.285   12.301  18.234  1.00 9.91  ? 154 ARG A NH2 1 
ATOM   1175 N  N   . LEU A 1 147 ? -1.514  12.997  19.642  1.00 13.90 ? 155 LEU A N   1 
ATOM   1176 C  CA  . LEU A 1 147 ? -2.435  14.121  19.520  1.00 13.82 ? 155 LEU A CA  1 
ATOM   1177 C  C   . LEU A 1 147 ? -3.862  13.827  19.998  1.00 15.06 ? 155 LEU A C   1 
ATOM   1178 O  O   . LEU A 1 147 ? -4.461  14.642  20.700  1.00 16.34 ? 155 LEU A O   1 
ATOM   1179 C  CB  . LEU A 1 147 ? -2.455  14.631  18.084  1.00 13.05 ? 155 LEU A CB  1 
ATOM   1180 C  CG  . LEU A 1 147 ? -1.275  15.522  17.704  1.00 10.82 ? 155 LEU A CG  1 
ATOM   1181 C  CD1 . LEU A 1 147 ? -1.141  15.520  16.182  1.00 11.17 ? 155 LEU A CD1 1 
ATOM   1182 C  CD2 . LEU A 1 147 ? -1.470  16.937  18.251  1.00 10.65 ? 155 LEU A CD2 1 
ATOM   1183 N  N   . VAL A 1 148 ? -4.415  12.681  19.612  1.00 16.37 ? 156 VAL A N   1 
ATOM   1184 C  CA  . VAL A 1 148 ? -5.799  12.365  19.956  1.00 17.33 ? 156 VAL A CA  1 
ATOM   1185 C  C   . VAL A 1 148 ? -5.927  11.898  21.400  1.00 18.88 ? 156 VAL A C   1 
ATOM   1186 O  O   . VAL A 1 148 ? -7.018  11.915  21.957  1.00 19.77 ? 156 VAL A O   1 
ATOM   1187 C  CB  . VAL A 1 148 ? -6.457  11.350  18.979  1.00 16.96 ? 156 VAL A CB  1 
ATOM   1188 C  CG1 . VAL A 1 148 ? -6.416  11.875  17.555  1.00 16.78 ? 156 VAL A CG1 1 
ATOM   1189 C  CG2 . VAL A 1 148 ? -5.816  9.984   19.074  1.00 16.86 ? 156 VAL A CG2 1 
ATOM   1190 N  N   . GLY A 1 149 ? -4.806  11.491  21.993  1.00 20.24 ? 157 GLY A N   1 
ATOM   1191 C  CA  . GLY A 1 149 ? -4.767  11.125  23.399  1.00 22.65 ? 157 GLY A CA  1 
ATOM   1192 C  C   . GLY A 1 149 ? -4.939  12.358  24.261  1.00 24.01 ? 157 GLY A C   1 
ATOM   1193 O  O   . GLY A 1 149 ? -5.430  12.269  25.385  1.00 25.31 ? 157 GLY A O   1 
ATOM   1194 N  N   . SER A 1 150 ? -4.528  13.508  23.727  1.00 24.92 ? 158 SER A N   1 
ATOM   1195 C  CA  . SER A 1 150 ? -4.697  14.800  24.393  1.00 25.55 ? 158 SER A CA  1 
ATOM   1196 C  C   . SER A 1 150 ? -6.116  15.348  24.201  1.00 25.71 ? 158 SER A C   1 
ATOM   1197 O  O   . SER A 1 150 ? -6.806  15.670  25.176  1.00 26.23 ? 158 SER A O   1 
ATOM   1198 C  CB  . SER A 1 150 ? -3.672  15.810  23.865  1.00 26.03 ? 158 SER A CB  1 
ATOM   1199 O  OG  . SER A 1 150 ? -2.446  15.756  24.587  1.00 26.62 ? 158 SER A OG  1 
ATOM   1200 N  N   . GLN A 1 151 ? -6.533  15.464  22.941  1.00 25.30 ? 159 GLN A N   1 
ATOM   1201 C  CA  . GLN A 1 151 ? -7.865  15.942  22.575  1.00 25.28 ? 159 GLN A CA  1 
ATOM   1202 C  C   . GLN A 1 151 ? -8.171  15.443  21.166  1.00 24.06 ? 159 GLN A C   1 
ATOM   1203 O  O   . GLN A 1 151 ? -7.457  15.783  20.214  1.00 23.81 ? 159 GLN A O   1 
ATOM   1204 C  CB  . GLN A 1 151 ? -7.934  17.467  22.631  1.00 25.84 ? 159 GLN A CB  1 
ATOM   1205 C  CG  . GLN A 1 151 ? -9.225  17.989  23.232  1.00 29.28 ? 159 GLN A CG  1 
ATOM   1206 C  CD  . GLN A 1 151 ? -9.015  18.825  24.478  1.00 32.45 ? 159 GLN A CD  1 
ATOM   1207 O  OE1 . GLN A 1 151 ? -8.126  19.682  24.523  1.00 35.25 ? 159 GLN A OE1 1 
ATOM   1208 N  NE2 . GLN A 1 151 ? -9.845  18.594  25.491  1.00 34.52 ? 159 GLN A NE2 1 
ATOM   1209 N  N   . ALA A 1 152 ? -9.212  14.617  21.047  1.00 22.45 ? 160 ALA A N   1 
ATOM   1210 C  CA  . ALA A 1 152 ? -9.474  13.856  19.822  1.00 20.97 ? 160 ALA A CA  1 
ATOM   1211 C  C   . ALA A 1 152 ? -9.646  14.717  18.564  1.00 19.90 ? 160 ALA A C   1 
ATOM   1212 O  O   . ALA A 1 152 ? -8.818  14.661  17.647  1.00 18.77 ? 160 ALA A O   1 
ATOM   1213 C  CB  . ALA A 1 152 ? -10.671 12.926  20.012  1.00 21.59 ? 160 ALA A CB  1 
ATOM   1214 N  N   . GLY A 1 153 ? -10.710 15.513  18.529  1.00 18.96 ? 161 GLY A N   1 
ATOM   1215 C  CA  . GLY A 1 153 ? -11.046 16.310  17.357  1.00 17.77 ? 161 GLY A CA  1 
ATOM   1216 C  C   . GLY A 1 153 ? -9.961  17.312  17.012  1.00 16.81 ? 161 GLY A C   1 
ATOM   1217 O  O   . GLY A 1 153 ? -9.531  17.406  15.849  1.00 17.04 ? 161 GLY A O   1 
ATOM   1218 N  N   . LEU A 1 154 ? -9.536  18.057  18.031  1.00 16.49 ? 162 LEU A N   1 
ATOM   1219 C  CA  . LEU A 1 154 ? -8.435  19.013  17.936  1.00 16.02 ? 162 LEU A CA  1 
ATOM   1220 C  C   . LEU A 1 154 ? -7.173  18.384  17.363  1.00 14.55 ? 162 LEU A C   1 
ATOM   1221 O  O   . LEU A 1 154 ? -6.550  18.942  16.454  1.00 12.91 ? 162 LEU A O   1 
ATOM   1222 C  CB  . LEU A 1 154 ? -8.127  19.577  19.325  1.00 17.17 ? 162 LEU A CB  1 
ATOM   1223 C  CG  . LEU A 1 154 ? -7.413  20.916  19.410  1.00 19.66 ? 162 LEU A CG  1 
ATOM   1224 C  CD1 . LEU A 1 154 ? -8.485  22.006  19.497  1.00 20.18 ? 162 LEU A CD1 1 
ATOM   1225 C  CD2 . LEU A 1 154 ? -6.551  20.951  20.638  1.00 22.07 ? 162 LEU A CD2 1 
ATOM   1226 N  N   . GLY A 1 155 ? -6.802  17.227  17.908  1.00 13.29 ? 163 GLY A N   1 
ATOM   1227 C  CA  . GLY A 1 155 ? -5.596  16.540  17.487  1.00 12.11 ? 163 GLY A CA  1 
ATOM   1228 C  C   . GLY A 1 155 ? -5.636  16.121  16.033  1.00 11.95 ? 163 GLY A C   1 
ATOM   1229 O  O   . GLY A 1 155 ? -4.667  16.287  15.320  1.00 11.14 ? 163 GLY A O   1 
ATOM   1230 N  N   . GLU A 1 156 ? -6.769  15.586  15.592  1.00 11.47 ? 164 GLU A N   1 
ATOM   1231 C  CA  . GLU A 1 156 ? -6.931  15.179  14.201  1.00 11.94 ? 164 GLU A CA  1 
ATOM   1232 C  C   . GLU A 1 156 ? -6.753  16.355  13.238  1.00 10.84 ? 164 GLU A C   1 
ATOM   1233 O  O   . GLU A 1 156 ? -6.074  16.240  12.223  1.00 10.39 ? 164 GLU A O   1 
ATOM   1234 C  CB  . GLU A 1 156 ? -8.309  14.573  13.986  1.00 13.55 ? 164 GLU A CB  1 
ATOM   1235 C  CG  . GLU A 1 156 ? -8.474  13.136  14.428  1.00 16.99 ? 164 GLU A CG  1 
ATOM   1236 C  CD  . GLU A 1 156 ? -9.697  12.529  13.779  1.00 21.00 ? 164 GLU A CD  1 
ATOM   1237 O  OE1 . GLU A 1 156 ? -10.811 12.728  14.320  1.00 24.16 ? 164 GLU A OE1 1 
ATOM   1238 O  OE2 . GLU A 1 156 ? -9.558  11.895  12.711  1.00 18.68 ? 164 GLU A OE2 1 
ATOM   1239 N  N   . TYR A 1 157 ? -7.382  17.486  13.565  1.00 9.71  ? 165 TYR A N   1 
ATOM   1240 C  CA  . TYR A 1 157 ? -7.234  18.701  12.775  1.00 9.11  ? 165 TYR A CA  1 
ATOM   1241 C  C   . TYR A 1 157 ? -5.788  19.169  12.708  1.00 8.37  ? 165 TYR A C   1 
ATOM   1242 O  O   . TYR A 1 157 ? -5.273  19.473  11.629  1.00 8.03  ? 165 TYR A O   1 
ATOM   1243 C  CB  . TYR A 1 157 ? -8.105  19.813  13.361  1.00 9.16  ? 165 TYR A CB  1 
ATOM   1244 C  CG  . TYR A 1 157 ? -8.006  21.138  12.619  1.00 8.65  ? 165 TYR A CG  1 
ATOM   1245 C  CD1 . TYR A 1 157 ? -7.300  22.206  13.154  1.00 9.64  ? 165 TYR A CD1 1 
ATOM   1246 C  CD2 . TYR A 1 157 ? -8.634  21.312  11.390  1.00 9.42  ? 165 TYR A CD2 1 
ATOM   1247 C  CE1 . TYR A 1 157 ? -7.217  23.429  12.483  1.00 8.48  ? 165 TYR A CE1 1 
ATOM   1248 C  CE2 . TYR A 1 157 ? -8.567  22.523  10.705  1.00 9.00  ? 165 TYR A CE2 1 
ATOM   1249 C  CZ  . TYR A 1 157 ? -7.862  23.584  11.257  1.00 8.60  ? 165 TYR A CZ  1 
ATOM   1250 O  OH  . TYR A 1 157 ? -7.790  24.781  10.578  1.00 8.45  ? 165 TYR A OH  1 
ATOM   1251 N  N   . LEU A 1 158 ? -5.135  19.246  13.866  1.00 8.26  ? 166 LEU A N   1 
ATOM   1252 C  CA  . LEU A 1 158 ? -3.742  19.686  13.911  1.00 8.40  ? 166 LEU A CA  1 
ATOM   1253 C  C   . LEU A 1 158 ? -2.823  18.803  13.070  1.00 7.96  ? 166 LEU A C   1 
ATOM   1254 O  O   . LEU A 1 158 ? -1.973  19.316  12.324  1.00 8.04  ? 166 LEU A O   1 
ATOM   1255 C  CB  . LEU A 1 158 ? -3.236  19.808  15.356  1.00 9.10  ? 166 LEU A CB  1 
ATOM   1256 C  CG  . LEU A 1 158 ? -3.764  21.031  16.131  1.00 9.87  ? 166 LEU A CG  1 
ATOM   1257 C  CD1 . LEU A 1 158 ? -3.303  20.947  17.575  1.00 12.33 ? 166 LEU A CD1 1 
ATOM   1258 C  CD2 . LEU A 1 158 ? -3.307  22.339  15.517  1.00 11.75 ? 166 LEU A CD2 1 
ATOM   1259 N  N   . PHE A 1 159 ? -3.027  17.487  13.150  1.00 8.29  ? 167 PHE A N   1 
ATOM   1260 C  CA  . PHE A 1 159 ? -2.204  16.567  12.375  1.00 8.02  ? 167 PHE A CA  1 
ATOM   1261 C  C   . PHE A 1 159 ? -2.420  16.778  10.881  1.00 8.58  ? 167 PHE A C   1 
ATOM   1262 O  O   . PHE A 1 159 ? -1.467  16.855  10.100  1.00 8.19  ? 167 PHE A O   1 
ATOM   1263 C  CB  . PHE A 1 159 ? -2.492  15.115  12.753  1.00 8.38  ? 167 PHE A CB  1 
ATOM   1264 C  CG  . PHE A 1 159 ? -1.585  14.141  12.061  1.00 8.45  ? 167 PHE A CG  1 
ATOM   1265 C  CD1 . PHE A 1 159 ? -0.245  14.043  12.445  1.00 9.58  ? 167 PHE A CD1 1 
ATOM   1266 C  CD2 . PHE A 1 159 ? -2.043  13.362  10.998  1.00 9.79  ? 167 PHE A CD2 1 
ATOM   1267 C  CE1 . PHE A 1 159 ? 0.615   13.158  11.798  1.00 10.60 ? 167 PHE A CE1 1 
ATOM   1268 C  CE2 . PHE A 1 159 ? -1.175  12.474  10.346  1.00 10.98 ? 167 PHE A CE2 1 
ATOM   1269 C  CZ  . PHE A 1 159 ? 0.155   12.383  10.747  1.00 10.20 ? 167 PHE A CZ  1 
ATOM   1270 N  N   . GLU A 1 160 ? -3.682  16.907  10.482  1.00 7.47  ? 168 GLU A N   1 
ATOM   1271 C  CA  . GLU A 1 160 ? -3.992  17.066  9.079   1.00 8.08  ? 168 GLU A CA  1 
ATOM   1272 C  C   . GLU A 1 160 ? -3.399  18.376  8.543   1.00 7.91  ? 168 GLU A C   1 
ATOM   1273 O  O   . GLU A 1 160 ? -2.876  18.413  7.446   1.00 8.59  ? 168 GLU A O   1 
ATOM   1274 C  CB  . GLU A 1 160 ? -5.505  16.986  8.882   1.00 8.31  ? 168 GLU A CB  1 
ATOM   1275 C  CG  . GLU A 1 160 ? -5.961  17.112  7.440   1.00 8.37  ? 168 GLU A CG  1 
ATOM   1276 C  CD  . GLU A 1 160 ? -6.230  18.544  7.016   1.00 8.60  ? 168 GLU A CD  1 
ATOM   1277 O  OE1 . GLU A 1 160 ? -6.553  19.377  7.896   1.00 9.39  ? 168 GLU A OE1 1 
ATOM   1278 O  OE2 . GLU A 1 160 ? -6.147  18.824  5.799   1.00 8.30  ? 168 GLU A OE2 1 
ATOM   1279 N  N   . ARG A 1 161 ? -3.473  19.443  9.342   1.00 7.82  ? 169 ARG A N   1 
ATOM   1280 C  CA  . ARG A 1 161 ? -3.009  20.755  8.919   1.00 8.11  ? 169 ARG A CA  1 
ATOM   1281 C  C   . ARG A 1 161 ? -1.490  20.859  8.898   1.00 7.90  ? 169 ARG A C   1 
ATOM   1282 O  O   . ARG A 1 161 ? -0.931  21.451  7.986   1.00 8.60  ? 169 ARG A O   1 
ATOM   1283 C  CB  . ARG A 1 161 ? -3.561  21.836  9.857   1.00 8.84  ? 169 ARG A CB  1 
ATOM   1284 C  CG  . ARG A 1 161 ? -5.067  22.097  9.722   1.00 8.80  ? 169 ARG A CG  1 
ATOM   1285 C  CD  . ARG A 1 161 ? -5.460  22.914  8.501   1.00 7.23  ? 169 ARG A CD  1 
ATOM   1286 N  NE  . ARG A 1 161 ? -5.828  22.048  7.380   1.00 8.17  ? 169 ARG A NE  1 
ATOM   1287 C  CZ  . ARG A 1 161 ? -6.093  22.485  6.158   1.00 9.52  ? 169 ARG A CZ  1 
ATOM   1288 N  NH1 . ARG A 1 161 ? -6.011  23.780  5.879   1.00 10.00 ? 169 ARG A NH1 1 
ATOM   1289 N  NH2 . ARG A 1 161 ? -6.442  21.630  5.200   1.00 10.93 ? 169 ARG A NH2 1 
ATOM   1290 N  N   . LEU A 1 162 ? -0.831  20.300  9.914   1.00 7.95  ? 170 LEU A N   1 
ATOM   1291 C  CA  . LEU A 1 162 ? 0.576   20.606  10.155  1.00 8.72  ? 170 LEU A CA  1 
ATOM   1292 C  C   . LEU A 1 162 ? 1.538   19.509  9.736   1.00 8.92  ? 170 LEU A C   1 
ATOM   1293 O  O   . LEU A 1 162 ? 2.737   19.774  9.571   1.00 9.04  ? 170 LEU A O   1 
ATOM   1294 C  CB  . LEU A 1 162 ? 0.791   20.978  11.624  1.00 8.69  ? 170 LEU A CB  1 
ATOM   1295 C  CG  . LEU A 1 162 ? -0.001  22.180  12.151  1.00 9.06  ? 170 LEU A CG  1 
ATOM   1296 C  CD1 . LEU A 1 162 ? 0.390   22.378  13.598  1.00 10.15 ? 170 LEU A CD1 1 
ATOM   1297 C  CD2 . LEU A 1 162 ? 0.277   23.425  11.328  1.00 9.41  ? 170 LEU A CD2 1 
ATOM   1298 N  N   . THR A 1 163 ? 1.032   18.286  9.562   1.00 8.55  ? 171 THR A N   1 
ATOM   1299 C  CA  . THR A 1 163 ? 1.862   17.220  9.001   1.00 9.67  ? 171 THR A CA  1 
ATOM   1300 C  C   . THR A 1 163 ? 1.495   16.872  7.564   1.00 10.36 ? 171 THR A C   1 
ATOM   1301 O  O   . THR A 1 163 ? 2.361   16.826  6.708   1.00 11.48 ? 171 THR A O   1 
ATOM   1302 C  CB  . THR A 1 163 ? 1.824   15.969  9.889   1.00 9.08  ? 171 THR A CB  1 
ATOM   1303 O  OG1 . THR A 1 163 ? 2.480   16.253  11.139  1.00 9.92  ? 171 THR A OG1 1 
ATOM   1304 C  CG2 . THR A 1 163 ? 2.670   14.813  9.296   1.00 11.29 ? 171 THR A CG2 1 
ATOM   1305 N  N   . LEU A 1 164 ? 0.211   16.658  7.295   1.00 11.62 ? 172 LEU A N   1 
ATOM   1306 C  CA  . LEU A 1 164 ? -0.172  16.100  5.993   1.00 13.57 ? 172 LEU A CA  1 
ATOM   1307 C  C   . LEU A 1 164 ? -0.361  17.149  4.919   1.00 16.28 ? 172 LEU A C   1 
ATOM   1308 O  O   . LEU A 1 164 ? -0.090  16.889  3.743   1.00 16.36 ? 172 LEU A O   1 
ATOM   1309 C  CB  . LEU A 1 164 ? -1.413  15.234  6.132   1.00 12.77 ? 172 LEU A CB  1 
ATOM   1310 C  CG  . LEU A 1 164 ? -1.219  13.985  6.988   1.00 12.44 ? 172 LEU A CG  1 
ATOM   1311 C  CD1 . LEU A 1 164 ? -2.528  13.206  7.070   1.00 13.25 ? 172 LEU A CD1 1 
ATOM   1312 C  CD2 . LEU A 1 164 ? -0.082  13.103  6.463   1.00 13.99 ? 172 LEU A CD2 1 
ATOM   1313 N  N   . LYS A 1 165 ? -0.871  18.296  5.361   1.00 19.35 ? 173 LYS A N   1 
ATOM   1314 C  CA  . LYS A 1 165 ? -0.921  19.585  4.653   1.00 23.45 ? 173 LYS A CA  1 
ATOM   1315 C  C   . LYS A 1 165 ? -2.317  19.918  4.185   1.00 24.64 ? 173 LYS A C   1 
ATOM   1316 O  O   . LYS A 1 165 ? -3.271  19.804  4.952   1.00 27.06 ? 173 LYS A O   1 
ATOM   1317 C  CB  . LYS A 1 165 ? 0.137   19.730  3.546   1.00 22.87 ? 173 LYS A CB  1 
ATOM   1318 C  CG  . LYS A 1 165 ? -0.406  19.702  2.126   1.00 23.39 ? 173 LYS A CG  1 
ATOM   1319 C  CD  . LYS A 1 165 ? 0.325   20.700  1.239   1.00 26.87 ? 173 LYS A CD  1 
ATOM   1320 C  CE  . LYS A 1 165 ? -0.225  20.683  -0.180  1.00 27.93 ? 173 LYS A CE  1 
ATOM   1321 N  NZ  . LYS A 1 165 ? -1.655  21.099  -0.234  1.00 30.12 ? 173 LYS A NZ  1 
HETATM 1322 CD CD  . CD  B 2 .   ? -10.484 15.595  -0.967  1.00 18.01 ? 1   CD  A CD  1 
HETATM 1323 CD CD  . CD  C 2 .   ? -8.362  18.483  -2.099  1.00 25.04 ? 2   CD  A CD  1 
HETATM 1324 O  O   . HOH D 3 .   ? -13.872 -14.641 -12.807 1.00 5.43  ? 176 HOH A O   1 
HETATM 1325 O  O   . HOH D 3 .   ? 1.123   15.598  -3.024  1.00 7.11  ? 177 HOH A O   1 
HETATM 1326 O  O   . HOH D 3 .   ? 18.014  -12.226 -3.052  1.00 7.48  ? 178 HOH A O   1 
HETATM 1327 O  O   . HOH D 3 .   ? 20.674  -8.215  -2.756  1.00 8.01  ? 179 HOH A O   1 
HETATM 1328 O  O   . HOH D 3 .   ? -14.484 0.552   0.336   1.00 8.41  ? 180 HOH A O   1 
HETATM 1329 O  O   . HOH D 3 .   ? -6.191  -11.856 -17.747 1.00 8.46  ? 181 HOH A O   1 
HETATM 1330 O  O   . HOH D 3 .   ? 5.803   15.379  14.337  1.00 9.42  ? 182 HOH A O   1 
HETATM 1331 O  O   . HOH D 3 .   ? -4.331  -11.229 -19.634 1.00 9.44  ? 183 HOH A O   1 
HETATM 1332 O  O   . HOH D 3 .   ? -5.380  -9.293  -10.953 1.00 10.16 ? 184 HOH A O   1 
HETATM 1333 O  O   . HOH D 3 .   ? 14.003  -10.994 -21.592 1.00 10.91 ? 185 HOH A O   1 
HETATM 1334 O  O   . HOH D 3 .   ? -17.882 5.981   3.395   1.00 11.05 ? 186 HOH A O   1 
HETATM 1335 O  O   . HOH D 3 .   ? -15.748 16.014  -3.314  1.00 11.09 ? 187 HOH A O   1 
HETATM 1336 O  O   . HOH D 3 .   ? -5.638  13.893  10.816  1.00 11.40 ? 188 HOH A O   1 
HETATM 1337 O  O   . HOH D 3 .   ? -10.237 16.764  -3.071  1.00 11.55 ? 189 HOH A O   1 
HETATM 1338 O  O   . HOH D 3 .   ? -2.944  -10.150 -11.806 1.00 11.80 ? 190 HOH A O   1 
HETATM 1339 O  O   . HOH D 3 .   ? -14.865 5.650   0.420   1.00 11.88 ? 191 HOH A O   1 
HETATM 1340 O  O   . HOH D 3 .   ? -8.172  15.062  -1.714  1.00 11.98 ? 192 HOH A O   1 
HETATM 1341 O  O   . HOH D 3 .   ? -9.714  19.605  5.135   1.00 12.00 ? 193 HOH A O   1 
HETATM 1342 O  O   . HOH D 3 .   ? -9.009  -3.566  2.054   1.00 12.48 ? 194 HOH A O   1 
HETATM 1343 O  O   . HOH D 3 .   ? 1.427   -11.087 -20.861 1.00 12.99 ? 195 HOH A O   1 
HETATM 1344 O  O   . HOH D 3 .   ? 17.080  -14.414 -13.347 1.00 13.07 ? 196 HOH A O   1 
HETATM 1345 O  O   . HOH D 3 .   ? 4.668   12.077  11.316  1.00 13.14 ? 197 HOH A O   1 
HETATM 1346 O  O   . HOH D 3 .   ? 4.018   14.550  12.331  1.00 13.33 ? 198 HOH A O   1 
HETATM 1347 O  O   . HOH D 3 .   ? 12.286  -10.858 -12.817 1.00 13.44 ? 199 HOH A O   1 
HETATM 1348 O  O   . HOH D 3 .   ? 2.288   14.145  17.961  1.00 13.55 ? 200 HOH A O   1 
HETATM 1349 O  O   . HOH D 3 .   ? 13.063  -14.576 -18.823 1.00 14.33 ? 201 HOH A O   1 
HETATM 1350 O  O   . HOH D 3 .   ? 6.630   -10.908 -23.381 1.00 14.64 ? 202 HOH A O   1 
HETATM 1351 O  O   . HOH D 3 .   ? 10.887  -4.773  2.436   1.00 14.88 ? 203 HOH A O   1 
HETATM 1352 O  O   . HOH D 3 .   ? -11.125 -13.871 -10.977 1.00 15.20 ? 204 HOH A O   1 
HETATM 1353 O  O   . HOH D 3 .   ? -8.037  -14.531 -15.892 1.00 15.33 ? 205 HOH A O   1 
HETATM 1354 O  O   . HOH D 3 .   ? 12.595  8.728   10.010  1.00 15.79 ? 206 HOH A O   1 
HETATM 1355 O  O   . HOH D 3 .   ? 10.308  6.977   5.920   1.00 15.96 ? 207 HOH A O   1 
HETATM 1356 O  O   . HOH D 3 .   ? -16.996 7.038   1.083   1.00 16.27 ? 208 HOH A O   1 
HETATM 1357 O  O   . HOH D 3 .   ? -1.396  15.151  2.063   1.00 16.57 ? 209 HOH A O   1 
HETATM 1358 O  O   . HOH D 3 .   ? -14.389 18.117  -4.088  1.00 16.80 ? 210 HOH A O   1 
HETATM 1359 O  O   . HOH D 3 .   ? 7.123   -4.065  8.904   1.00 16.88 ? 211 HOH A O   1 
HETATM 1360 O  O   . HOH D 3 .   ? 21.916  -17.598 -11.181 1.00 17.05 ? 212 HOH A O   1 
HETATM 1361 O  O   . HOH D 3 .   ? 14.977  -13.346 -20.400 1.00 17.08 ? 213 HOH A O   1 
HETATM 1362 O  O   . HOH D 3 .   ? -9.521  -3.673  -2.249  1.00 17.49 ? 214 HOH A O   1 
HETATM 1363 O  O   . HOH D 3 .   ? -16.474 5.651   10.077  1.00 18.26 ? 215 HOH A O   1 
HETATM 1364 O  O   . HOH D 3 .   ? -16.400 -2.893  2.245   1.00 18.30 ? 216 HOH A O   1 
HETATM 1365 O  O   . HOH D 3 .   ? 0.309   -16.750 -16.777 1.00 18.64 ? 217 HOH A O   1 
HETATM 1366 O  O   . HOH D 3 .   ? 12.031  -18.158 -12.109 1.00 18.96 ? 218 HOH A O   1 
HETATM 1367 O  O   . HOH D 3 .   ? 17.255  -13.305 -15.776 1.00 19.02 ? 219 HOH A O   1 
HETATM 1368 O  O   . HOH D 3 .   ? 3.878   -15.880 -21.948 1.00 19.45 ? 220 HOH A O   1 
HETATM 1369 O  O   . HOH D 3 .   ? -17.320 -0.236  6.949   1.00 19.50 ? 221 HOH A O   1 
HETATM 1370 O  O   . HOH D 3 .   ? 14.258  -1.008  -13.229 1.00 19.56 ? 222 HOH A O   1 
HETATM 1371 O  O   . HOH D 3 .   ? 3.412   -19.795 -7.363  1.00 19.87 ? 223 HOH A O   1 
HETATM 1372 O  O   . HOH D 3 .   ? 10.358  -5.297  6.594   1.00 20.21 ? 224 HOH A O   1 
HETATM 1373 O  O   . HOH D 3 .   ? 3.228   11.994  4.588   1.00 20.35 ? 225 HOH A O   1 
HETATM 1374 O  O   . HOH D 3 .   ? 16.080  -2.632  -12.097 1.00 20.58 ? 226 HOH A O   1 
HETATM 1375 O  O   . HOH D 3 .   ? -21.045 19.165  6.855   1.00 20.82 ? 227 HOH A O   1 
HETATM 1376 O  O   . HOH D 3 .   ? -2.490  17.717  0.994   1.00 20.84 ? 228 HOH A O   1 
HETATM 1377 O  O   . HOH D 3 .   ? 1.095   9.738   0.231   1.00 21.16 ? 229 HOH A O   1 
HETATM 1378 O  O   . HOH D 3 .   ? 2.162   -19.752 -14.089 1.00 21.83 ? 230 HOH A O   1 
HETATM 1379 O  O   . HOH D 3 .   ? -8.979  -9.786  -5.381  1.00 21.98 ? 231 HOH A O   1 
HETATM 1380 O  O   . HOH D 3 .   ? 2.836   -14.873 -24.137 1.00 21.99 ? 232 HOH A O   1 
HETATM 1381 O  O   . HOH D 3 .   ? 1.275   20.374  6.606   1.00 22.03 ? 233 HOH A O   1 
HETATM 1382 O  O   . HOH D 3 .   ? 1.829   14.389  -0.787  1.00 22.26 ? 234 HOH A O   1 
HETATM 1383 O  O   . HOH D 3 .   ? 2.837   -17.254 -3.149  1.00 22.47 ? 235 HOH A O   1 
HETATM 1384 O  O   . HOH D 3 .   ? 14.451  -14.209 0.464   1.00 22.62 ? 236 HOH A O   1 
HETATM 1385 O  O   . HOH D 3 .   ? 4.854   -12.751 -22.838 1.00 22.69 ? 237 HOH A O   1 
HETATM 1386 O  O   . HOH D 3 .   ? 0.098   -17.529 -14.103 1.00 22.72 ? 238 HOH A O   1 
HETATM 1387 O  O   . HOH D 3 .   ? -8.126  0.246   12.101  1.00 22.76 ? 239 HOH A O   1 
HETATM 1388 O  O   . HOH D 3 .   ? 9.818   -16.898 -20.309 1.00 22.80 ? 240 HOH A O   1 
HETATM 1389 O  O   . HOH D 3 .   ? 17.845  -10.468 -4.707  1.00 23.21 ? 241 HOH A O   1 
HETATM 1390 O  O   . HOH D 3 .   ? 17.263  -17.212 -13.609 1.00 23.21 ? 242 HOH A O   1 
HETATM 1391 O  O   . HOH D 3 .   ? 1.007   -15.097 -3.389  1.00 23.27 ? 243 HOH A O   1 
HETATM 1392 O  O   . HOH D 3 .   ? 6.356   -6.069  7.101   1.00 23.28 ? 244 HOH A O   1 
HETATM 1393 O  O   . HOH D 3 .   ? 4.109   2.276   -2.313  1.00 23.30 ? 245 HOH A O   1 
HETATM 1394 O  O   . HOH D 3 .   ? 3.697   4.698   18.903  1.00 23.31 ? 246 HOH A O   1 
HETATM 1395 O  O   . HOH D 3 .   ? 4.996   1.923   -12.893 1.00 23.54 ? 247 HOH A O   1 
HETATM 1396 O  O   . HOH D 3 .   ? -10.329 1.900   9.680   1.00 23.70 ? 248 HOH A O   1 
HETATM 1397 O  O   . HOH D 3 .   ? 0.823   -11.091 2.776   1.00 23.85 ? 249 HOH A O   1 
HETATM 1398 O  O   . HOH D 3 .   ? 4.062   0.821   -4.842  1.00 23.90 ? 250 HOH A O   1 
HETATM 1399 O  O   . HOH D 3 .   ? 10.083  8.519   8.358   1.00 23.98 ? 251 HOH A O   1 
HETATM 1400 O  O   . HOH D 3 .   ? 16.250  -6.918  -12.062 1.00 24.29 ? 252 HOH A O   1 
HETATM 1401 O  O   . HOH D 3 .   ? -8.854  21.656  3.499   1.00 24.34 ? 253 HOH A O   1 
HETATM 1402 O  O   . HOH D 3 .   ? -7.606  4.002   16.657  1.00 24.54 ? 254 HOH A O   1 
HETATM 1403 O  O   . HOH D 3 .   ? -6.063  -3.295  6.513   1.00 24.77 ? 255 HOH A O   1 
HETATM 1404 O  O   . HOH D 3 .   ? -5.491  -11.276 -4.136  1.00 24.87 ? 256 HOH A O   1 
HETATM 1405 O  O   . HOH D 3 .   ? -0.571  -7.129  8.048   1.00 24.90 ? 257 HOH A O   1 
HETATM 1406 O  O   . HOH D 3 .   ? 15.072  -16.553 -17.460 1.00 25.08 ? 258 HOH A O   1 
HETATM 1407 O  O   . HOH D 3 .   ? 9.272   -2.874  -14.643 1.00 25.17 ? 259 HOH A O   1 
HETATM 1408 O  O   . HOH D 3 .   ? -1.595  -16.630 -12.687 1.00 25.19 ? 260 HOH A O   1 
HETATM 1409 O  O   . HOH D 3 .   ? -5.664  8.333   -6.591  1.00 25.42 ? 261 HOH A O   1 
HETATM 1410 O  O   . HOH D 3 .   ? 3.703   22.415  9.521   1.00 25.44 ? 262 HOH A O   1 
HETATM 1411 O  O   . HOH D 3 .   ? -9.912  20.176  -1.925  1.00 25.49 ? 263 HOH A O   1 
HETATM 1412 O  O   . HOH D 3 .   ? -12.225 20.026  4.484   1.00 25.52 ? 264 HOH A O   1 
HETATM 1413 O  O   . HOH D 3 .   ? 2.330   -12.984 -4.110  1.00 25.56 ? 265 HOH A O   1 
HETATM 1414 O  O   . HOH D 3 .   ? -13.024 12.844  12.715  1.00 25.57 ? 266 HOH A O   1 
HETATM 1415 O  O   . HOH D 3 .   ? 14.168  -19.269 -0.397  1.00 25.75 ? 267 HOH A O   1 
HETATM 1416 O  O   . HOH D 3 .   ? -1.529  -16.481 -10.030 1.00 25.77 ? 268 HOH A O   1 
HETATM 1417 O  O   . HOH D 3 .   ? -3.864  -14.833 -12.211 1.00 25.81 ? 269 HOH A O   1 
HETATM 1418 O  O   . HOH D 3 .   ? -14.096 -6.789  1.277   1.00 25.93 ? 270 HOH A O   1 
HETATM 1419 O  O   . HOH D 3 .   ? -7.102  19.917  -0.882  1.00 26.05 ? 271 HOH A O   1 
HETATM 1420 O  O   . HOH D 3 .   ? 8.223   11.227  9.531   1.00 26.74 ? 272 HOH A O   1 
HETATM 1421 O  O   . HOH D 3 .   ? 12.153  0.273   -3.506  1.00 26.96 ? 273 HOH A O   1 
HETATM 1422 O  O   . HOH D 3 .   ? -6.111  -4.366  -0.055  1.00 27.15 ? 274 HOH A O   1 
HETATM 1423 O  O   . HOH D 3 .   ? 8.266   4.662   0.094   1.00 27.19 ? 275 HOH A O   1 
HETATM 1424 O  O   . HOH D 3 .   ? 3.220   -18.179 -20.032 1.00 27.20 ? 276 HOH A O   1 
HETATM 1425 O  O   . HOH D 3 .   ? -3.259  -12.441 -5.027  1.00 27.32 ? 277 HOH A O   1 
HETATM 1426 O  O   . HOH D 3 .   ? -3.849  -5.684  -1.003  1.00 27.34 ? 278 HOH A O   1 
HETATM 1427 O  O   . HOH D 3 .   ? 19.861  -18.872 -12.517 1.00 27.47 ? 279 HOH A O   1 
HETATM 1428 O  O   . HOH D 3 .   ? -6.575  3.483   -8.016  1.00 27.52 ? 280 HOH A O   1 
HETATM 1429 O  O   . HOH D 3 .   ? 0.541   13.309  1.367   1.00 27.54 ? 281 HOH A O   1 
HETATM 1430 O  O   . HOH D 3 .   ? 7.385   -16.748 -23.256 1.00 27.71 ? 282 HOH A O   1 
HETATM 1431 O  O   . HOH D 3 .   ? -10.862 -4.083  7.886   1.00 27.72 ? 283 HOH A O   1 
HETATM 1432 O  O   . HOH D 3 .   ? 19.168  -7.334  -12.210 1.00 27.92 ? 284 HOH A O   1 
HETATM 1433 O  O   . HOH D 3 .   ? -3.400  -14.212 -9.569  1.00 28.00 ? 285 HOH A O   1 
HETATM 1434 O  O   . HOH D 3 .   ? -4.430  7.865   21.340  1.00 28.05 ? 286 HOH A O   1 
HETATM 1435 O  O   . HOH D 3 .   ? -1.755  -1.390  12.463  1.00 28.13 ? 287 HOH A O   1 
HETATM 1436 O  O   . HOH D 3 .   ? 7.642   -18.213 -0.590  1.00 28.23 ? 288 HOH A O   1 
HETATM 1437 O  O   . HOH D 3 .   ? -0.778  -18.443 -18.736 1.00 28.42 ? 289 HOH A O   1 
HETATM 1438 O  O   . HOH D 3 .   ? 1.857   7.899   20.372  1.00 28.43 ? 290 HOH A O   1 
HETATM 1439 O  O   . HOH D 3 .   ? -19.318 14.648  11.142  1.00 28.57 ? 291 HOH A O   1 
HETATM 1440 O  O   . HOH D 3 .   ? -12.861 -8.166  3.352   1.00 28.70 ? 292 HOH A O   1 
HETATM 1441 O  O   . HOH D 3 .   ? -1.064  12.040  24.345  1.00 28.81 ? 293 HOH A O   1 
HETATM 1442 O  O   . HOH D 3 .   ? -8.955  0.748   14.596  1.00 28.89 ? 294 HOH A O   1 
HETATM 1443 O  O   . HOH D 3 .   ? -9.305  -12.502 -7.308  1.00 28.92 ? 295 HOH A O   1 
HETATM 1444 O  O   . HOH D 3 .   ? -22.976 12.549  8.906   1.00 29.00 ? 296 HOH A O   1 
HETATM 1445 O  O   . HOH D 3 .   ? 5.280   7.711   -8.133  1.00 29.23 ? 297 HOH A O   1 
HETATM 1446 O  O   . HOH D 3 .   ? -8.952  -6.001  -0.920  1.00 29.48 ? 298 HOH A O   1 
HETATM 1447 O  O   . HOH D 3 .   ? -6.506  14.393  -3.551  1.00 29.76 ? 299 HOH A O   1 
HETATM 1448 O  O   . HOH D 3 .   ? 9.740   -13.543 5.603   1.00 29.96 ? 300 HOH A O   1 
HETATM 1449 O  O   . HOH D 3 .   ? 7.590   6.824   1.968   1.00 30.08 ? 301 HOH A O   1 
HETATM 1450 O  O   . HOH D 3 .   ? -6.558  6.170   -8.031  1.00 30.24 ? 302 HOH A O   1 
HETATM 1451 O  O   . HOH D 3 .   ? 6.149   22.236  10.590  1.00 30.34 ? 303 HOH A O   1 
HETATM 1452 O  O   . HOH D 3 .   ? 3.328   8.844   -9.075  1.00 30.40 ? 304 HOH A O   1 
HETATM 1453 O  O   . HOH D 3 .   ? 17.238  -13.261 1.515   1.00 30.53 ? 305 HOH A O   1 
HETATM 1454 O  O   . HOH D 3 .   ? -19.472 10.202  10.592  1.00 30.73 ? 306 HOH A O   1 
HETATM 1455 O  O   . HOH D 3 .   ? 1.946   -13.217 1.731   1.00 30.80 ? 307 HOH A O   1 
HETATM 1456 O  O   . HOH D 3 .   ? -17.433 -4.071  4.349   1.00 30.96 ? 308 HOH A O   1 
HETATM 1457 O  O   . HOH D 3 .   ? -13.574 4.696   15.756  1.00 31.07 ? 309 HOH A O   1 
HETATM 1458 O  O   . HOH D 3 .   ? 8.519   -23.664 -14.877 1.00 31.34 ? 310 HOH A O   1 
HETATM 1459 O  O   . HOH D 3 .   ? -1.666  -13.982 -2.754  1.00 31.54 ? 311 HOH A O   1 
HETATM 1460 O  O   . HOH D 3 .   ? -2.207  -18.236 -8.469  1.00 31.55 ? 312 HOH A O   1 
HETATM 1461 O  O   . HOH D 3 .   ? 17.012  -19.654 -0.882  1.00 31.70 ? 313 HOH A O   1 
HETATM 1462 O  O   . HOH D 3 .   ? 19.449  -10.275 -1.834  1.00 32.15 ? 314 HOH A O   1 
HETATM 1463 O  O   . HOH D 3 .   ? -2.096  15.208  -3.796  1.00 32.25 ? 315 HOH A O   1 
HETATM 1464 O  O   . HOH D 3 .   ? -4.890  -13.369 -7.560  1.00 32.35 ? 316 HOH A O   1 
HETATM 1465 O  O   . HOH D 3 .   ? -9.398  -16.955 -17.250 1.00 32.57 ? 317 HOH A O   1 
HETATM 1466 O  O   . HOH D 3 .   ? -4.179  21.205  1.032   1.00 32.72 ? 318 HOH A O   1 
HETATM 1467 O  O   . HOH D 3 .   ? -6.443  -2.113  11.455  1.00 34.48 ? 319 HOH A O   1 
HETATM 1468 O  O   . HOH D 3 .   ? 2.391   -14.021 -1.530  1.00 34.71 ? 320 HOH A O   1 
HETATM 1469 O  O   . HOH D 3 .   ? 3.588   -15.478 4.446   1.00 35.10 ? 321 HOH A O   1 
HETATM 1470 O  O   . HOH D 3 .   ? -18.869 8.047   8.551   1.00 35.16 ? 322 HOH A O   1 
HETATM 1471 O  O   . HOH D 3 .   ? 9.822   0.810   -22.594 1.00 35.18 ? 323 HOH A O   1 
HETATM 1472 O  O   . HOH D 3 .   ? 0.934   -21.350 -8.207  1.00 35.18 ? 324 HOH A O   1 
HETATM 1473 O  O   . HOH D 3 .   ? 5.460   13.636  6.096   1.00 35.26 ? 325 HOH A O   1 
HETATM 1474 O  O   . HOH D 3 .   ? 3.277   2.832   -14.825 1.00 36.04 ? 326 HOH A O   1 
HETATM 1475 O  O   . HOH D 3 .   ? -19.709 0.517   7.602   1.00 37.01 ? 327 HOH A O   1 
HETATM 1476 O  O   . HOH D 3 .   ? 2.038   14.054  3.357   1.00 37.07 ? 328 HOH A O   1 
HETATM 1477 O  O   . HOH D 3 .   ? -3.379  7.455   -9.790  1.00 37.37 ? 329 HOH A O   1 
HETATM 1478 O  O   . HOH D 3 .   ? -10.400 11.813  16.882  1.00 37.72 ? 330 HOH A O   1 
HETATM 1479 O  O   . HOH D 3 .   ? 4.764   4.698   -2.156  1.00 37.79 ? 331 HOH A O   1 
HETATM 1480 O  O   . HOH D 3 .   ? -10.447 -16.615 -12.929 1.00 37.98 ? 332 HOH A O   1 
HETATM 1481 O  O   . HOH D 3 .   ? -0.063  -3.753  12.238  1.00 38.53 ? 333 HOH A O   1 
HETATM 1482 O  O   . HOH D 3 .   ? -7.900  -4.315  4.859   1.00 38.76 ? 334 HOH A O   1 
HETATM 1483 O  O   . HOH D 3 .   ? 12.212  3.800   -12.977 1.00 38.99 ? 335 HOH A O   1 
HETATM 1484 O  O   . HOH D 3 .   ? 19.512  -18.226 -5.248  1.00 39.39 ? 336 HOH A O   1 
HETATM 1485 O  O   . HOH D 3 .   ? -5.479  -5.419  5.165   1.00 40.21 ? 337 HOH A O   1 
HETATM 1486 O  O   . HOH D 3 .   ? -10.802 3.422   17.483  1.00 40.94 ? 338 HOH A O   1 
HETATM 1487 O  O   . HOH D 3 .   ? -4.484  13.051  14.583  1.00 41.16 ? 339 HOH A O   1 
HETATM 1488 O  O   . HOH D 3 .   ? -13.340 1.884   11.925  1.00 41.25 ? 340 HOH A O   1 
HETATM 1489 O  O   . HOH D 3 .   ? -15.932 -2.038  8.349   1.00 41.33 ? 341 HOH A O   1 
HETATM 1490 O  O   . HOH D 3 .   ? 9.638   -20.863 -1.225  1.00 42.34 ? 342 HOH A O   1 
HETATM 1491 O  O   . HOH D 3 .   ? 10.001  1.729   -7.426  1.00 43.52 ? 343 HOH A O   1 
HETATM 1492 O  O   . HOH D 3 .   ? 3.895   8.521   22.428  1.00 43.62 ? 344 HOH A O   1 
HETATM 1493 O  O   . HOH D 3 .   ? -11.864 6.026   17.709  1.00 44.30 ? 345 HOH A O   1 
HETATM 1494 O  O   . HOH D 3 .   ? -21.467 -0.201  4.815   1.00 44.91 ? 346 HOH A O   1 
HETATM 1495 O  O   . HOH D 3 .   ? 6.997   0.617   -15.210 1.00 45.54 ? 347 HOH A O   1 
HETATM 1496 O  O   . HOH D 3 .   ? -0.091  8.083   23.042  1.00 46.25 ? 348 HOH A O   1 
HETATM 1497 O  O   . HOH D 3 .   ? 14.526  -20.921 -13.572 1.00 46.27 ? 349 HOH A O   1 
HETATM 1498 O  O   . HOH D 3 .   ? -15.882 3.141   10.906  1.00 46.74 ? 350 HOH A O   1 
HETATM 1499 O  O   . HOH D 3 .   ? 13.137  -22.922 -12.321 1.00 48.35 ? 351 HOH A O   1 
HETATM 1500 O  O   . HOH D 3 .   ? -7.841  -3.971  8.503   1.00 49.23 ? 352 HOH A O   1 
# 
loop_
_pdbx_poly_seq_scheme.asym_id 
_pdbx_poly_seq_scheme.entity_id 
_pdbx_poly_seq_scheme.seq_id 
_pdbx_poly_seq_scheme.mon_id 
_pdbx_poly_seq_scheme.ndb_seq_num 
_pdbx_poly_seq_scheme.pdb_seq_num 
_pdbx_poly_seq_scheme.auth_seq_num 
_pdbx_poly_seq_scheme.pdb_mon_id 
_pdbx_poly_seq_scheme.auth_mon_id 
_pdbx_poly_seq_scheme.pdb_strand_id 
_pdbx_poly_seq_scheme.pdb_ins_code 
_pdbx_poly_seq_scheme.hetero 
A 1 1   TYR 1   9   9   TYR TYR A . n 
A 1 2   SER 2   10  10  SER SER A . n 
A 1 3   THR 3   11  11  THR THR A . n 
A 1 4   GLU 4   12  12  GLU GLU A . n 
A 1 5   VAL 5   13  13  VAL VAL A . n 
A 1 6   GLU 6   14  14  GLU GLU A . n 
A 1 7   ALA 7   15  15  ALA ALA A . n 
A 1 8   ALA 8   16  16  ALA ALA A . n 
A 1 9   VAL 9   17  17  VAL VAL A . n 
A 1 10  ASN 10  18  18  ASN ASN A . n 
A 1 11  ARG 11  19  19  ARG ARG A . n 
A 1 12  LEU 12  20  20  LEU LEU A . n 
A 1 13  VAL 13  21  21  VAL VAL A . n 
A 1 14  ASN 14  22  22  ASN ASN A . n 
A 1 15  LEU 15  23  23  LEU LEU A . n 
A 1 16  TYR 16  24  24  TYR TYR A . n 
A 1 17  LEU 17  25  25  LEU LEU A . n 
A 1 18  ARG 18  26  26  ARG ARG A . n 
A 1 19  ALA 19  27  27  ALA ALA A . n 
A 1 20  SER 20  28  28  SER SER A . n 
A 1 21  TYR 21  29  29  TYR TYR A . n 
A 1 22  THR 22  30  30  THR THR A . n 
A 1 23  TYR 23  31  31  TYR TYR A . n 
A 1 24  LEU 24  32  32  LEU LEU A . n 
A 1 25  SER 25  33  33  SER SER A . n 
A 1 26  LEU 26  34  34  LEU LEU A . n 
A 1 27  GLY 27  35  35  GLY GLY A . n 
A 1 28  PHE 28  36  36  PHE PHE A . n 
A 1 29  TYR 29  37  37  TYR TYR A . n 
A 1 30  PHE 30  38  38  PHE PHE A . n 
A 1 31  ASP 31  39  39  ASP ASP A . n 
A 1 32  ARG 32  40  40  ARG ARG A . n 
A 1 33  ASP 33  41  41  ASP ASP A . n 
A 1 34  ASP 34  42  42  ASP ASP A . n 
A 1 35  VAL 35  43  43  VAL VAL A . n 
A 1 36  ALA 36  44  44  ALA ALA A . n 
A 1 37  LEU 37  45  45  LEU LEU A . n 
A 1 38  GLU 38  46  46  GLU GLU A . n 
A 1 39  GLY 39  47  47  GLY GLY A . n 
A 1 40  VAL 40  48  48  VAL VAL A . n 
A 1 41  CYS 41  49  49  CYS CYS A . n 
A 1 42  HIS 42  50  50  HIS HIS A . n 
A 1 43  PHE 43  51  51  PHE PHE A . n 
A 1 44  PHE 44  52  52  PHE PHE A . n 
A 1 45  ARG 45  53  53  ARG ARG A . n 
A 1 46  GLU 46  54  54  GLU GLU A . n 
A 1 47  LEU 47  55  55  LEU LEU A . n 
A 1 48  ALA 48  56  56  ALA ALA A . n 
A 1 49  GLU 49  57  57  GLU GLU A . n 
A 1 50  GLU 50  58  58  GLU GLU A . n 
A 1 51  LYS 51  59  59  LYS LYS A . n 
A 1 52  ARG 52  60  60  ARG ARG A . n 
A 1 53  GLU 53  61  61  GLU GLU A . n 
A 1 54  GLY 54  62  62  GLY GLY A . n 
A 1 55  ALA 55  63  63  ALA ALA A . n 
A 1 56  GLU 56  64  64  GLU GLU A . n 
A 1 57  ARG 57  65  65  ARG ARG A . n 
A 1 58  LEU 58  66  66  LEU LEU A . n 
A 1 59  LEU 59  67  67  LEU LEU A . n 
A 1 60  LYS 60  68  68  LYS LYS A . n 
A 1 61  MET 61  69  69  MET MET A . n 
A 1 62  GLN 62  70  70  GLN GLN A . n 
A 1 63  ASN 63  71  71  ASN ASN A . n 
A 1 64  GLN 64  72  72  GLN GLN A . n 
A 1 65  ARG 65  73  73  ARG ARG A . n 
A 1 66  GLY 66  74  74  GLY GLY A . n 
A 1 67  GLY 67  75  75  GLY GLY A . n 
A 1 68  ARG 68  76  76  ARG ARG A . n 
A 1 69  ALA 69  77  77  ALA ALA A . n 
A 1 70  LEU 70  78  78  LEU LEU A . n 
A 1 71  PHE 71  79  79  PHE PHE A . n 
A 1 72  GLN 72  80  80  GLN GLN A . n 
A 1 73  ASP 73  81  81  ASP ASP A . n 
A 1 74  LEU 74  82  82  LEU LEU A . n 
A 1 75  GLN 75  83  83  GLN GLN A . n 
A 1 76  LYS 76  84  84  LYS LYS A . n 
A 1 77  PRO 77  85  85  PRO PRO A . n 
A 1 78  SER 78  86  86  SER SER A . n 
A 1 79  GLN 79  87  87  GLN GLN A . n 
A 1 80  ASP 80  88  88  ASP ASP A . n 
A 1 81  GLU 81  89  89  GLU GLU A . n 
A 1 82  TRP 82  90  90  TRP TRP A . n 
A 1 83  GLY 83  91  91  GLY GLY A . n 
A 1 84  THR 84  92  92  THR THR A . n 
A 1 85  THR 85  93  93  THR THR A . n 
A 1 86  PRO 86  94  94  PRO PRO A . n 
A 1 87  ASP 87  95  95  ASP ASP A . n 
A 1 88  ALA 88  96  96  ALA ALA A . n 
A 1 89  MET 89  97  97  MET MET A . n 
A 1 90  LYS 90  98  98  LYS LYS A . n 
A 1 91  ALA 91  99  99  ALA ALA A . n 
A 1 92  ALA 92  100 100 ALA ALA A . n 
A 1 93  ILE 93  101 101 ILE ILE A . n 
A 1 94  VAL 94  102 102 VAL VAL A . n 
A 1 95  LEU 95  103 103 LEU LEU A . n 
A 1 96  GLU 96  104 104 GLU GLU A . n 
A 1 97  LYS 97  105 105 LYS LYS A . n 
A 1 98  SER 98  106 106 SER SER A . n 
A 1 99  LEU 99  107 107 LEU LEU A . n 
A 1 100 ASN 100 108 108 ASN ASN A . n 
A 1 101 GLN 101 109 109 GLN GLN A . n 
A 1 102 ALA 102 110 110 ALA ALA A . n 
A 1 103 LEU 103 111 111 LEU LEU A . n 
A 1 104 LEU 104 112 112 LEU LEU A . n 
A 1 105 ASP 105 113 113 ASP ASP A . n 
A 1 106 LEU 106 114 114 LEU LEU A . n 
A 1 107 HIS 107 115 115 HIS HIS A . n 
A 1 108 ALA 108 116 116 ALA ALA A . n 
A 1 109 LEU 109 117 117 LEU LEU A . n 
A 1 110 GLY 110 118 118 GLY GLY A . n 
A 1 111 SER 111 119 119 SER SER A . n 
A 1 112 ALA 112 120 120 ALA ALA A . n 
A 1 113 GLN 113 121 121 GLN GLN A . n 
A 1 114 ALA 114 122 122 ALA ALA A . n 
A 1 115 ASP 115 123 123 ASP ASP A . n 
A 1 116 PRO 116 124 124 PRO PRO A . n 
A 1 117 HIS 117 125 125 HIS HIS A . n 
A 1 118 LEU 118 126 126 LEU LEU A . n 
A 1 119 CYS 119 127 127 CYS CYS A . n 
A 1 120 ASP 120 128 128 ASP ASP A . n 
A 1 121 PHE 121 129 129 PHE PHE A . n 
A 1 122 LEU 122 130 130 LEU LEU A . n 
A 1 123 GLU 123 131 131 GLU GLU A . n 
A 1 124 SER 124 132 132 SER SER A . n 
A 1 125 HIS 125 133 133 HIS HIS A . n 
A 1 126 PHE 126 134 134 PHE PHE A . n 
A 1 127 LEU 127 135 135 LEU LEU A . n 
A 1 128 ASP 128 136 136 ASP ASP A . n 
A 1 129 GLU 129 137 137 GLU GLU A . n 
A 1 130 GLU 130 138 138 GLU GLU A . n 
A 1 131 VAL 131 139 139 VAL VAL A . n 
A 1 132 LYS 132 140 140 LYS LYS A . n 
A 1 133 LEU 133 141 141 LEU LEU A . n 
A 1 134 ILE 134 142 142 ILE ILE A . n 
A 1 135 LYS 135 143 143 LYS LYS A . n 
A 1 136 LYS 136 144 144 LYS LYS A . n 
A 1 137 MET 137 145 145 MET MET A . n 
A 1 138 GLY 138 146 146 GLY GLY A . n 
A 1 139 ASP 139 147 147 ASP ASP A . n 
A 1 140 HIS 140 148 148 HIS HIS A . n 
A 1 141 LEU 141 149 149 LEU LEU A . n 
A 1 142 THR 142 150 150 THR THR A . n 
A 1 143 ASN 143 151 151 ASN ASN A . n 
A 1 144 ILE 144 152 152 ILE ILE A . n 
A 1 145 GLN 145 153 153 GLN GLN A . n 
A 1 146 ARG 146 154 154 ARG ARG A . n 
A 1 147 LEU 147 155 155 LEU LEU A . n 
A 1 148 VAL 148 156 156 VAL VAL A . n 
A 1 149 GLY 149 157 157 GLY GLY A . n 
A 1 150 SER 150 158 158 SER SER A . n 
A 1 151 GLN 151 159 159 GLN GLN A . n 
A 1 152 ALA 152 160 160 ALA ALA A . n 
A 1 153 GLY 153 161 161 GLY GLY A . n 
A 1 154 LEU 154 162 162 LEU LEU A . n 
A 1 155 GLY 155 163 163 GLY GLY A . n 
A 1 156 GLU 156 164 164 GLU GLU A . n 
A 1 157 TYR 157 165 165 TYR TYR A . n 
A 1 158 LEU 158 166 166 LEU LEU A . n 
A 1 159 PHE 159 167 167 PHE PHE A . n 
A 1 160 GLU 160 168 168 GLU GLU A . n 
A 1 161 ARG 161 169 169 ARG ARG A . n 
A 1 162 LEU 162 170 170 LEU LEU A . n 
A 1 163 THR 163 171 171 THR THR A . n 
A 1 164 LEU 164 172 172 LEU LEU A . n 
A 1 165 LYS 165 173 173 LYS LYS A . n 
A 1 166 HIS 166 174 ?   ?   ?   A . n 
A 1 167 ASP 167 175 ?   ?   ?   A . n 
# 
loop_
_pdbx_nonpoly_scheme.asym_id 
_pdbx_nonpoly_scheme.entity_id 
_pdbx_nonpoly_scheme.mon_id 
_pdbx_nonpoly_scheme.ndb_seq_num 
_pdbx_nonpoly_scheme.pdb_seq_num 
_pdbx_nonpoly_scheme.auth_seq_num 
_pdbx_nonpoly_scheme.pdb_mon_id 
_pdbx_nonpoly_scheme.auth_mon_id 
_pdbx_nonpoly_scheme.pdb_strand_id 
_pdbx_nonpoly_scheme.pdb_ins_code 
B 2 CD  1   1   1   CD  CD  A . 
C 2 CD  1   2   2   CD  CD  A . 
D 3 HOH 1   176 1   HOH HOH A . 
D 3 HOH 2   177 2   HOH HOH A . 
D 3 HOH 3   178 3   HOH HOH A . 
D 3 HOH 4   179 4   HOH HOH A . 
D 3 HOH 5   180 5   HOH HOH A . 
D 3 HOH 6   181 6   HOH HOH A . 
D 3 HOH 7   182 7   HOH HOH A . 
D 3 HOH 8   183 8   HOH HOH A . 
D 3 HOH 9   184 9   HOH HOH A . 
D 3 HOH 10  185 10  HOH HOH A . 
D 3 HOH 11  186 11  HOH HOH A . 
D 3 HOH 12  187 12  HOH HOH A . 
D 3 HOH 13  188 13  HOH HOH A . 
D 3 HOH 14  189 14  HOH HOH A . 
D 3 HOH 15  190 15  HOH HOH A . 
D 3 HOH 16  191 16  HOH HOH A . 
D 3 HOH 17  192 17  HOH HOH A . 
D 3 HOH 18  193 18  HOH HOH A . 
D 3 HOH 19  194 19  HOH HOH A . 
D 3 HOH 20  195 20  HOH HOH A . 
D 3 HOH 21  196 21  HOH HOH A . 
D 3 HOH 22  197 22  HOH HOH A . 
D 3 HOH 23  198 23  HOH HOH A . 
D 3 HOH 24  199 24  HOH HOH A . 
D 3 HOH 25  200 25  HOH HOH A . 
D 3 HOH 26  201 26  HOH HOH A . 
D 3 HOH 27  202 27  HOH HOH A . 
D 3 HOH 28  203 28  HOH HOH A . 
D 3 HOH 29  204 29  HOH HOH A . 
D 3 HOH 30  205 30  HOH HOH A . 
D 3 HOH 31  206 31  HOH HOH A . 
D 3 HOH 32  207 32  HOH HOH A . 
D 3 HOH 33  208 33  HOH HOH A . 
D 3 HOH 34  209 34  HOH HOH A . 
D 3 HOH 35  210 35  HOH HOH A . 
D 3 HOH 36  211 36  HOH HOH A . 
D 3 HOH 37  212 37  HOH HOH A . 
D 3 HOH 38  213 38  HOH HOH A . 
D 3 HOH 39  214 39  HOH HOH A . 
D 3 HOH 40  215 40  HOH HOH A . 
D 3 HOH 41  216 41  HOH HOH A . 
D 3 HOH 42  217 42  HOH HOH A . 
D 3 HOH 43  218 43  HOH HOH A . 
D 3 HOH 44  219 44  HOH HOH A . 
D 3 HOH 45  220 45  HOH HOH A . 
D 3 HOH 46  221 46  HOH HOH A . 
D 3 HOH 47  222 47  HOH HOH A . 
D 3 HOH 48  223 48  HOH HOH A . 
D 3 HOH 49  224 49  HOH HOH A . 
D 3 HOH 50  225 50  HOH HOH A . 
D 3 HOH 51  226 51  HOH HOH A . 
D 3 HOH 52  227 52  HOH HOH A . 
D 3 HOH 53  228 53  HOH HOH A . 
D 3 HOH 54  229 54  HOH HOH A . 
D 3 HOH 55  230 55  HOH HOH A . 
D 3 HOH 56  231 56  HOH HOH A . 
D 3 HOH 57  232 57  HOH HOH A . 
D 3 HOH 58  233 58  HOH HOH A . 
D 3 HOH 59  234 59  HOH HOH A . 
D 3 HOH 60  235 60  HOH HOH A . 
D 3 HOH 61  236 61  HOH HOH A . 
D 3 HOH 62  237 62  HOH HOH A . 
D 3 HOH 63  238 63  HOH HOH A . 
D 3 HOH 64  239 64  HOH HOH A . 
D 3 HOH 65  240 65  HOH HOH A . 
D 3 HOH 66  241 66  HOH HOH A . 
D 3 HOH 67  242 67  HOH HOH A . 
D 3 HOH 68  243 68  HOH HOH A . 
D 3 HOH 69  244 69  HOH HOH A . 
D 3 HOH 70  245 70  HOH HOH A . 
D 3 HOH 71  246 71  HOH HOH A . 
D 3 HOH 72  247 72  HOH HOH A . 
D 3 HOH 73  248 73  HOH HOH A . 
D 3 HOH 74  249 74  HOH HOH A . 
D 3 HOH 75  250 75  HOH HOH A . 
D 3 HOH 76  251 76  HOH HOH A . 
D 3 HOH 77  252 77  HOH HOH A . 
D 3 HOH 78  253 78  HOH HOH A . 
D 3 HOH 79  254 79  HOH HOH A . 
D 3 HOH 80  255 80  HOH HOH A . 
D 3 HOH 81  256 81  HOH HOH A . 
D 3 HOH 82  257 82  HOH HOH A . 
D 3 HOH 83  258 83  HOH HOH A . 
D 3 HOH 84  259 84  HOH HOH A . 
D 3 HOH 85  260 85  HOH HOH A . 
D 3 HOH 86  261 86  HOH HOH A . 
D 3 HOH 87  262 87  HOH HOH A . 
D 3 HOH 88  263 88  HOH HOH A . 
D 3 HOH 89  264 89  HOH HOH A . 
D 3 HOH 90  265 90  HOH HOH A . 
D 3 HOH 91  266 91  HOH HOH A . 
D 3 HOH 92  267 92  HOH HOH A . 
D 3 HOH 93  268 93  HOH HOH A . 
D 3 HOH 94  269 94  HOH HOH A . 
D 3 HOH 95  270 95  HOH HOH A . 
D 3 HOH 96  271 96  HOH HOH A . 
D 3 HOH 97  272 97  HOH HOH A . 
D 3 HOH 98  273 98  HOH HOH A . 
D 3 HOH 99  274 99  HOH HOH A . 
D 3 HOH 100 275 100 HOH HOH A . 
D 3 HOH 101 276 101 HOH HOH A . 
D 3 HOH 102 277 102 HOH HOH A . 
D 3 HOH 103 278 103 HOH HOH A . 
D 3 HOH 104 279 104 HOH HOH A . 
D 3 HOH 105 280 105 HOH HOH A . 
D 3 HOH 106 281 106 HOH HOH A . 
D 3 HOH 107 282 107 HOH HOH A . 
D 3 HOH 108 283 108 HOH HOH A . 
D 3 HOH 109 284 109 HOH HOH A . 
D 3 HOH 110 285 110 HOH HOH A . 
D 3 HOH 111 286 111 HOH HOH A . 
D 3 HOH 112 287 112 HOH HOH A . 
D 3 HOH 113 288 113 HOH HOH A . 
D 3 HOH 114 289 114 HOH HOH A . 
D 3 HOH 115 290 115 HOH HOH A . 
D 3 HOH 116 291 116 HOH HOH A . 
D 3 HOH 117 292 117 HOH HOH A . 
D 3 HOH 118 293 118 HOH HOH A . 
D 3 HOH 119 294 119 HOH HOH A . 
D 3 HOH 120 295 120 HOH HOH A . 
D 3 HOH 121 296 121 HOH HOH A . 
D 3 HOH 122 297 122 HOH HOH A . 
D 3 HOH 123 298 123 HOH HOH A . 
D 3 HOH 124 299 124 HOH HOH A . 
D 3 HOH 125 300 125 HOH HOH A . 
D 3 HOH 126 301 126 HOH HOH A . 
D 3 HOH 127 302 127 HOH HOH A . 
D 3 HOH 128 303 128 HOH HOH A . 
D 3 HOH 129 304 129 HOH HOH A . 
D 3 HOH 130 305 130 HOH HOH A . 
D 3 HOH 131 306 131 HOH HOH A . 
D 3 HOH 132 307 132 HOH HOH A . 
D 3 HOH 133 308 133 HOH HOH A . 
D 3 HOH 134 309 134 HOH HOH A . 
D 3 HOH 135 310 135 HOH HOH A . 
D 3 HOH 136 311 136 HOH HOH A . 
D 3 HOH 137 312 137 HOH HOH A . 
D 3 HOH 138 313 138 HOH HOH A . 
D 3 HOH 139 314 139 HOH HOH A . 
D 3 HOH 140 315 140 HOH HOH A . 
D 3 HOH 141 316 141 HOH HOH A . 
D 3 HOH 142 317 142 HOH HOH A . 
D 3 HOH 143 318 143 HOH HOH A . 
D 3 HOH 144 319 144 HOH HOH A . 
D 3 HOH 145 320 145 HOH HOH A . 
D 3 HOH 146 321 146 HOH HOH A . 
D 3 HOH 147 322 147 HOH HOH A . 
D 3 HOH 148 323 148 HOH HOH A . 
D 3 HOH 149 324 149 HOH HOH A . 
D 3 HOH 150 325 150 HOH HOH A . 
D 3 HOH 151 326 151 HOH HOH A . 
D 3 HOH 152 327 152 HOH HOH A . 
D 3 HOH 153 328 153 HOH HOH A . 
D 3 HOH 154 329 154 HOH HOH A . 
D 3 HOH 155 330 155 HOH HOH A . 
D 3 HOH 156 331 156 HOH HOH A . 
D 3 HOH 157 332 157 HOH HOH A . 
D 3 HOH 158 333 158 HOH HOH A . 
D 3 HOH 159 334 159 HOH HOH A . 
D 3 HOH 160 335 160 HOH HOH A . 
D 3 HOH 161 336 161 HOH HOH A . 
D 3 HOH 162 337 162 HOH HOH A . 
D 3 HOH 163 338 163 HOH HOH A . 
D 3 HOH 164 339 164 HOH HOH A . 
D 3 HOH 165 340 165 HOH HOH A . 
D 3 HOH 166 341 166 HOH HOH A . 
D 3 HOH 167 342 167 HOH HOH A . 
D 3 HOH 168 343 168 HOH HOH A . 
D 3 HOH 169 344 169 HOH HOH A . 
D 3 HOH 170 345 170 HOH HOH A . 
D 3 HOH 171 346 171 HOH HOH A . 
D 3 HOH 172 347 172 HOH HOH A . 
D 3 HOH 173 348 173 HOH HOH A . 
D 3 HOH 174 349 174 HOH HOH A . 
D 3 HOH 175 350 175 HOH HOH A . 
D 3 HOH 176 351 176 HOH HOH A . 
D 3 HOH 177 352 177 HOH HOH A . 
# 
_pdbx_struct_assembly.id                   1 
_pdbx_struct_assembly.details              author_and_software_defined_assembly 
_pdbx_struct_assembly.method_details       PISA 
_pdbx_struct_assembly.oligomeric_details   24-meric 
_pdbx_struct_assembly.oligomeric_count     24 
# 
_pdbx_struct_assembly_gen.assembly_id       1 
_pdbx_struct_assembly_gen.oper_expression   1,2,3,4,5,6,7,8,9,10,11,12,13,14,15,16,17,18,19,20,21,22,23,24 
_pdbx_struct_assembly_gen.asym_id_list      A,B,C,D 
# 
_pdbx_struct_assembly_prop.biol_id   1 
_pdbx_struct_assembly_prop.type      'ABSA (A^2)' 
_pdbx_struct_assembly_prop.value     84760 
_pdbx_struct_assembly_prop.details   ? 
# 
loop_
_pdbx_struct_oper_list.id 
_pdbx_struct_oper_list.type 
_pdbx_struct_oper_list.name 
_pdbx_struct_oper_list.symmetry_operation 
_pdbx_struct_oper_list.matrix[1][1] 
_pdbx_struct_oper_list.matrix[1][2] 
_pdbx_struct_oper_list.matrix[1][3] 
_pdbx_struct_oper_list.vector[1] 
_pdbx_struct_oper_list.matrix[2][1] 
_pdbx_struct_oper_list.matrix[2][2] 
_pdbx_struct_oper_list.matrix[2][3] 
_pdbx_struct_oper_list.vector[2] 
_pdbx_struct_oper_list.matrix[3][1] 
_pdbx_struct_oper_list.matrix[3][2] 
_pdbx_struct_oper_list.matrix[3][3] 
_pdbx_struct_oper_list.vector[3] 
1  'identity operation'         1_555  x,y,z            1.0000000000  0.0000000000  0.0000000000  0.0000000000   0.0000000000  1.0000000000  0.0000000000  0.0000000000  0.0000000000  0.0000000000  1.0000000000  0.0000000000   
2  'crystal symmetry operation' 22_565 z,-y+1,x         -0.3813044284 0.8867080186  -0.2614494649 -13.6775049505 0.8867080186  0.2708206528  -0.3747066370 3.0435795868  -0.2614494649 -0.3747066370 -0.8895162244 -22.0442039212 
3  'crystal symmetry operation' 29_554 z,x+1/2,y-1/2    0.7989664272  0.4770390937  -0.3661780322 -23.1454901169 0.5399477035  -0.3009451738 0.7860588272  58.5456240255 0.2647812790  -0.8257516003 -0.4980212534 -5.8217104464  
4  'crystal symmetry operation' 41_555 x,z+1/2,-y+1/2   0.2140820033  0.9748513153  -0.0619177586 -24.5493477185 -0.6782496089 0.1027323302  -0.7276149643 32.9164949688 -0.7029554494 0.1977649648  0.6831856665  -0.9780163480  
5  'crystal symmetry operation' 44_554 x,-z+1/2,y-1/2   0.2140820033  -0.6782496089 -0.7029554494 26.8936714577  0.9748513153  0.1027323302  0.1977649648  20.7437930512 -0.0619177586 -0.7276149643 0.6831856665  23.0986604759  
6  'crystal symmetry operation' 30_555 z,-x+1/2,-y+1/2  -0.4992524567 0.2695462995  0.8234632821  37.3973504076  -0.3323270868 0.8181266701  -0.4692839855 3.3633621707  -0.8001910346 -0.5079503363 -0.3188742134 6.6707027265   
7  'crystal symmetry operation' 87_455 y-1/2,-x+1/2,z   0.1048995978  -0.2328553037 0.9668373606  48.5829302853  0.7554636245  0.6509068263  0.0747998364  0.5570855686  -0.6467385766 0.7225639841  0.2441935760  -32.7517559087 
8  'crystal symmetry operation' 84_555 -y+1/2,-z+1/2,x  -0.4992524567 -0.3323270868 -0.8001910346 25.1262919320  0.2695462995  0.8181266701  -0.5079503363 -9.4435880127 0.8234632821  -0.4692839855 -0.3188742134 -27.0898578191 
9  'crystal symmetry operation' 88_555 -y+1/2,x+1/2,z   0.1048995978  0.7554636245  -0.6467385766 -26.6990117236 -0.2328553037 0.6509068263  0.7225639841  34.6154214204 0.9668373606  0.0747998364  0.2441935760  -39.0156936041 
10 'crystal symmetry operation' 81_455 y-1/2,z+1/2,x    0.7989664272  0.5399477035  0.2647812790  -11.5776257598 0.4770390937  -0.3009451738 -0.8257516003 23.8530399080 -0.3661780322 0.7860588272  -0.4980212534 -57.3950101204 
11 'crystal symmetry operation' 85_455 y-1/2,x+1/2,-z   0.6587594443  -0.2264547132 -0.7174637673 -0.2209713211  -0.2264547132 -0.9690842832 0.0979485315  84.9809617272 -0.7174637673 0.0979485315  -0.6896751611 -27.3336138719 
12 'crystal symmetry operation' 82_555 -y+1/2,z+1/2,-x  -0.2644065854 0.7916371037  0.5508174413  5.8955277685   -0.7985552108 -0.4999492131 0.3352019684  82.9696146439 0.5407390618  -0.3512285301 0.7643557985  -2.0190456021  
13 'crystal symmetry operation' 4_565  x,-y+1,-z        -0.5718359934 0.2966017064  -0.7648732081 2.3443237393   0.2966017064  -0.7945353395 -0.5298499995 53.6602880200 -0.7648732081 -0.5298499995 0.3663713329  22.1206441280  
14 'crystal symmetry operation' 21_555 z,y,-x           0.6810183989  -0.1401226254 0.7187347147  27.9293652412  -0.6790874019 0.2463608435  0.6914814787  58.8654066095 -0.2739602908 -0.9589952996 0.0726207576  22.8931962014  
15 'crystal symmetry operation' 86_555 -y+1/2,-x+1/2,-z -0.8685586398 -0.2961536076 0.3973649832  57.7208314242  -0.2961536076 -0.3327293693 -0.8953123519 38.9106052109 0.3973649832  -0.8953123519 0.2012880091  9.9067901829   
16 'crystal symmetry operation' 83_455 y-1/2,-z+1/2,-x  -0.0353073851 -0.9992577204 -0.0154076857 59.9395847240  0.0519698176  -0.0172322832 0.9984999682  61.6850073878 -0.9980243116 0.0344536883  0.0525396683  -2.6903596601  
17 'crystal symmetry operation' 31_554 -z,-x+1/2,y-1/2  -0.2644065854 -0.7985552108 0.5407390618  68.9064113018  0.7916371037  -0.4999492131 -0.3512285301 36.1043286087 0.5508174413  0.3352019684  0.7643557985  -29.5156684523 
18 'crystal symmetry operation' 43_555 -x,-z+1/2,-y+1/2 -0.7486418451 -0.6533351983 -0.1126432709 58.1722051983  -0.6533351983 0.6981620567  0.2927846672  31.4976263239 -0.1126432709 0.2927846672  -0.9495202116 -52.8788779552 
19 'crystal symmetry operation' 2_565  -x,-y+1,z        -0.7902008045 0.5226083208  0.3200987841  21.8839185617  0.5226083208  0.3018136525  0.7973638204  35.1725069890 0.3200987841  0.7973638204  -0.5116128481 -71.7674495128 
20 'crystal symmetry operation' 23_555 -z,y,x           0.6810183989  -0.6790874019 -0.2739602908 27.2261711227  -0.1401226254 0.2463608435  -0.9589952996 11.3658723086 0.7187347147  0.6914814787  0.0726207576  -62.4406640184 
21 'crystal symmetry operation' 42_554 -x,z+1/2,y-1/2   0.3204778385  0.3567334919  0.8775164789  18.8672497272  0.3567334919  -0.9036267172 0.2370653324  73.9061595831 0.8775164789  0.2370653324  -0.4168511213 -58.4360393746 
22 'crystal symmetry operation' 32_555 -z,x+1/2,-y+1/2  -0.0353073851 0.0519698176  -0.9980243116 -3.7744929278  -0.9992577204 -0.0172322832 0.0344536883  61.0507591220 -0.0154076857 0.9984999682  0.0525396683  -60.5275970297 
23 'crystal symmetry operation' 3_555  -x,y,-z          0.3620367979  -0.8192100273 0.4447744240  55.1555363638  -0.8192100273 -0.5072783130 -0.2675138209 70.2312789180 0.4447744240  -0.2675138209 -0.8547584849 -39.5474678170 
24 'crystal symmetry operation' 24_565 -z,-y+1,-x       -0.9807323695 -0.0674979913 -0.1833249591 37.9057472514  -0.0674979913 -0.7635423398 0.6422204579  85.7892154222 -0.1833249591 0.6422204579  0.7442747093  -27.6026014636   
# 
loop_
_pdbx_struct_conn_angle.id 
_pdbx_struct_conn_angle.ptnr1_label_atom_id 
_pdbx_struct_conn_angle.ptnr1_label_alt_id 
_pdbx_struct_conn_angle.ptnr1_label_asym_id 
_pdbx_struct_conn_angle.ptnr1_label_comp_id 
_pdbx_struct_conn_angle.ptnr1_label_seq_id 
_pdbx_struct_conn_angle.ptnr1_auth_atom_id 
_pdbx_struct_conn_angle.ptnr1_auth_asym_id 
_pdbx_struct_conn_angle.ptnr1_auth_comp_id 
_pdbx_struct_conn_angle.ptnr1_auth_seq_id 
_pdbx_struct_conn_angle.ptnr1_PDB_ins_code 
_pdbx_struct_conn_angle.ptnr1_symmetry 
_pdbx_struct_conn_angle.ptnr2_label_atom_id 
_pdbx_struct_conn_angle.ptnr2_label_alt_id 
_pdbx_struct_conn_angle.ptnr2_label_asym_id 
_pdbx_struct_conn_angle.ptnr2_label_comp_id 
_pdbx_struct_conn_angle.ptnr2_label_seq_id 
_pdbx_struct_conn_angle.ptnr2_auth_atom_id 
_pdbx_struct_conn_angle.ptnr2_auth_asym_id 
_pdbx_struct_conn_angle.ptnr2_auth_comp_id 
_pdbx_struct_conn_angle.ptnr2_auth_seq_id 
_pdbx_struct_conn_angle.ptnr2_PDB_ins_code 
_pdbx_struct_conn_angle.ptnr2_symmetry 
_pdbx_struct_conn_angle.ptnr3_label_atom_id 
_pdbx_struct_conn_angle.ptnr3_label_alt_id 
_pdbx_struct_conn_angle.ptnr3_label_asym_id 
_pdbx_struct_conn_angle.ptnr3_label_comp_id 
_pdbx_struct_conn_angle.ptnr3_label_seq_id 
_pdbx_struct_conn_angle.ptnr3_auth_atom_id 
_pdbx_struct_conn_angle.ptnr3_auth_asym_id 
_pdbx_struct_conn_angle.ptnr3_auth_comp_id 
_pdbx_struct_conn_angle.ptnr3_auth_seq_id 
_pdbx_struct_conn_angle.ptnr3_PDB_ins_code 
_pdbx_struct_conn_angle.ptnr3_symmetry 
_pdbx_struct_conn_angle.value 
_pdbx_struct_conn_angle.value_esd 
1  OD1 ? A ASP 31 ? A ASP 39  ? 1_555 CD ? B CD . ? A CD 1 ? 1_555 OE1 ? A GLU 38 ? A GLU 46  ? 1_555 83.0  ? 
2  OD1 ? A ASP 31 ? A ASP 39  ? 1_555 CD ? B CD . ? A CD 1 ? 1_555 OE2 ? A GLU 38 ? A GLU 46  ? 1_555 130.4 ? 
3  OE1 ? A GLU 38 ? A GLU 46  ? 1_555 CD ? B CD . ? A CD 1 ? 1_555 OE2 ? A GLU 38 ? A GLU 46  ? 1_555 54.8  ? 
4  OD1 ? A ASP 31 ? A ASP 39  ? 1_555 CD ? B CD . ? A CD 1 ? 1_555 O   ? D HOH .  ? A HOH 189 ? 1_555 92.9  ? 
5  OE1 ? A GLU 38 ? A GLU 46  ? 1_555 CD ? B CD . ? A CD 1 ? 1_555 O   ? D HOH .  ? A HOH 189 ? 1_555 112.6 ? 
6  OE2 ? A GLU 38 ? A GLU 46  ? 1_555 CD ? B CD . ? A CD 1 ? 1_555 O   ? D HOH .  ? A HOH 189 ? 1_555 82.3  ? 
7  OD1 ? A ASP 31 ? A ASP 39  ? 1_555 CD ? B CD . ? A CD 1 ? 1_555 O   ? D HOH .  ? A HOH 192 ? 1_555 152.3 ? 
8  OE1 ? A GLU 38 ? A GLU 46  ? 1_555 CD ? B CD . ? A CD 1 ? 1_555 O   ? D HOH .  ? A HOH 192 ? 1_555 124.6 ? 
9  OE2 ? A GLU 38 ? A GLU 46  ? 1_555 CD ? B CD . ? A CD 1 ? 1_555 O   ? D HOH .  ? A HOH 192 ? 1_555 73.7  ? 
10 O   ? D HOH .  ? A HOH 189 ? 1_555 CD ? B CD . ? A CD 1 ? 1_555 O   ? D HOH .  ? A HOH 192 ? 1_555 75.4  ? 
11 OE2 ? A GLU 38 ? A GLU 46  ? 1_555 CD ? C CD . ? A CD 2 ? 1_555 NE2 ? A HIS 42 ? A HIS 50  ? 1_555 88.4  ? 
12 OE2 ? A GLU 38 ? A GLU 46  ? 1_555 CD ? C CD . ? A CD 2 ? 1_555 O   ? D HOH .  ? A HOH 263 ? 1_555 94.4  ? 
13 NE2 ? A HIS 42 ? A HIS 50  ? 1_555 CD ? C CD . ? A CD 2 ? 1_555 O   ? D HOH .  ? A HOH 263 ? 1_555 167.3 ? 
14 OE2 ? A GLU 38 ? A GLU 46  ? 1_555 CD ? C CD . ? A CD 2 ? 1_555 O   ? D HOH .  ? A HOH 271 ? 1_555 92.7  ? 
15 NE2 ? A HIS 42 ? A HIS 50  ? 1_555 CD ? C CD . ? A CD 2 ? 1_555 O   ? D HOH .  ? A HOH 271 ? 1_555 85.1  ? 
16 O   ? D HOH .  ? A HOH 263 ? 1_555 CD ? C CD . ? A CD 2 ? 1_555 O   ? D HOH .  ? A HOH 271 ? 1_555 82.4  ? 
# 
loop_
_pdbx_audit_revision_history.ordinal 
_pdbx_audit_revision_history.data_content_type 
_pdbx_audit_revision_history.major_revision 
_pdbx_audit_revision_history.minor_revision 
_pdbx_audit_revision_history.revision_date 
1 'Structure model' 1 0 2008-01-22 
2 'Structure model' 1 1 2011-07-13 
3 'Structure model' 1 2 2023-11-01 
# 
_pdbx_audit_revision_details.ordinal             1 
_pdbx_audit_revision_details.revision_ordinal    1 
_pdbx_audit_revision_details.data_content_type   'Structure model' 
_pdbx_audit_revision_details.provider            repository 
_pdbx_audit_revision_details.type                'Initial release' 
_pdbx_audit_revision_details.description         ? 
_pdbx_audit_revision_details.details             ? 
# 
loop_
_pdbx_audit_revision_group.ordinal 
_pdbx_audit_revision_group.revision_ordinal 
_pdbx_audit_revision_group.data_content_type 
_pdbx_audit_revision_group.group 
1 2 'Structure model' 'Version format compliance' 
2 3 'Structure model' 'Data collection'           
3 3 'Structure model' 'Database references'       
4 3 'Structure model' 'Derived calculations'      
5 3 'Structure model' 'Refinement description'    
# 
loop_
_pdbx_audit_revision_category.ordinal 
_pdbx_audit_revision_category.revision_ordinal 
_pdbx_audit_revision_category.data_content_type 
_pdbx_audit_revision_category.category 
1 3 'Structure model' chem_comp_atom                
2 3 'Structure model' chem_comp_bond                
3 3 'Structure model' database_2                    
4 3 'Structure model' pdbx_initial_refinement_model 
5 3 'Structure model' pdbx_struct_conn_angle        
6 3 'Structure model' struct_conn                   
7 3 'Structure model' struct_site                   
# 
loop_
_pdbx_audit_revision_item.ordinal 
_pdbx_audit_revision_item.revision_ordinal 
_pdbx_audit_revision_item.data_content_type 
_pdbx_audit_revision_item.item 
1  3 'Structure model' '_database_2.pdbx_DOI'                      
2  3 'Structure model' '_database_2.pdbx_database_accession'       
3  3 'Structure model' '_pdbx_struct_conn_angle.ptnr1_auth_seq_id' 
4  3 'Structure model' '_pdbx_struct_conn_angle.ptnr3_auth_seq_id' 
5  3 'Structure model' '_pdbx_struct_conn_angle.value'             
6  3 'Structure model' '_struct_conn.pdbx_dist_value'              
7  3 'Structure model' '_struct_conn.ptnr1_auth_comp_id'           
8  3 'Structure model' '_struct_conn.ptnr1_auth_seq_id'            
9  3 'Structure model' '_struct_conn.ptnr1_label_asym_id'          
10 3 'Structure model' '_struct_conn.ptnr1_label_atom_id'          
11 3 'Structure model' '_struct_conn.ptnr1_label_comp_id'          
12 3 'Structure model' '_struct_conn.ptnr1_label_seq_id'           
13 3 'Structure model' '_struct_conn.ptnr2_auth_comp_id'           
14 3 'Structure model' '_struct_conn.ptnr2_auth_seq_id'            
15 3 'Structure model' '_struct_conn.ptnr2_label_asym_id'          
16 3 'Structure model' '_struct_conn.ptnr2_label_atom_id'          
17 3 'Structure model' '_struct_conn.ptnr2_label_comp_id'          
18 3 'Structure model' '_struct_conn.ptnr2_label_seq_id'           
19 3 'Structure model' '_struct_site.pdbx_auth_asym_id'            
20 3 'Structure model' '_struct_site.pdbx_auth_comp_id'            
21 3 'Structure model' '_struct_site.pdbx_auth_seq_id'             
# 
loop_
_software.name 
_software.classification 
_software.version 
_software.citation_id 
_software.pdbx_ordinal 
REFMAC    refinement        5.1.19 ? 1 
HKL-2000  'data collection' .      ? 2 
DENZO     'data reduction'  .      ? 3 
SCALEPACK 'data scaling'    .      ? 4 
X-PLOR    phasing           .      ? 5 
# 
_pdbx_entry_details.sequence_details         'SEE REF. 2 IN THE DATABASE, P02791 IN UNP.' 
_pdbx_entry_details.entry_id                 2ZA8 
_pdbx_entry_details.compound_details         ? 
_pdbx_entry_details.source_details           ? 
_pdbx_entry_details.nonpolymer_details       ? 
_pdbx_entry_details.has_ligand_of_interest   ? 
# 
loop_
_pdbx_validate_rmsd_angle.id 
_pdbx_validate_rmsd_angle.PDB_model_num 
_pdbx_validate_rmsd_angle.auth_atom_id_1 
_pdbx_validate_rmsd_angle.auth_asym_id_1 
_pdbx_validate_rmsd_angle.auth_comp_id_1 
_pdbx_validate_rmsd_angle.auth_seq_id_1 
_pdbx_validate_rmsd_angle.PDB_ins_code_1 
_pdbx_validate_rmsd_angle.label_alt_id_1 
_pdbx_validate_rmsd_angle.auth_atom_id_2 
_pdbx_validate_rmsd_angle.auth_asym_id_2 
_pdbx_validate_rmsd_angle.auth_comp_id_2 
_pdbx_validate_rmsd_angle.auth_seq_id_2 
_pdbx_validate_rmsd_angle.PDB_ins_code_2 
_pdbx_validate_rmsd_angle.label_alt_id_2 
_pdbx_validate_rmsd_angle.auth_atom_id_3 
_pdbx_validate_rmsd_angle.auth_asym_id_3 
_pdbx_validate_rmsd_angle.auth_comp_id_3 
_pdbx_validate_rmsd_angle.auth_seq_id_3 
_pdbx_validate_rmsd_angle.PDB_ins_code_3 
_pdbx_validate_rmsd_angle.label_alt_id_3 
_pdbx_validate_rmsd_angle.angle_value 
_pdbx_validate_rmsd_angle.angle_target_value 
_pdbx_validate_rmsd_angle.angle_deviation 
_pdbx_validate_rmsd_angle.angle_standard_deviation 
_pdbx_validate_rmsd_angle.linker_flag 
1 1 NE A ARG 76  ? ? CZ A ARG 76  ? ? NH2 A ARG 76  ? ? 123.73 120.30 3.43 0.50 N 
2 1 CB A ASP 147 ? ? CG A ASP 147 ? ? OD2 A ASP 147 ? ? 125.38 118.30 7.08 0.90 N 
# 
loop_
_pdbx_validate_torsion.id 
_pdbx_validate_torsion.PDB_model_num 
_pdbx_validate_torsion.auth_comp_id 
_pdbx_validate_torsion.auth_asym_id 
_pdbx_validate_torsion.auth_seq_id 
_pdbx_validate_torsion.PDB_ins_code 
_pdbx_validate_torsion.label_alt_id 
_pdbx_validate_torsion.phi 
_pdbx_validate_torsion.psi 
1 1 VAL A 43  ? ? -120.73 -62.64 
2 1 PHE A 134 ? ? -128.70 -50.39 
# 
loop_
_pdbx_unobs_or_zero_occ_residues.id 
_pdbx_unobs_or_zero_occ_residues.PDB_model_num 
_pdbx_unobs_or_zero_occ_residues.polymer_flag 
_pdbx_unobs_or_zero_occ_residues.occupancy_flag 
_pdbx_unobs_or_zero_occ_residues.auth_asym_id 
_pdbx_unobs_or_zero_occ_residues.auth_comp_id 
_pdbx_unobs_or_zero_occ_residues.auth_seq_id 
_pdbx_unobs_or_zero_occ_residues.PDB_ins_code 
_pdbx_unobs_or_zero_occ_residues.label_asym_id 
_pdbx_unobs_or_zero_occ_residues.label_comp_id 
_pdbx_unobs_or_zero_occ_residues.label_seq_id 
1 1 Y 1 A HIS 174 ? A HIS 166 
2 1 Y 1 A ASP 175 ? A ASP 167 
# 
loop_
_chem_comp_atom.comp_id 
_chem_comp_atom.atom_id 
_chem_comp_atom.type_symbol 
_chem_comp_atom.pdbx_aromatic_flag 
_chem_comp_atom.pdbx_stereo_config 
_chem_comp_atom.pdbx_ordinal 
ALA N    N  N N 1   
ALA CA   C  N S 2   
ALA C    C  N N 3   
ALA O    O  N N 4   
ALA CB   C  N N 5   
ALA OXT  O  N N 6   
ALA H    H  N N 7   
ALA H2   H  N N 8   
ALA HA   H  N N 9   
ALA HB1  H  N N 10  
ALA HB2  H  N N 11  
ALA HB3  H  N N 12  
ALA HXT  H  N N 13  
ARG N    N  N N 14  
ARG CA   C  N S 15  
ARG C    C  N N 16  
ARG O    O  N N 17  
ARG CB   C  N N 18  
ARG CG   C  N N 19  
ARG CD   C  N N 20  
ARG NE   N  N N 21  
ARG CZ   C  N N 22  
ARG NH1  N  N N 23  
ARG NH2  N  N N 24  
ARG OXT  O  N N 25  
ARG H    H  N N 26  
ARG H2   H  N N 27  
ARG HA   H  N N 28  
ARG HB2  H  N N 29  
ARG HB3  H  N N 30  
ARG HG2  H  N N 31  
ARG HG3  H  N N 32  
ARG HD2  H  N N 33  
ARG HD3  H  N N 34  
ARG HE   H  N N 35  
ARG HH11 H  N N 36  
ARG HH12 H  N N 37  
ARG HH21 H  N N 38  
ARG HH22 H  N N 39  
ARG HXT  H  N N 40  
ASN N    N  N N 41  
ASN CA   C  N S 42  
ASN C    C  N N 43  
ASN O    O  N N 44  
ASN CB   C  N N 45  
ASN CG   C  N N 46  
ASN OD1  O  N N 47  
ASN ND2  N  N N 48  
ASN OXT  O  N N 49  
ASN H    H  N N 50  
ASN H2   H  N N 51  
ASN HA   H  N N 52  
ASN HB2  H  N N 53  
ASN HB3  H  N N 54  
ASN HD21 H  N N 55  
ASN HD22 H  N N 56  
ASN HXT  H  N N 57  
ASP N    N  N N 58  
ASP CA   C  N S 59  
ASP C    C  N N 60  
ASP O    O  N N 61  
ASP CB   C  N N 62  
ASP CG   C  N N 63  
ASP OD1  O  N N 64  
ASP OD2  O  N N 65  
ASP OXT  O  N N 66  
ASP H    H  N N 67  
ASP H2   H  N N 68  
ASP HA   H  N N 69  
ASP HB2  H  N N 70  
ASP HB3  H  N N 71  
ASP HD2  H  N N 72  
ASP HXT  H  N N 73  
CD  CD   CD N N 74  
CYS N    N  N N 75  
CYS CA   C  N R 76  
CYS C    C  N N 77  
CYS O    O  N N 78  
CYS CB   C  N N 79  
CYS SG   S  N N 80  
CYS OXT  O  N N 81  
CYS H    H  N N 82  
CYS H2   H  N N 83  
CYS HA   H  N N 84  
CYS HB2  H  N N 85  
CYS HB3  H  N N 86  
CYS HG   H  N N 87  
CYS HXT  H  N N 88  
GLN N    N  N N 89  
GLN CA   C  N S 90  
GLN C    C  N N 91  
GLN O    O  N N 92  
GLN CB   C  N N 93  
GLN CG   C  N N 94  
GLN CD   C  N N 95  
GLN OE1  O  N N 96  
GLN NE2  N  N N 97  
GLN OXT  O  N N 98  
GLN H    H  N N 99  
GLN H2   H  N N 100 
GLN HA   H  N N 101 
GLN HB2  H  N N 102 
GLN HB3  H  N N 103 
GLN HG2  H  N N 104 
GLN HG3  H  N N 105 
GLN HE21 H  N N 106 
GLN HE22 H  N N 107 
GLN HXT  H  N N 108 
GLU N    N  N N 109 
GLU CA   C  N S 110 
GLU C    C  N N 111 
GLU O    O  N N 112 
GLU CB   C  N N 113 
GLU CG   C  N N 114 
GLU CD   C  N N 115 
GLU OE1  O  N N 116 
GLU OE2  O  N N 117 
GLU OXT  O  N N 118 
GLU H    H  N N 119 
GLU H2   H  N N 120 
GLU HA   H  N N 121 
GLU HB2  H  N N 122 
GLU HB3  H  N N 123 
GLU HG2  H  N N 124 
GLU HG3  H  N N 125 
GLU HE2  H  N N 126 
GLU HXT  H  N N 127 
GLY N    N  N N 128 
GLY CA   C  N N 129 
GLY C    C  N N 130 
GLY O    O  N N 131 
GLY OXT  O  N N 132 
GLY H    H  N N 133 
GLY H2   H  N N 134 
GLY HA2  H  N N 135 
GLY HA3  H  N N 136 
GLY HXT  H  N N 137 
HIS N    N  N N 138 
HIS CA   C  N S 139 
HIS C    C  N N 140 
HIS O    O  N N 141 
HIS CB   C  N N 142 
HIS CG   C  Y N 143 
HIS ND1  N  Y N 144 
HIS CD2  C  Y N 145 
HIS CE1  C  Y N 146 
HIS NE2  N  Y N 147 
HIS OXT  O  N N 148 
HIS H    H  N N 149 
HIS H2   H  N N 150 
HIS HA   H  N N 151 
HIS HB2  H  N N 152 
HIS HB3  H  N N 153 
HIS HD1  H  N N 154 
HIS HD2  H  N N 155 
HIS HE1  H  N N 156 
HIS HE2  H  N N 157 
HIS HXT  H  N N 158 
HOH O    O  N N 159 
HOH H1   H  N N 160 
HOH H2   H  N N 161 
ILE N    N  N N 162 
ILE CA   C  N S 163 
ILE C    C  N N 164 
ILE O    O  N N 165 
ILE CB   C  N S 166 
ILE CG1  C  N N 167 
ILE CG2  C  N N 168 
ILE CD1  C  N N 169 
ILE OXT  O  N N 170 
ILE H    H  N N 171 
ILE H2   H  N N 172 
ILE HA   H  N N 173 
ILE HB   H  N N 174 
ILE HG12 H  N N 175 
ILE HG13 H  N N 176 
ILE HG21 H  N N 177 
ILE HG22 H  N N 178 
ILE HG23 H  N N 179 
ILE HD11 H  N N 180 
ILE HD12 H  N N 181 
ILE HD13 H  N N 182 
ILE HXT  H  N N 183 
LEU N    N  N N 184 
LEU CA   C  N S 185 
LEU C    C  N N 186 
LEU O    O  N N 187 
LEU CB   C  N N 188 
LEU CG   C  N N 189 
LEU CD1  C  N N 190 
LEU CD2  C  N N 191 
LEU OXT  O  N N 192 
LEU H    H  N N 193 
LEU H2   H  N N 194 
LEU HA   H  N N 195 
LEU HB2  H  N N 196 
LEU HB3  H  N N 197 
LEU HG   H  N N 198 
LEU HD11 H  N N 199 
LEU HD12 H  N N 200 
LEU HD13 H  N N 201 
LEU HD21 H  N N 202 
LEU HD22 H  N N 203 
LEU HD23 H  N N 204 
LEU HXT  H  N N 205 
LYS N    N  N N 206 
LYS CA   C  N S 207 
LYS C    C  N N 208 
LYS O    O  N N 209 
LYS CB   C  N N 210 
LYS CG   C  N N 211 
LYS CD   C  N N 212 
LYS CE   C  N N 213 
LYS NZ   N  N N 214 
LYS OXT  O  N N 215 
LYS H    H  N N 216 
LYS H2   H  N N 217 
LYS HA   H  N N 218 
LYS HB2  H  N N 219 
LYS HB3  H  N N 220 
LYS HG2  H  N N 221 
LYS HG3  H  N N 222 
LYS HD2  H  N N 223 
LYS HD3  H  N N 224 
LYS HE2  H  N N 225 
LYS HE3  H  N N 226 
LYS HZ1  H  N N 227 
LYS HZ2  H  N N 228 
LYS HZ3  H  N N 229 
LYS HXT  H  N N 230 
MET N    N  N N 231 
MET CA   C  N S 232 
MET C    C  N N 233 
MET O    O  N N 234 
MET CB   C  N N 235 
MET CG   C  N N 236 
MET SD   S  N N 237 
MET CE   C  N N 238 
MET OXT  O  N N 239 
MET H    H  N N 240 
MET H2   H  N N 241 
MET HA   H  N N 242 
MET HB2  H  N N 243 
MET HB3  H  N N 244 
MET HG2  H  N N 245 
MET HG3  H  N N 246 
MET HE1  H  N N 247 
MET HE2  H  N N 248 
MET HE3  H  N N 249 
MET HXT  H  N N 250 
PHE N    N  N N 251 
PHE CA   C  N S 252 
PHE C    C  N N 253 
PHE O    O  N N 254 
PHE CB   C  N N 255 
PHE CG   C  Y N 256 
PHE CD1  C  Y N 257 
PHE CD2  C  Y N 258 
PHE CE1  C  Y N 259 
PHE CE2  C  Y N 260 
PHE CZ   C  Y N 261 
PHE OXT  O  N N 262 
PHE H    H  N N 263 
PHE H2   H  N N 264 
PHE HA   H  N N 265 
PHE HB2  H  N N 266 
PHE HB3  H  N N 267 
PHE HD1  H  N N 268 
PHE HD2  H  N N 269 
PHE HE1  H  N N 270 
PHE HE2  H  N N 271 
PHE HZ   H  N N 272 
PHE HXT  H  N N 273 
PRO N    N  N N 274 
PRO CA   C  N S 275 
PRO C    C  N N 276 
PRO O    O  N N 277 
PRO CB   C  N N 278 
PRO CG   C  N N 279 
PRO CD   C  N N 280 
PRO OXT  O  N N 281 
PRO H    H  N N 282 
PRO HA   H  N N 283 
PRO HB2  H  N N 284 
PRO HB3  H  N N 285 
PRO HG2  H  N N 286 
PRO HG3  H  N N 287 
PRO HD2  H  N N 288 
PRO HD3  H  N N 289 
PRO HXT  H  N N 290 
SER N    N  N N 291 
SER CA   C  N S 292 
SER C    C  N N 293 
SER O    O  N N 294 
SER CB   C  N N 295 
SER OG   O  N N 296 
SER OXT  O  N N 297 
SER H    H  N N 298 
SER H2   H  N N 299 
SER HA   H  N N 300 
SER HB2  H  N N 301 
SER HB3  H  N N 302 
SER HG   H  N N 303 
SER HXT  H  N N 304 
THR N    N  N N 305 
THR CA   C  N S 306 
THR C    C  N N 307 
THR O    O  N N 308 
THR CB   C  N R 309 
THR OG1  O  N N 310 
THR CG2  C  N N 311 
THR OXT  O  N N 312 
THR H    H  N N 313 
THR H2   H  N N 314 
THR HA   H  N N 315 
THR HB   H  N N 316 
THR HG1  H  N N 317 
THR HG21 H  N N 318 
THR HG22 H  N N 319 
THR HG23 H  N N 320 
THR HXT  H  N N 321 
TRP N    N  N N 322 
TRP CA   C  N S 323 
TRP C    C  N N 324 
TRP O    O  N N 325 
TRP CB   C  N N 326 
TRP CG   C  Y N 327 
TRP CD1  C  Y N 328 
TRP CD2  C  Y N 329 
TRP NE1  N  Y N 330 
TRP CE2  C  Y N 331 
TRP CE3  C  Y N 332 
TRP CZ2  C  Y N 333 
TRP CZ3  C  Y N 334 
TRP CH2  C  Y N 335 
TRP OXT  O  N N 336 
TRP H    H  N N 337 
TRP H2   H  N N 338 
TRP HA   H  N N 339 
TRP HB2  H  N N 340 
TRP HB3  H  N N 341 
TRP HD1  H  N N 342 
TRP HE1  H  N N 343 
TRP HE3  H  N N 344 
TRP HZ2  H  N N 345 
TRP HZ3  H  N N 346 
TRP HH2  H  N N 347 
TRP HXT  H  N N 348 
TYR N    N  N N 349 
TYR CA   C  N S 350 
TYR C    C  N N 351 
TYR O    O  N N 352 
TYR CB   C  N N 353 
TYR CG   C  Y N 354 
TYR CD1  C  Y N 355 
TYR CD2  C  Y N 356 
TYR CE1  C  Y N 357 
TYR CE2  C  Y N 358 
TYR CZ   C  Y N 359 
TYR OH   O  N N 360 
TYR OXT  O  N N 361 
TYR H    H  N N 362 
TYR H2   H  N N 363 
TYR HA   H  N N 364 
TYR HB2  H  N N 365 
TYR HB3  H  N N 366 
TYR HD1  H  N N 367 
TYR HD2  H  N N 368 
TYR HE1  H  N N 369 
TYR HE2  H  N N 370 
TYR HH   H  N N 371 
TYR HXT  H  N N 372 
VAL N    N  N N 373 
VAL CA   C  N S 374 
VAL C    C  N N 375 
VAL O    O  N N 376 
VAL CB   C  N N 377 
VAL CG1  C  N N 378 
VAL CG2  C  N N 379 
VAL OXT  O  N N 380 
VAL H    H  N N 381 
VAL H2   H  N N 382 
VAL HA   H  N N 383 
VAL HB   H  N N 384 
VAL HG11 H  N N 385 
VAL HG12 H  N N 386 
VAL HG13 H  N N 387 
VAL HG21 H  N N 388 
VAL HG22 H  N N 389 
VAL HG23 H  N N 390 
VAL HXT  H  N N 391 
# 
loop_
_chem_comp_bond.comp_id 
_chem_comp_bond.atom_id_1 
_chem_comp_bond.atom_id_2 
_chem_comp_bond.value_order 
_chem_comp_bond.pdbx_aromatic_flag 
_chem_comp_bond.pdbx_stereo_config 
_chem_comp_bond.pdbx_ordinal 
ALA N   CA   sing N N 1   
ALA N   H    sing N N 2   
ALA N   H2   sing N N 3   
ALA CA  C    sing N N 4   
ALA CA  CB   sing N N 5   
ALA CA  HA   sing N N 6   
ALA C   O    doub N N 7   
ALA C   OXT  sing N N 8   
ALA CB  HB1  sing N N 9   
ALA CB  HB2  sing N N 10  
ALA CB  HB3  sing N N 11  
ALA OXT HXT  sing N N 12  
ARG N   CA   sing N N 13  
ARG N   H    sing N N 14  
ARG N   H2   sing N N 15  
ARG CA  C    sing N N 16  
ARG CA  CB   sing N N 17  
ARG CA  HA   sing N N 18  
ARG C   O    doub N N 19  
ARG C   OXT  sing N N 20  
ARG CB  CG   sing N N 21  
ARG CB  HB2  sing N N 22  
ARG CB  HB3  sing N N 23  
ARG CG  CD   sing N N 24  
ARG CG  HG2  sing N N 25  
ARG CG  HG3  sing N N 26  
ARG CD  NE   sing N N 27  
ARG CD  HD2  sing N N 28  
ARG CD  HD3  sing N N 29  
ARG NE  CZ   sing N N 30  
ARG NE  HE   sing N N 31  
ARG CZ  NH1  sing N N 32  
ARG CZ  NH2  doub N N 33  
ARG NH1 HH11 sing N N 34  
ARG NH1 HH12 sing N N 35  
ARG NH2 HH21 sing N N 36  
ARG NH2 HH22 sing N N 37  
ARG OXT HXT  sing N N 38  
ASN N   CA   sing N N 39  
ASN N   H    sing N N 40  
ASN N   H2   sing N N 41  
ASN CA  C    sing N N 42  
ASN CA  CB   sing N N 43  
ASN CA  HA   sing N N 44  
ASN C   O    doub N N 45  
ASN C   OXT  sing N N 46  
ASN CB  CG   sing N N 47  
ASN CB  HB2  sing N N 48  
ASN CB  HB3  sing N N 49  
ASN CG  OD1  doub N N 50  
ASN CG  ND2  sing N N 51  
ASN ND2 HD21 sing N N 52  
ASN ND2 HD22 sing N N 53  
ASN OXT HXT  sing N N 54  
ASP N   CA   sing N N 55  
ASP N   H    sing N N 56  
ASP N   H2   sing N N 57  
ASP CA  C    sing N N 58  
ASP CA  CB   sing N N 59  
ASP CA  HA   sing N N 60  
ASP C   O    doub N N 61  
ASP C   OXT  sing N N 62  
ASP CB  CG   sing N N 63  
ASP CB  HB2  sing N N 64  
ASP CB  HB3  sing N N 65  
ASP CG  OD1  doub N N 66  
ASP CG  OD2  sing N N 67  
ASP OD2 HD2  sing N N 68  
ASP OXT HXT  sing N N 69  
CYS N   CA   sing N N 70  
CYS N   H    sing N N 71  
CYS N   H2   sing N N 72  
CYS CA  C    sing N N 73  
CYS CA  CB   sing N N 74  
CYS CA  HA   sing N N 75  
CYS C   O    doub N N 76  
CYS C   OXT  sing N N 77  
CYS CB  SG   sing N N 78  
CYS CB  HB2  sing N N 79  
CYS CB  HB3  sing N N 80  
CYS SG  HG   sing N N 81  
CYS OXT HXT  sing N N 82  
GLN N   CA   sing N N 83  
GLN N   H    sing N N 84  
GLN N   H2   sing N N 85  
GLN CA  C    sing N N 86  
GLN CA  CB   sing N N 87  
GLN CA  HA   sing N N 88  
GLN C   O    doub N N 89  
GLN C   OXT  sing N N 90  
GLN CB  CG   sing N N 91  
GLN CB  HB2  sing N N 92  
GLN CB  HB3  sing N N 93  
GLN CG  CD   sing N N 94  
GLN CG  HG2  sing N N 95  
GLN CG  HG3  sing N N 96  
GLN CD  OE1  doub N N 97  
GLN CD  NE2  sing N N 98  
GLN NE2 HE21 sing N N 99  
GLN NE2 HE22 sing N N 100 
GLN OXT HXT  sing N N 101 
GLU N   CA   sing N N 102 
GLU N   H    sing N N 103 
GLU N   H2   sing N N 104 
GLU CA  C    sing N N 105 
GLU CA  CB   sing N N 106 
GLU CA  HA   sing N N 107 
GLU C   O    doub N N 108 
GLU C   OXT  sing N N 109 
GLU CB  CG   sing N N 110 
GLU CB  HB2  sing N N 111 
GLU CB  HB3  sing N N 112 
GLU CG  CD   sing N N 113 
GLU CG  HG2  sing N N 114 
GLU CG  HG3  sing N N 115 
GLU CD  OE1  doub N N 116 
GLU CD  OE2  sing N N 117 
GLU OE2 HE2  sing N N 118 
GLU OXT HXT  sing N N 119 
GLY N   CA   sing N N 120 
GLY N   H    sing N N 121 
GLY N   H2   sing N N 122 
GLY CA  C    sing N N 123 
GLY CA  HA2  sing N N 124 
GLY CA  HA3  sing N N 125 
GLY C   O    doub N N 126 
GLY C   OXT  sing N N 127 
GLY OXT HXT  sing N N 128 
HIS N   CA   sing N N 129 
HIS N   H    sing N N 130 
HIS N   H2   sing N N 131 
HIS CA  C    sing N N 132 
HIS CA  CB   sing N N 133 
HIS CA  HA   sing N N 134 
HIS C   O    doub N N 135 
HIS C   OXT  sing N N 136 
HIS CB  CG   sing N N 137 
HIS CB  HB2  sing N N 138 
HIS CB  HB3  sing N N 139 
HIS CG  ND1  sing Y N 140 
HIS CG  CD2  doub Y N 141 
HIS ND1 CE1  doub Y N 142 
HIS ND1 HD1  sing N N 143 
HIS CD2 NE2  sing Y N 144 
HIS CD2 HD2  sing N N 145 
HIS CE1 NE2  sing Y N 146 
HIS CE1 HE1  sing N N 147 
HIS NE2 HE2  sing N N 148 
HIS OXT HXT  sing N N 149 
HOH O   H1   sing N N 150 
HOH O   H2   sing N N 151 
ILE N   CA   sing N N 152 
ILE N   H    sing N N 153 
ILE N   H2   sing N N 154 
ILE CA  C    sing N N 155 
ILE CA  CB   sing N N 156 
ILE CA  HA   sing N N 157 
ILE C   O    doub N N 158 
ILE C   OXT  sing N N 159 
ILE CB  CG1  sing N N 160 
ILE CB  CG2  sing N N 161 
ILE CB  HB   sing N N 162 
ILE CG1 CD1  sing N N 163 
ILE CG1 HG12 sing N N 164 
ILE CG1 HG13 sing N N 165 
ILE CG2 HG21 sing N N 166 
ILE CG2 HG22 sing N N 167 
ILE CG2 HG23 sing N N 168 
ILE CD1 HD11 sing N N 169 
ILE CD1 HD12 sing N N 170 
ILE CD1 HD13 sing N N 171 
ILE OXT HXT  sing N N 172 
LEU N   CA   sing N N 173 
LEU N   H    sing N N 174 
LEU N   H2   sing N N 175 
LEU CA  C    sing N N 176 
LEU CA  CB   sing N N 177 
LEU CA  HA   sing N N 178 
LEU C   O    doub N N 179 
LEU C   OXT  sing N N 180 
LEU CB  CG   sing N N 181 
LEU CB  HB2  sing N N 182 
LEU CB  HB3  sing N N 183 
LEU CG  CD1  sing N N 184 
LEU CG  CD2  sing N N 185 
LEU CG  HG   sing N N 186 
LEU CD1 HD11 sing N N 187 
LEU CD1 HD12 sing N N 188 
LEU CD1 HD13 sing N N 189 
LEU CD2 HD21 sing N N 190 
LEU CD2 HD22 sing N N 191 
LEU CD2 HD23 sing N N 192 
LEU OXT HXT  sing N N 193 
LYS N   CA   sing N N 194 
LYS N   H    sing N N 195 
LYS N   H2   sing N N 196 
LYS CA  C    sing N N 197 
LYS CA  CB   sing N N 198 
LYS CA  HA   sing N N 199 
LYS C   O    doub N N 200 
LYS C   OXT  sing N N 201 
LYS CB  CG   sing N N 202 
LYS CB  HB2  sing N N 203 
LYS CB  HB3  sing N N 204 
LYS CG  CD   sing N N 205 
LYS CG  HG2  sing N N 206 
LYS CG  HG3  sing N N 207 
LYS CD  CE   sing N N 208 
LYS CD  HD2  sing N N 209 
LYS CD  HD3  sing N N 210 
LYS CE  NZ   sing N N 211 
LYS CE  HE2  sing N N 212 
LYS CE  HE3  sing N N 213 
LYS NZ  HZ1  sing N N 214 
LYS NZ  HZ2  sing N N 215 
LYS NZ  HZ3  sing N N 216 
LYS OXT HXT  sing N N 217 
MET N   CA   sing N N 218 
MET N   H    sing N N 219 
MET N   H2   sing N N 220 
MET CA  C    sing N N 221 
MET CA  CB   sing N N 222 
MET CA  HA   sing N N 223 
MET C   O    doub N N 224 
MET C   OXT  sing N N 225 
MET CB  CG   sing N N 226 
MET CB  HB2  sing N N 227 
MET CB  HB3  sing N N 228 
MET CG  SD   sing N N 229 
MET CG  HG2  sing N N 230 
MET CG  HG3  sing N N 231 
MET SD  CE   sing N N 232 
MET CE  HE1  sing N N 233 
MET CE  HE2  sing N N 234 
MET CE  HE3  sing N N 235 
MET OXT HXT  sing N N 236 
PHE N   CA   sing N N 237 
PHE N   H    sing N N 238 
PHE N   H2   sing N N 239 
PHE CA  C    sing N N 240 
PHE CA  CB   sing N N 241 
PHE CA  HA   sing N N 242 
PHE C   O    doub N N 243 
PHE C   OXT  sing N N 244 
PHE CB  CG   sing N N 245 
PHE CB  HB2  sing N N 246 
PHE CB  HB3  sing N N 247 
PHE CG  CD1  doub Y N 248 
PHE CG  CD2  sing Y N 249 
PHE CD1 CE1  sing Y N 250 
PHE CD1 HD1  sing N N 251 
PHE CD2 CE2  doub Y N 252 
PHE CD2 HD2  sing N N 253 
PHE CE1 CZ   doub Y N 254 
PHE CE1 HE1  sing N N 255 
PHE CE2 CZ   sing Y N 256 
PHE CE2 HE2  sing N N 257 
PHE CZ  HZ   sing N N 258 
PHE OXT HXT  sing N N 259 
PRO N   CA   sing N N 260 
PRO N   CD   sing N N 261 
PRO N   H    sing N N 262 
PRO CA  C    sing N N 263 
PRO CA  CB   sing N N 264 
PRO CA  HA   sing N N 265 
PRO C   O    doub N N 266 
PRO C   OXT  sing N N 267 
PRO CB  CG   sing N N 268 
PRO CB  HB2  sing N N 269 
PRO CB  HB3  sing N N 270 
PRO CG  CD   sing N N 271 
PRO CG  HG2  sing N N 272 
PRO CG  HG3  sing N N 273 
PRO CD  HD2  sing N N 274 
PRO CD  HD3  sing N N 275 
PRO OXT HXT  sing N N 276 
SER N   CA   sing N N 277 
SER N   H    sing N N 278 
SER N   H2   sing N N 279 
SER CA  C    sing N N 280 
SER CA  CB   sing N N 281 
SER CA  HA   sing N N 282 
SER C   O    doub N N 283 
SER C   OXT  sing N N 284 
SER CB  OG   sing N N 285 
SER CB  HB2  sing N N 286 
SER CB  HB3  sing N N 287 
SER OG  HG   sing N N 288 
SER OXT HXT  sing N N 289 
THR N   CA   sing N N 290 
THR N   H    sing N N 291 
THR N   H2   sing N N 292 
THR CA  C    sing N N 293 
THR CA  CB   sing N N 294 
THR CA  HA   sing N N 295 
THR C   O    doub N N 296 
THR C   OXT  sing N N 297 
THR CB  OG1  sing N N 298 
THR CB  CG2  sing N N 299 
THR CB  HB   sing N N 300 
THR OG1 HG1  sing N N 301 
THR CG2 HG21 sing N N 302 
THR CG2 HG22 sing N N 303 
THR CG2 HG23 sing N N 304 
THR OXT HXT  sing N N 305 
TRP N   CA   sing N N 306 
TRP N   H    sing N N 307 
TRP N   H2   sing N N 308 
TRP CA  C    sing N N 309 
TRP CA  CB   sing N N 310 
TRP CA  HA   sing N N 311 
TRP C   O    doub N N 312 
TRP C   OXT  sing N N 313 
TRP CB  CG   sing N N 314 
TRP CB  HB2  sing N N 315 
TRP CB  HB3  sing N N 316 
TRP CG  CD1  doub Y N 317 
TRP CG  CD2  sing Y N 318 
TRP CD1 NE1  sing Y N 319 
TRP CD1 HD1  sing N N 320 
TRP CD2 CE2  doub Y N 321 
TRP CD2 CE3  sing Y N 322 
TRP NE1 CE2  sing Y N 323 
TRP NE1 HE1  sing N N 324 
TRP CE2 CZ2  sing Y N 325 
TRP CE3 CZ3  doub Y N 326 
TRP CE3 HE3  sing N N 327 
TRP CZ2 CH2  doub Y N 328 
TRP CZ2 HZ2  sing N N 329 
TRP CZ3 CH2  sing Y N 330 
TRP CZ3 HZ3  sing N N 331 
TRP CH2 HH2  sing N N 332 
TRP OXT HXT  sing N N 333 
TYR N   CA   sing N N 334 
TYR N   H    sing N N 335 
TYR N   H2   sing N N 336 
TYR CA  C    sing N N 337 
TYR CA  CB   sing N N 338 
TYR CA  HA   sing N N 339 
TYR C   O    doub N N 340 
TYR C   OXT  sing N N 341 
TYR CB  CG   sing N N 342 
TYR CB  HB2  sing N N 343 
TYR CB  HB3  sing N N 344 
TYR CG  CD1  doub Y N 345 
TYR CG  CD2  sing Y N 346 
TYR CD1 CE1  sing Y N 347 
TYR CD1 HD1  sing N N 348 
TYR CD2 CE2  doub Y N 349 
TYR CD2 HD2  sing N N 350 
TYR CE1 CZ   doub Y N 351 
TYR CE1 HE1  sing N N 352 
TYR CE2 CZ   sing Y N 353 
TYR CE2 HE2  sing N N 354 
TYR CZ  OH   sing N N 355 
TYR OH  HH   sing N N 356 
TYR OXT HXT  sing N N 357 
VAL N   CA   sing N N 358 
VAL N   H    sing N N 359 
VAL N   H2   sing N N 360 
VAL CA  C    sing N N 361 
VAL CA  CB   sing N N 362 
VAL CA  HA   sing N N 363 
VAL C   O    doub N N 364 
VAL C   OXT  sing N N 365 
VAL CB  CG1  sing N N 366 
VAL CB  CG2  sing N N 367 
VAL CB  HB   sing N N 368 
VAL CG1 HG11 sing N N 369 
VAL CG1 HG12 sing N N 370 
VAL CG1 HG13 sing N N 371 
VAL CG2 HG21 sing N N 372 
VAL CG2 HG22 sing N N 373 
VAL CG2 HG23 sing N N 374 
VAL OXT HXT  sing N N 375 
# 
loop_
_pdbx_entity_nonpoly.entity_id 
_pdbx_entity_nonpoly.name 
_pdbx_entity_nonpoly.comp_id 
2 'CADMIUM ION' CD  
3 water         HOH 
# 
_pdbx_initial_refinement_model.id               1 
_pdbx_initial_refinement_model.entity_id_list   ? 
_pdbx_initial_refinement_model.type             'experimental model' 
_pdbx_initial_refinement_model.source_name      PDB 
_pdbx_initial_refinement_model.accession_code   1AEW 
_pdbx_initial_refinement_model.details          ? 
# 
